data_2KZF
#
_entry.id   2KZF
#
_entity_poly.entity_id   1
_entity_poly.type   'polypeptide(L)'
_entity_poly.pdbx_seq_one_letter_code
;GMNPAYRKAMLESEIQKLLMEALQQLRDPRLKKDFVTFSRVELSKDKRYADVYVSFLGTPEERKETVEILNRAKGFFRTF
IAKNLRLYVAPEIRFYEDKGIEASVK
;
_entity_poly.pdbx_strand_id   A
#
# COMPACT_ATOMS: atom_id res chain seq x y z
N GLY A 1 18.32 -1.67 18.63
CA GLY A 1 17.60 -2.66 19.45
C GLY A 1 18.34 -3.97 19.43
N MET A 2 17.64 -5.07 19.16
CA MET A 2 18.17 -6.43 19.30
C MET A 2 18.06 -7.26 18.01
N ASN A 3 17.69 -6.64 16.89
CA ASN A 3 17.20 -7.33 15.70
C ASN A 3 17.80 -6.71 14.42
N PRO A 4 17.80 -7.43 13.29
CA PRO A 4 18.38 -6.96 12.03
C PRO A 4 17.57 -5.82 11.39
N ALA A 5 18.12 -5.24 10.31
CA ALA A 5 17.57 -4.09 9.60
C ALA A 5 17.62 -4.31 8.08
N TYR A 6 18.82 -4.45 7.50
CA TYR A 6 19.06 -4.68 6.05
C TYR A 6 18.37 -3.68 5.10
N ARG A 7 18.06 -2.45 5.55
CA ARG A 7 17.48 -1.40 4.70
C ARG A 7 16.16 -1.86 4.05
N LYS A 8 15.37 -2.68 4.75
CA LYS A 8 14.11 -3.18 4.22
C LYS A 8 12.96 -2.49 4.95
N ALA A 9 12.68 -2.89 6.19
CA ALA A 9 11.53 -2.38 6.93
C ALA A 9 11.54 -0.85 7.07
N MET A 10 12.71 -0.23 7.21
CA MET A 10 12.87 1.23 7.29
C MET A 10 12.31 1.91 6.05
N LEU A 11 12.60 1.34 4.88
CA LEU A 11 12.19 1.86 3.60
C LEU A 11 10.68 1.71 3.44
N GLU A 12 10.16 0.56 3.86
CA GLU A 12 8.73 0.28 3.82
C GLU A 12 7.97 1.24 4.76
N SER A 13 8.53 1.58 5.93
CA SER A 13 7.95 2.57 6.83
C SER A 13 7.95 3.98 6.21
N GLU A 14 8.93 4.30 5.35
CA GLU A 14 8.98 5.56 4.62
C GLU A 14 7.82 5.61 3.60
N ILE A 15 7.57 4.49 2.90
CA ILE A 15 6.51 4.35 1.92
C ILE A 15 5.14 4.34 2.62
N GLN A 16 5.06 3.80 3.85
CA GLN A 16 3.84 3.66 4.61
C GLN A 16 3.13 5.01 4.75
N LYS A 17 3.84 6.04 5.25
CA LYS A 17 3.28 7.38 5.47
C LYS A 17 2.91 8.06 4.17
N LEU A 18 3.74 7.90 3.15
CA LEU A 18 3.52 8.44 1.81
C LEU A 18 2.13 8.06 1.28
N LEU A 19 1.80 6.77 1.36
CA LEU A 19 0.52 6.26 0.89
C LEU A 19 -0.62 6.83 1.74
N MET A 20 -0.40 7.11 3.03
CA MET A 20 -1.43 7.68 3.89
C MET A 20 -1.70 9.15 3.54
N GLU A 21 -0.67 9.97 3.36
CA GLU A 21 -0.81 11.34 2.87
C GLU A 21 -1.55 11.36 1.54
N ALA A 22 -1.15 10.48 0.61
CA ALA A 22 -1.85 10.32 -0.65
C ALA A 22 -3.33 9.98 -0.40
N LEU A 23 -3.65 9.02 0.48
CA LEU A 23 -5.03 8.67 0.82
C LEU A 23 -5.81 9.89 1.31
N GLN A 24 -5.26 10.68 2.23
CA GLN A 24 -5.90 11.89 2.74
C GLN A 24 -6.18 12.91 1.63
N GLN A 25 -5.45 12.85 0.51
CA GLN A 25 -5.56 13.71 -0.64
C GLN A 25 -6.26 13.02 -1.83
N LEU A 26 -6.69 11.76 -1.68
CA LEU A 26 -7.29 10.97 -2.76
C LEU A 26 -8.70 11.45 -3.07
N ARG A 27 -9.48 11.81 -2.05
CA ARG A 27 -10.89 12.22 -2.11
C ARG A 27 -11.81 11.06 -2.51
N ASP A 28 -11.52 10.36 -3.61
CA ASP A 28 -12.18 9.12 -4.07
C ASP A 28 -13.67 9.32 -4.41
N PRO A 29 -14.33 8.37 -5.07
CA PRO A 29 -15.78 8.41 -5.25
C PRO A 29 -16.46 8.18 -3.91
N ARG A 30 -16.13 7.05 -3.25
CA ARG A 30 -16.68 6.56 -2.02
C ARG A 30 -15.71 5.53 -1.47
N LEU A 31 -14.70 6.01 -0.77
CA LEU A 31 -13.86 5.25 0.14
C LEU A 31 -13.94 5.97 1.47
N LYS A 32 -14.56 5.32 2.46
CA LYS A 32 -14.63 5.79 3.83
C LYS A 32 -13.25 5.69 4.47
N LYS A 33 -12.40 6.71 4.32
CA LYS A 33 -11.00 6.68 4.80
C LYS A 33 -10.90 6.63 6.31
N ASP A 34 -11.97 6.97 6.99
CA ASP A 34 -12.05 6.97 8.46
C ASP A 34 -12.12 5.54 8.97
N PHE A 35 -12.36 4.56 8.09
CA PHE A 35 -12.57 3.16 8.39
C PHE A 35 -11.53 2.32 7.64
N VAL A 36 -10.28 2.77 7.54
CA VAL A 36 -9.24 1.99 6.90
C VAL A 36 -7.90 2.41 7.47
N THR A 37 -6.86 1.63 7.22
CA THR A 37 -5.49 2.12 7.21
C THR A 37 -4.70 1.28 6.22
N PHE A 38 -3.47 1.69 5.97
CA PHE A 38 -2.44 0.94 5.29
C PHE A 38 -1.37 0.74 6.36
N SER A 39 -1.25 -0.49 6.85
CA SER A 39 -0.35 -0.77 7.97
C SER A 39 0.87 -1.49 7.41
N ARG A 40 0.72 -2.70 6.89
CA ARG A 40 1.86 -3.47 6.41
C ARG A 40 2.15 -3.09 4.95
N VAL A 41 3.42 -2.88 4.63
CA VAL A 41 3.93 -2.66 3.29
C VAL A 41 5.17 -3.54 3.18
N GLU A 42 5.32 -4.30 2.09
CA GLU A 42 6.50 -5.12 1.84
C GLU A 42 6.90 -5.05 0.37
N LEU A 43 8.11 -4.58 0.10
CA LEU A 43 8.63 -4.49 -1.25
C LEU A 43 9.36 -5.78 -1.62
N SER A 44 9.43 -6.00 -2.94
CA SER A 44 9.93 -7.21 -3.57
C SER A 44 11.45 -7.38 -3.42
N LYS A 45 11.95 -8.48 -3.98
CA LYS A 45 13.36 -8.84 -4.03
C LYS A 45 14.18 -7.68 -4.58
N ASP A 46 13.95 -7.30 -5.83
CA ASP A 46 14.65 -6.18 -6.48
C ASP A 46 13.85 -4.89 -6.30
N LYS A 47 12.97 -4.82 -5.27
CA LYS A 47 12.05 -3.71 -5.01
C LYS A 47 11.19 -3.29 -6.20
N ARG A 48 11.03 -4.17 -7.22
CA ARG A 48 10.24 -3.86 -8.41
C ARG A 48 8.73 -3.94 -8.18
N TYR A 49 8.30 -4.53 -7.05
CA TYR A 49 6.90 -4.62 -6.64
C TYR A 49 6.82 -4.14 -5.20
N ALA A 50 5.66 -3.66 -4.80
CA ALA A 50 5.38 -3.10 -3.48
C ALA A 50 4.00 -3.60 -3.06
N ASP A 51 3.96 -4.47 -2.05
CA ASP A 51 2.76 -5.12 -1.57
C ASP A 51 2.20 -4.27 -0.44
N VAL A 52 0.97 -3.76 -0.56
CA VAL A 52 0.37 -2.84 0.39
C VAL A 52 -0.88 -3.49 0.97
N TYR A 53 -0.88 -3.69 2.29
CA TYR A 53 -1.90 -4.40 3.03
C TYR A 53 -2.87 -3.36 3.60
N VAL A 54 -4.11 -3.41 3.13
CA VAL A 54 -5.18 -2.48 3.43
C VAL A 54 -6.15 -3.13 4.43
N SER A 55 -6.31 -2.52 5.60
CA SER A 55 -7.14 -3.06 6.67
C SER A 55 -8.44 -2.24 6.78
N PHE A 56 -9.46 -2.53 5.95
CA PHE A 56 -10.76 -1.85 6.04
C PHE A 56 -11.49 -2.22 7.34
N LEU A 57 -12.29 -1.30 7.87
CA LEU A 57 -12.99 -1.36 9.17
C LEU A 57 -14.49 -1.56 8.96
N GLY A 58 -14.85 -2.13 7.83
CA GLY A 58 -16.17 -2.59 7.49
C GLY A 58 -16.22 -4.10 7.56
N THR A 59 -17.28 -4.66 7.02
CA THR A 59 -17.46 -6.08 6.80
C THR A 59 -16.46 -6.57 5.75
N PRO A 60 -16.22 -7.89 5.65
CA PRO A 60 -15.32 -8.44 4.64
C PRO A 60 -15.88 -8.28 3.22
N GLU A 61 -17.21 -8.29 3.09
CA GLU A 61 -17.92 -8.07 1.84
C GLU A 61 -17.61 -6.67 1.31
N GLU A 62 -17.72 -5.67 2.19
CA GLU A 62 -17.35 -4.29 1.92
C GLU A 62 -15.86 -4.17 1.65
N ARG A 63 -15.03 -4.82 2.49
CA ARG A 63 -13.58 -4.73 2.39
C ARG A 63 -13.12 -5.08 0.97
N LYS A 64 -13.69 -6.10 0.34
CA LYS A 64 -13.35 -6.50 -1.02
C LYS A 64 -13.58 -5.35 -2.00
N GLU A 65 -14.73 -4.67 -1.91
CA GLU A 65 -15.12 -3.57 -2.80
C GLU A 65 -14.04 -2.48 -2.79
N THR A 66 -13.46 -2.19 -1.63
CA THR A 66 -12.47 -1.14 -1.49
C THR A 66 -11.20 -1.41 -2.31
N VAL A 67 -10.88 -2.67 -2.56
CA VAL A 67 -9.63 -3.06 -3.22
C VAL A 67 -9.68 -2.63 -4.68
N GLU A 68 -10.85 -2.68 -5.32
CA GLU A 68 -11.00 -2.26 -6.71
C GLU A 68 -10.94 -0.75 -6.81
N ILE A 69 -11.55 -0.03 -5.87
CA ILE A 69 -11.43 1.42 -5.77
C ILE A 69 -9.94 1.79 -5.62
N LEU A 70 -9.18 1.09 -4.77
CA LEU A 70 -7.75 1.31 -4.61
C LEU A 70 -7.00 1.04 -5.91
N ASN A 71 -7.32 -0.07 -6.58
CA ASN A 71 -6.62 -0.49 -7.79
C ASN A 71 -6.92 0.41 -8.98
N ARG A 72 -8.08 1.07 -8.99
CA ARG A 72 -8.35 2.23 -9.84
C ARG A 72 -7.43 3.37 -9.45
N ALA A 73 -7.38 3.76 -8.16
CA ALA A 73 -6.55 4.86 -7.68
C ALA A 73 -5.02 4.64 -7.80
N LYS A 74 -4.54 3.46 -8.25
CA LYS A 74 -3.11 3.08 -8.30
C LYS A 74 -2.22 4.20 -8.86
N GLY A 75 -2.57 4.80 -10.00
CA GLY A 75 -1.75 5.80 -10.67
C GLY A 75 -1.54 7.04 -9.80
N PHE A 76 -2.59 7.53 -9.16
CA PHE A 76 -2.56 8.66 -8.23
C PHE A 76 -1.59 8.37 -7.09
N PHE A 77 -1.66 7.18 -6.50
CA PHE A 77 -0.72 6.79 -5.44
C PHE A 77 0.71 6.76 -5.97
N ARG A 78 0.95 5.99 -7.03
CA ARG A 78 2.29 5.64 -7.47
C ARG A 78 3.04 6.88 -8.00
N THR A 79 2.34 7.84 -8.60
CA THR A 79 2.98 9.07 -9.06
C THR A 79 3.50 9.91 -7.90
N PHE A 80 2.76 9.97 -6.79
CA PHE A 80 3.22 10.69 -5.61
C PHE A 80 4.53 10.10 -5.12
N ILE A 81 4.67 8.77 -5.07
CA ILE A 81 5.93 8.15 -4.66
C ILE A 81 7.04 8.54 -5.64
N ALA A 82 6.75 8.62 -6.94
CA ALA A 82 7.76 9.06 -7.90
C ALA A 82 8.15 10.55 -7.74
N LYS A 83 7.45 11.37 -6.93
CA LYS A 83 7.93 12.68 -6.55
C LYS A 83 9.08 12.56 -5.55
N ASN A 84 8.93 11.68 -4.56
CA ASN A 84 9.81 11.50 -3.42
C ASN A 84 10.94 10.53 -3.74
N LEU A 85 10.64 9.27 -4.05
CA LEU A 85 11.61 8.22 -4.35
C LEU A 85 12.37 8.58 -5.63
N ARG A 86 13.66 8.87 -5.49
CA ARG A 86 14.57 9.01 -6.62
C ARG A 86 14.85 7.63 -7.20
N LEU A 87 13.98 7.13 -8.09
CA LEU A 87 14.25 6.13 -9.12
C LEU A 87 13.46 6.53 -10.36
N TYR A 88 13.81 5.95 -11.51
CA TYR A 88 13.19 6.22 -12.81
C TYR A 88 11.70 5.88 -12.74
N VAL A 89 11.35 4.59 -12.75
CA VAL A 89 9.99 4.14 -12.55
C VAL A 89 9.83 3.64 -11.12
N ALA A 90 8.59 3.56 -10.65
CA ALA A 90 8.24 3.17 -9.30
C ALA A 90 7.68 1.74 -9.30
N PRO A 91 7.71 1.04 -8.16
CA PRO A 91 7.20 -0.32 -8.08
C PRO A 91 5.71 -0.38 -8.40
N GLU A 92 5.27 -1.58 -8.79
CA GLU A 92 3.85 -1.84 -8.91
C GLU A 92 3.29 -1.95 -7.49
N ILE A 93 2.61 -0.88 -7.06
CA ILE A 93 1.88 -0.82 -5.79
C ILE A 93 0.68 -1.76 -5.93
N ARG A 94 0.82 -3.02 -5.51
CA ARG A 94 -0.27 -3.98 -5.49
C ARG A 94 -0.96 -3.86 -4.15
N PHE A 95 -2.21 -3.37 -4.16
CA PHE A 95 -3.04 -3.31 -2.99
C PHE A 95 -3.68 -4.67 -2.77
N TYR A 96 -3.75 -5.10 -1.51
CA TYR A 96 -4.44 -6.32 -1.09
C TYR A 96 -5.20 -5.98 0.18
N GLU A 97 -6.31 -6.68 0.43
CA GLU A 97 -7.11 -6.52 1.65
C GLU A 97 -6.52 -7.31 2.80
N ASP A 98 -5.31 -6.91 3.16
CA ASP A 98 -4.50 -7.40 4.27
C ASP A 98 -4.49 -8.94 4.32
N LYS A 99 -3.69 -9.54 3.43
CA LYS A 99 -3.60 -10.98 3.19
C LYS A 99 -2.13 -11.40 3.13
N GLY A 100 -1.48 -11.48 4.28
CA GLY A 100 -0.22 -12.19 4.45
C GLY A 100 -0.55 -13.67 4.61
N ILE A 101 -0.49 -14.44 3.51
CA ILE A 101 -0.86 -15.84 3.51
C ILE A 101 0.08 -16.57 2.54
N GLU A 102 1.11 -17.20 3.08
CA GLU A 102 2.13 -17.94 2.34
C GLU A 102 1.51 -19.10 1.53
N ALA A 103 1.49 -18.95 0.20
CA ALA A 103 1.27 -20.01 -0.78
C ALA A 103 1.59 -19.50 -2.20
N SER A 104 1.17 -18.27 -2.52
CA SER A 104 1.07 -17.76 -3.88
C SER A 104 1.87 -16.48 -4.05
N VAL A 105 1.97 -16.00 -5.30
CA VAL A 105 2.39 -14.65 -5.66
C VAL A 105 1.48 -14.22 -6.81
N LYS A 106 1.69 -14.75 -8.02
CA LYS A 106 0.96 -14.39 -9.24
C LYS A 106 1.12 -12.90 -9.46
N GLY A 1 13.26 -2.30 13.70
CA GLY A 1 13.58 -2.08 15.11
C GLY A 1 14.78 -2.92 15.51
N MET A 2 14.91 -3.22 16.80
CA MET A 2 16.00 -3.97 17.41
C MET A 2 17.34 -3.32 17.03
N ASN A 3 17.55 -2.15 17.63
CA ASN A 3 18.69 -1.24 17.48
C ASN A 3 18.86 -0.70 16.05
N PRO A 4 19.62 0.39 15.86
CA PRO A 4 19.67 1.10 14.57
C PRO A 4 20.43 0.28 13.51
N ALA A 5 19.73 -0.29 12.52
CA ALA A 5 20.30 -1.22 11.56
C ALA A 5 19.66 -1.11 10.18
N TYR A 6 20.48 -1.25 9.13
CA TYR A 6 20.09 -1.14 7.72
C TYR A 6 19.62 -2.50 7.18
N ARG A 7 18.41 -2.54 6.61
CA ARG A 7 17.89 -3.62 5.77
C ARG A 7 16.99 -2.99 4.71
N LYS A 8 16.65 -3.73 3.64
CA LYS A 8 15.71 -3.27 2.61
C LYS A 8 14.38 -2.80 3.21
N ALA A 9 13.98 -3.37 4.36
CA ALA A 9 12.77 -3.04 5.08
C ALA A 9 12.65 -1.57 5.49
N MET A 10 13.73 -0.79 5.48
CA MET A 10 13.66 0.66 5.68
C MET A 10 12.75 1.32 4.63
N LEU A 11 12.88 0.90 3.36
CA LEU A 11 12.13 1.49 2.25
C LEU A 11 10.64 1.16 2.40
N GLU A 12 10.32 -0.05 2.88
CA GLU A 12 8.95 -0.48 3.11
C GLU A 12 8.26 0.47 4.11
N SER A 13 8.98 0.88 5.15
CA SER A 13 8.45 1.77 6.19
C SER A 13 8.22 3.19 5.65
N GLU A 14 9.10 3.68 4.77
CA GLU A 14 8.94 4.99 4.15
C GLU A 14 7.62 5.00 3.39
N ILE A 15 7.41 4.04 2.49
CA ILE A 15 6.20 4.01 1.69
C ILE A 15 4.97 3.81 2.59
N GLN A 16 5.08 3.06 3.69
CA GLN A 16 4.00 2.86 4.65
C GLN A 16 3.48 4.18 5.25
N LYS A 17 4.31 5.22 5.26
CA LYS A 17 3.95 6.57 5.67
C LYS A 17 3.49 7.39 4.47
N LEU A 18 4.20 7.34 3.34
CA LEU A 18 3.89 8.16 2.17
C LEU A 18 2.50 7.83 1.61
N LEU A 19 2.06 6.57 1.71
CA LEU A 19 0.73 6.12 1.30
C LEU A 19 -0.36 6.68 2.22
N MET A 20 -0.07 6.95 3.50
CA MET A 20 -1.06 7.44 4.45
C MET A 20 -1.42 8.89 4.18
N GLU A 21 -0.40 9.75 4.00
CA GLU A 21 -0.54 11.16 3.65
C GLU A 21 -1.37 11.31 2.38
N ALA A 22 -0.99 10.57 1.33
CA ALA A 22 -1.72 10.64 0.07
C ALA A 22 -3.16 10.18 0.26
N LEU A 23 -3.44 9.20 1.13
CA LEU A 23 -4.81 8.74 1.39
C LEU A 23 -5.63 9.86 2.04
N GLN A 24 -5.08 10.64 2.98
CA GLN A 24 -5.77 11.81 3.50
C GLN A 24 -6.12 12.80 2.38
N GLN A 25 -5.20 13.04 1.44
CA GLN A 25 -5.42 13.93 0.29
C GLN A 25 -6.29 13.32 -0.81
N LEU A 26 -6.62 12.02 -0.77
CA LEU A 26 -7.23 11.32 -1.90
C LEU A 26 -8.67 11.76 -2.12
N ARG A 27 -9.01 12.18 -3.34
CA ARG A 27 -10.37 12.46 -3.76
C ARG A 27 -11.12 11.14 -4.05
N ASP A 28 -11.61 10.43 -3.02
CA ASP A 28 -12.38 9.19 -3.13
C ASP A 28 -13.70 9.25 -2.34
N PRO A 29 -14.72 9.98 -2.82
CA PRO A 29 -16.04 10.04 -2.17
C PRO A 29 -16.78 8.69 -2.17
N ARG A 30 -16.23 7.70 -2.86
CA ARG A 30 -16.74 6.34 -2.93
C ARG A 30 -15.98 5.37 -2.04
N LEU A 31 -14.96 5.77 -1.28
CA LEU A 31 -14.19 4.90 -0.39
C LEU A 31 -14.17 5.49 1.01
N LYS A 32 -14.66 4.74 2.01
CA LYS A 32 -14.50 5.01 3.45
C LYS A 32 -13.01 4.87 3.86
N LYS A 33 -12.16 5.84 3.52
CA LYS A 33 -10.73 5.83 3.89
C LYS A 33 -10.53 5.84 5.40
N ASP A 34 -11.52 6.34 6.14
CA ASP A 34 -11.49 6.43 7.60
C ASP A 34 -11.32 5.06 8.26
N PHE A 35 -11.61 3.95 7.57
CA PHE A 35 -11.50 2.60 8.11
C PHE A 35 -10.37 1.81 7.44
N VAL A 36 -9.38 2.51 6.89
CA VAL A 36 -8.26 1.95 6.15
C VAL A 36 -6.96 2.30 6.89
N THR A 37 -6.13 1.29 7.11
CA THR A 37 -4.79 1.34 7.69
C THR A 37 -3.92 0.32 6.93
N PHE A 38 -2.64 0.65 6.73
CA PHE A 38 -1.63 -0.19 6.09
C PHE A 38 -0.80 -0.85 7.17
N SER A 39 -0.97 -2.15 7.35
CA SER A 39 -0.49 -2.82 8.55
C SER A 39 0.84 -3.55 8.27
N ARG A 40 1.05 -4.01 7.03
CA ARG A 40 2.29 -4.57 6.50
C ARG A 40 2.52 -3.95 5.14
N VAL A 41 3.78 -3.89 4.72
CA VAL A 41 4.21 -3.50 3.39
C VAL A 41 5.38 -4.43 3.05
N GLU A 42 5.49 -4.87 1.79
CA GLU A 42 6.69 -5.50 1.26
C GLU A 42 7.04 -4.88 -0.09
N LEU A 43 8.31 -4.89 -0.47
CA LEU A 43 8.78 -4.58 -1.82
C LEU A 43 9.36 -5.85 -2.44
N SER A 44 9.40 -5.91 -3.77
CA SER A 44 10.12 -6.96 -4.47
C SER A 44 11.62 -6.85 -4.16
N LYS A 45 12.35 -7.93 -4.45
CA LYS A 45 13.79 -8.09 -4.27
C LYS A 45 14.58 -6.89 -4.78
N ASP A 46 14.36 -6.47 -6.03
CA ASP A 46 15.02 -5.31 -6.62
C ASP A 46 14.06 -4.12 -6.71
N LYS A 47 13.12 -4.02 -5.77
CA LYS A 47 12.19 -2.91 -5.61
C LYS A 47 11.38 -2.64 -6.89
N ARG A 48 11.10 -3.69 -7.68
CA ARG A 48 10.34 -3.59 -8.94
C ARG A 48 8.84 -3.47 -8.70
N TYR A 49 8.34 -3.93 -7.57
CA TYR A 49 6.93 -3.93 -7.19
C TYR A 49 6.84 -3.58 -5.71
N ALA A 50 5.67 -3.10 -5.30
CA ALA A 50 5.32 -2.71 -3.93
C ALA A 50 3.95 -3.30 -3.59
N ASP A 51 3.89 -4.10 -2.54
CA ASP A 51 2.74 -4.90 -2.13
C ASP A 51 2.30 -4.37 -0.75
N VAL A 52 1.02 -4.02 -0.60
CA VAL A 52 0.53 -3.25 0.54
C VAL A 52 -0.67 -3.95 1.16
N TYR A 53 -0.68 -4.05 2.49
CA TYR A 53 -1.64 -4.83 3.26
C TYR A 53 -2.64 -3.85 3.89
N VAL A 54 -3.79 -3.72 3.24
CA VAL A 54 -4.90 -2.81 3.51
C VAL A 54 -5.92 -3.48 4.43
N SER A 55 -5.94 -3.10 5.70
CA SER A 55 -6.60 -3.85 6.76
C SER A 55 -8.06 -3.40 6.98
N PHE A 56 -8.88 -3.33 5.92
CA PHE A 56 -10.20 -2.67 5.97
C PHE A 56 -11.05 -3.17 7.14
N LEU A 57 -11.60 -2.23 7.91
CA LEU A 57 -12.44 -2.50 9.08
C LEU A 57 -13.87 -2.85 8.61
N GLY A 58 -14.03 -3.89 7.81
CA GLY A 58 -15.28 -4.19 7.10
C GLY A 58 -15.43 -5.68 6.76
N THR A 59 -16.56 -5.99 6.12
CA THR A 59 -16.94 -7.33 5.71
C THR A 59 -16.13 -7.76 4.49
N PRO A 60 -16.00 -9.06 4.20
CA PRO A 60 -15.07 -9.55 3.20
C PRO A 60 -15.54 -9.32 1.76
N GLU A 61 -16.80 -8.95 1.54
CA GLU A 61 -17.31 -8.54 0.23
C GLU A 61 -16.86 -7.11 -0.02
N GLU A 62 -17.25 -6.18 0.87
CA GLU A 62 -16.93 -4.77 0.77
C GLU A 62 -15.42 -4.53 0.79
N ARG A 63 -14.68 -5.27 1.62
CA ARG A 63 -13.23 -5.20 1.67
C ARG A 63 -12.57 -5.47 0.32
N LYS A 64 -13.22 -6.17 -0.62
CA LYS A 64 -12.68 -6.33 -1.97
C LYS A 64 -13.00 -5.16 -2.86
N GLU A 65 -14.19 -4.56 -2.76
CA GLU A 65 -14.56 -3.47 -3.66
C GLU A 65 -13.59 -2.29 -3.50
N THR A 66 -13.09 -2.05 -2.29
CA THR A 66 -12.09 -1.00 -2.04
C THR A 66 -10.80 -1.25 -2.83
N VAL A 67 -10.43 -2.52 -3.03
CA VAL A 67 -9.18 -2.90 -3.69
C VAL A 67 -9.23 -2.46 -5.15
N GLU A 68 -10.41 -2.51 -5.80
CA GLU A 68 -10.58 -1.92 -7.11
C GLU A 68 -10.41 -0.40 -7.05
N ILE A 69 -11.12 0.27 -6.13
CA ILE A 69 -11.09 1.74 -6.02
C ILE A 69 -9.65 2.23 -5.85
N LEU A 70 -8.87 1.51 -5.04
CA LEU A 70 -7.47 1.76 -4.81
C LEU A 70 -6.62 1.49 -6.05
N ASN A 71 -6.83 0.34 -6.69
CA ASN A 71 -6.02 -0.07 -7.83
C ASN A 71 -6.23 0.86 -9.03
N ARG A 72 -7.42 1.44 -9.17
CA ARG A 72 -7.68 2.59 -10.06
C ARG A 72 -6.72 3.72 -9.67
N ALA A 73 -6.84 4.23 -8.44
CA ALA A 73 -6.14 5.40 -7.91
C ALA A 73 -4.63 5.22 -7.70
N LYS A 74 -4.06 4.06 -8.08
CA LYS A 74 -2.66 3.75 -7.82
C LYS A 74 -1.70 4.75 -8.49
N GLY A 75 -2.15 5.50 -9.50
CA GLY A 75 -1.32 6.50 -10.17
C GLY A 75 -1.09 7.69 -9.25
N PHE A 76 -2.17 8.26 -8.70
CA PHE A 76 -2.13 9.35 -7.73
C PHE A 76 -1.27 8.96 -6.52
N PHE A 77 -1.40 7.71 -6.07
CA PHE A 77 -0.51 7.19 -5.06
C PHE A 77 0.93 7.23 -5.54
N ARG A 78 1.29 6.45 -6.56
CA ARG A 78 2.68 6.27 -6.95
C ARG A 78 3.37 7.60 -7.25
N THR A 79 2.69 8.57 -7.85
CA THR A 79 3.27 9.86 -8.20
C THR A 79 3.68 10.67 -6.95
N PHE A 80 3.01 10.46 -5.80
CA PHE A 80 3.36 11.02 -4.50
C PHE A 80 4.62 10.36 -3.96
N ILE A 81 4.72 9.04 -4.08
CA ILE A 81 5.86 8.28 -3.57
C ILE A 81 7.09 8.70 -4.38
N ALA A 82 6.99 8.67 -5.71
CA ALA A 82 8.07 8.98 -6.63
C ALA A 82 8.65 10.38 -6.38
N LYS A 83 7.79 11.36 -6.08
CA LYS A 83 8.15 12.71 -5.65
C LYS A 83 9.18 12.64 -4.52
N ASN A 84 8.80 12.03 -3.41
CA ASN A 84 9.57 12.02 -2.17
C ASN A 84 10.84 11.18 -2.32
N LEU A 85 10.77 10.13 -3.14
CA LEU A 85 11.91 9.27 -3.45
C LEU A 85 12.93 9.96 -4.37
N ARG A 86 12.52 11.02 -5.09
CA ARG A 86 13.30 11.77 -6.09
C ARG A 86 13.49 10.99 -7.40
N LEU A 87 12.65 9.98 -7.65
CA LEU A 87 12.84 8.98 -8.70
C LEU A 87 11.74 9.15 -9.74
N TYR A 88 11.98 8.66 -10.96
CA TYR A 88 11.01 8.72 -12.07
C TYR A 88 10.18 7.44 -12.05
N VAL A 89 10.82 6.32 -12.39
CA VAL A 89 10.17 5.02 -12.28
C VAL A 89 10.08 4.73 -10.79
N ALA A 90 8.96 4.15 -10.37
CA ALA A 90 8.72 3.71 -9.00
C ALA A 90 8.11 2.31 -9.05
N PRO A 91 8.22 1.49 -7.98
CA PRO A 91 7.57 0.20 -7.92
C PRO A 91 6.07 0.35 -8.13
N GLU A 92 5.45 -0.60 -8.83
CA GLU A 92 4.01 -0.59 -9.04
C GLU A 92 3.32 -0.91 -7.73
N ILE A 93 2.15 -0.31 -7.52
CA ILE A 93 1.44 -0.27 -6.25
C ILE A 93 0.28 -1.27 -6.37
N ARG A 94 0.36 -2.38 -5.62
CA ARG A 94 -0.69 -3.39 -5.52
C ARG A 94 -1.21 -3.42 -4.09
N PHE A 95 -2.42 -2.91 -3.93
CA PHE A 95 -3.15 -3.00 -2.68
C PHE A 95 -3.76 -4.40 -2.57
N TYR A 96 -3.62 -5.05 -1.42
CA TYR A 96 -4.23 -6.33 -1.08
C TYR A 96 -4.90 -6.21 0.30
N GLU A 97 -5.75 -7.16 0.68
CA GLU A 97 -6.73 -7.04 1.78
C GLU A 97 -6.14 -7.24 3.19
N ASP A 98 -4.85 -7.01 3.35
CA ASP A 98 -4.05 -7.36 4.53
C ASP A 98 -4.21 -8.84 4.85
N LYS A 99 -3.73 -9.64 3.90
CA LYS A 99 -3.77 -11.11 3.90
C LYS A 99 -2.51 -11.68 3.25
N GLY A 100 -2.09 -11.07 2.13
CA GLY A 100 -0.96 -11.53 1.34
C GLY A 100 -1.32 -12.84 0.68
N ILE A 101 -0.87 -13.94 1.28
CA ILE A 101 -0.96 -15.28 0.69
C ILE A 101 -2.44 -15.71 0.64
N GLU A 102 -2.85 -16.14 -0.55
CA GLU A 102 -4.15 -16.73 -0.82
C GLU A 102 -4.25 -18.11 -0.18
N ALA A 103 -5.44 -18.71 -0.19
CA ALA A 103 -5.60 -20.12 0.09
C ALA A 103 -6.74 -20.65 -0.77
N SER A 104 -6.62 -21.87 -1.26
CA SER A 104 -7.59 -22.53 -2.11
C SER A 104 -7.42 -24.04 -1.92
N VAL A 105 -7.55 -24.50 -0.68
CA VAL A 105 -7.43 -25.89 -0.24
C VAL A 105 -8.52 -26.16 0.81
N LYS A 106 -9.78 -25.83 0.45
CA LYS A 106 -10.96 -25.87 1.30
C LYS A 106 -10.75 -25.07 2.58
N GLY A 1 13.52 -10.13 15.56
CA GLY A 1 14.34 -10.06 14.36
C GLY A 1 13.78 -9.03 13.39
N MET A 2 12.65 -9.34 12.75
CA MET A 2 12.04 -8.57 11.68
C MET A 2 13.03 -8.26 10.56
N ASN A 3 13.24 -9.27 9.69
CA ASN A 3 13.94 -9.19 8.40
C ASN A 3 15.46 -9.04 8.57
N PRO A 4 16.28 -9.62 7.68
CA PRO A 4 17.72 -9.40 7.72
C PRO A 4 18.04 -7.96 7.35
N ALA A 5 18.81 -7.30 8.21
CA ALA A 5 19.34 -5.94 8.10
C ALA A 5 18.28 -4.84 8.06
N TYR A 6 18.59 -3.71 8.69
CA TYR A 6 17.83 -2.48 8.56
C TYR A 6 18.18 -1.82 7.23
N ARG A 7 17.80 -2.44 6.12
CA ARG A 7 17.98 -1.86 4.78
C ARG A 7 16.75 -2.14 3.92
N LYS A 8 16.39 -3.41 3.73
CA LYS A 8 15.23 -3.76 2.92
C LYS A 8 13.98 -3.12 3.53
N ALA A 9 13.78 -3.27 4.85
CA ALA A 9 12.64 -2.70 5.56
C ALA A 9 12.64 -1.16 5.58
N MET A 10 13.77 -0.49 5.31
CA MET A 10 13.86 0.96 5.41
C MET A 10 12.99 1.66 4.35
N LEU A 11 12.64 0.99 3.25
CA LEU A 11 11.73 1.52 2.25
C LEU A 11 10.28 1.20 2.56
N GLU A 12 10.02 0.11 3.28
CA GLU A 12 8.69 -0.36 3.61
C GLU A 12 8.02 0.71 4.51
N SER A 13 8.72 1.17 5.54
CA SER A 13 8.23 2.18 6.48
C SER A 13 8.16 3.59 5.86
N GLU A 14 8.99 3.88 4.86
CA GLU A 14 9.00 5.16 4.15
C GLU A 14 7.71 5.31 3.36
N ILE A 15 7.47 4.34 2.47
CA ILE A 15 6.31 4.34 1.60
C ILE A 15 5.04 4.30 2.46
N GLN A 16 5.08 3.66 3.64
CA GLN A 16 3.96 3.61 4.56
C GLN A 16 3.47 4.99 5.02
N LYS A 17 4.37 5.96 5.16
CA LYS A 17 4.00 7.32 5.53
C LYS A 17 3.45 8.03 4.32
N LEU A 18 4.20 8.01 3.23
CA LEU A 18 3.86 8.75 2.02
C LEU A 18 2.47 8.37 1.51
N LEU A 19 2.09 7.09 1.60
CA LEU A 19 0.75 6.64 1.20
C LEU A 19 -0.34 7.14 2.14
N MET A 20 -0.09 7.25 3.45
CA MET A 20 -1.08 7.77 4.38
C MET A 20 -1.35 9.24 4.10
N GLU A 21 -0.30 10.04 3.96
CA GLU A 21 -0.41 11.45 3.61
C GLU A 21 -1.12 11.64 2.27
N ALA A 22 -0.94 10.71 1.32
CA ALA A 22 -1.64 10.71 0.05
C ALA A 22 -3.15 10.42 0.23
N LEU A 23 -3.51 9.39 1.01
CA LEU A 23 -4.88 8.93 1.25
C LEU A 23 -5.76 10.07 1.77
N GLN A 24 -5.24 10.91 2.66
CA GLN A 24 -6.01 12.03 3.20
C GLN A 24 -6.59 12.93 2.09
N GLN A 25 -5.84 13.14 1.00
CA GLN A 25 -6.27 13.99 -0.12
C GLN A 25 -6.77 13.15 -1.31
N LEU A 26 -6.95 11.84 -1.16
CA LEU A 26 -7.53 11.00 -2.19
C LEU A 26 -9.00 11.38 -2.37
N ARG A 27 -9.42 11.69 -3.61
CA ARG A 27 -10.84 11.68 -3.94
C ARG A 27 -11.32 10.24 -4.01
N ASP A 28 -11.95 9.77 -2.94
CA ASP A 28 -12.61 8.46 -2.86
C ASP A 28 -14.10 8.70 -2.63
N PRO A 29 -14.90 8.92 -3.68
CA PRO A 29 -16.34 9.16 -3.52
C PRO A 29 -17.12 7.90 -3.14
N ARG A 30 -16.44 6.74 -3.07
CA ARG A 30 -16.99 5.42 -2.79
C ARG A 30 -16.27 4.79 -1.61
N LEU A 31 -14.95 4.64 -1.74
CA LEU A 31 -14.16 4.04 -0.69
C LEU A 31 -14.26 4.94 0.55
N LYS A 32 -14.60 4.39 1.69
CA LYS A 32 -14.57 5.08 2.98
C LYS A 32 -13.14 5.16 3.48
N LYS A 33 -12.35 6.20 3.15
CA LYS A 33 -10.97 6.27 3.61
C LYS A 33 -10.90 6.31 5.14
N ASP A 34 -11.99 6.70 5.82
CA ASP A 34 -12.07 6.84 7.27
C ASP A 34 -11.68 5.57 8.01
N PHE A 35 -11.93 4.43 7.37
CA PHE A 35 -11.72 3.10 7.93
C PHE A 35 -10.51 2.41 7.28
N VAL A 36 -9.69 3.15 6.54
CA VAL A 36 -8.54 2.63 5.80
C VAL A 36 -7.29 3.13 6.52
N THR A 37 -6.44 2.19 6.91
CA THR A 37 -5.06 2.50 7.23
C THR A 37 -4.19 1.36 6.71
N PHE A 38 -2.87 1.56 6.77
CA PHE A 38 -1.87 0.70 6.20
C PHE A 38 -0.92 0.33 7.33
N SER A 39 -0.95 -0.92 7.78
CA SER A 39 -0.19 -1.37 8.95
C SER A 39 0.87 -2.41 8.58
N ARG A 40 0.94 -2.83 7.31
CA ARG A 40 2.03 -3.67 6.81
C ARG A 40 2.35 -3.28 5.37
N VAL A 41 3.62 -3.39 4.98
CA VAL A 41 4.14 -3.19 3.62
C VAL A 41 5.24 -4.26 3.46
N GLU A 42 5.41 -4.82 2.26
CA GLU A 42 6.55 -5.63 1.86
C GLU A 42 7.02 -5.17 0.48
N LEU A 43 8.34 -5.14 0.22
CA LEU A 43 8.86 -4.98 -1.13
C LEU A 43 9.31 -6.32 -1.72
N SER A 44 9.33 -6.39 -3.06
CA SER A 44 9.84 -7.51 -3.84
C SER A 44 11.29 -7.82 -3.45
N LYS A 45 11.77 -9.05 -3.71
CA LYS A 45 13.18 -9.42 -3.60
C LYS A 45 14.10 -8.42 -4.33
N ASP A 46 13.66 -7.95 -5.49
CA ASP A 46 14.39 -7.05 -6.39
C ASP A 46 13.84 -5.62 -6.24
N LYS A 47 12.91 -5.39 -5.29
CA LYS A 47 12.32 -4.09 -4.95
C LYS A 47 11.63 -3.40 -6.13
N ARG A 48 11.26 -4.15 -7.17
CA ARG A 48 10.57 -3.62 -8.35
C ARG A 48 9.07 -3.43 -8.10
N TYR A 49 8.58 -3.94 -6.97
CA TYR A 49 7.20 -3.87 -6.52
C TYR A 49 7.22 -3.62 -5.02
N ALA A 50 6.16 -2.97 -4.56
CA ALA A 50 5.76 -2.84 -3.18
C ALA A 50 4.34 -3.37 -3.12
N ASP A 51 4.08 -4.21 -2.13
CA ASP A 51 2.77 -4.53 -1.60
C ASP A 51 2.32 -3.33 -0.72
N VAL A 52 1.03 -3.21 -0.39
CA VAL A 52 0.55 -2.53 0.82
C VAL A 52 -0.63 -3.33 1.36
N TYR A 53 -0.61 -3.68 2.65
CA TYR A 53 -1.69 -4.38 3.33
C TYR A 53 -2.62 -3.32 3.88
N VAL A 54 -3.90 -3.44 3.55
CA VAL A 54 -4.95 -2.49 3.89
C VAL A 54 -5.96 -3.20 4.78
N SER A 55 -5.95 -2.94 6.09
CA SER A 55 -7.01 -3.42 6.96
C SER A 55 -8.11 -2.37 6.95
N PHE A 56 -9.17 -2.66 6.20
CA PHE A 56 -10.44 -1.94 6.31
C PHE A 56 -11.09 -2.29 7.66
N LEU A 57 -12.16 -1.59 8.06
CA LEU A 57 -12.83 -1.74 9.37
C LEU A 57 -14.29 -2.19 9.21
N GLY A 58 -14.58 -2.85 8.09
CA GLY A 58 -15.90 -2.93 7.49
C GLY A 58 -16.43 -4.35 7.47
N THR A 59 -17.43 -4.59 6.63
CA THR A 59 -17.79 -5.95 6.30
C THR A 59 -16.60 -6.57 5.54
N PRO A 60 -16.41 -7.89 5.66
CA PRO A 60 -15.36 -8.58 4.93
C PRO A 60 -15.68 -8.68 3.43
N GLU A 61 -16.90 -8.30 3.04
CA GLU A 61 -17.40 -8.13 1.69
C GLU A 61 -16.90 -6.77 1.17
N GLU A 62 -17.19 -5.66 1.85
CA GLU A 62 -16.66 -4.36 1.42
C GLU A 62 -15.15 -4.34 1.39
N ARG A 63 -14.48 -4.98 2.36
CA ARG A 63 -13.02 -5.04 2.38
C ARG A 63 -12.45 -5.58 1.05
N LYS A 64 -13.21 -6.38 0.30
CA LYS A 64 -12.79 -6.86 -1.00
C LYS A 64 -13.10 -5.87 -2.10
N GLU A 65 -14.20 -5.10 -2.06
CA GLU A 65 -14.48 -4.13 -3.12
C GLU A 65 -13.50 -2.94 -3.06
N THR A 66 -12.99 -2.55 -1.88
CA THR A 66 -12.15 -1.35 -1.82
C THR A 66 -10.87 -1.51 -2.65
N VAL A 67 -10.40 -2.74 -2.82
CA VAL A 67 -9.16 -3.02 -3.51
C VAL A 67 -9.22 -2.50 -4.94
N GLU A 68 -10.38 -2.58 -5.61
CA GLU A 68 -10.61 -2.10 -6.94
C GLU A 68 -10.42 -0.59 -7.00
N ILE A 69 -11.09 0.12 -6.11
CA ILE A 69 -11.14 1.57 -6.10
C ILE A 69 -9.73 2.10 -5.80
N LEU A 70 -8.96 1.40 -4.96
CA LEU A 70 -7.54 1.65 -4.70
C LEU A 70 -6.66 1.33 -5.91
N ASN A 71 -6.86 0.18 -6.55
CA ASN A 71 -6.06 -0.26 -7.69
C ASN A 71 -6.27 0.66 -8.88
N ARG A 72 -7.45 1.28 -9.01
CA ARG A 72 -7.67 2.37 -9.95
C ARG A 72 -6.98 3.64 -9.44
N ALA A 73 -7.06 3.97 -8.14
CA ALA A 73 -6.44 5.17 -7.55
C ALA A 73 -4.90 5.13 -7.50
N LYS A 74 -4.27 4.00 -7.81
CA LYS A 74 -2.84 3.79 -7.88
C LYS A 74 -2.12 4.91 -8.63
N GLY A 75 -2.69 5.46 -9.69
CA GLY A 75 -2.01 6.51 -10.44
C GLY A 75 -1.73 7.72 -9.57
N PHE A 76 -2.78 8.23 -8.92
CA PHE A 76 -2.74 9.33 -7.97
C PHE A 76 -1.74 9.02 -6.86
N PHE A 77 -1.86 7.84 -6.24
CA PHE A 77 -0.99 7.43 -5.14
C PHE A 77 0.48 7.51 -5.56
N ARG A 78 0.88 6.79 -6.61
CA ARG A 78 2.28 6.69 -7.04
C ARG A 78 2.89 8.07 -7.27
N THR A 79 2.14 9.00 -7.85
CA THR A 79 2.60 10.35 -8.13
C THR A 79 3.07 11.09 -6.87
N PHE A 80 2.33 10.95 -5.77
CA PHE A 80 2.69 11.57 -4.50
C PHE A 80 4.05 11.03 -4.01
N ILE A 81 4.24 9.71 -4.11
CA ILE A 81 5.46 9.07 -3.64
C ILE A 81 6.63 9.50 -4.54
N ALA A 82 6.43 9.47 -5.86
CA ALA A 82 7.45 9.78 -6.85
C ALA A 82 7.96 11.21 -6.69
N LYS A 83 7.03 12.17 -6.49
CA LYS A 83 7.33 13.56 -6.16
C LYS A 83 8.37 13.64 -5.04
N ASN A 84 8.07 12.96 -3.94
CA ASN A 84 8.87 13.01 -2.71
C ASN A 84 10.23 12.37 -2.95
N LEU A 85 10.20 11.12 -3.44
CA LEU A 85 11.37 10.26 -3.61
C LEU A 85 12.39 10.89 -4.55
N ARG A 86 11.93 11.53 -5.63
CA ARG A 86 12.73 11.96 -6.77
C ARG A 86 13.69 10.87 -7.26
N LEU A 87 13.28 9.60 -7.17
CA LEU A 87 13.88 8.54 -7.96
C LEU A 87 13.10 8.40 -9.26
N TYR A 88 13.72 7.74 -10.23
CA TYR A 88 13.25 7.57 -11.59
C TYR A 88 11.99 6.71 -11.63
N VAL A 89 12.15 5.39 -11.64
CA VAL A 89 11.07 4.43 -11.76
C VAL A 89 10.91 3.85 -10.37
N ALA A 90 9.86 4.29 -9.68
CA ALA A 90 9.50 3.72 -8.39
C ALA A 90 9.04 2.27 -8.58
N PRO A 91 8.98 1.47 -7.51
CA PRO A 91 8.21 0.23 -7.54
C PRO A 91 6.75 0.50 -7.88
N GLU A 92 6.00 -0.55 -8.24
CA GLU A 92 4.56 -0.46 -8.27
C GLU A 92 4.04 -0.57 -6.84
N ILE A 93 2.76 -0.29 -6.66
CA ILE A 93 2.07 -0.16 -5.39
C ILE A 93 0.84 -1.07 -5.52
N ARG A 94 0.90 -2.28 -4.97
CA ARG A 94 -0.17 -3.28 -5.09
C ARG A 94 -0.97 -3.33 -3.79
N PHE A 95 -2.16 -2.75 -3.77
CA PHE A 95 -3.00 -2.75 -2.58
C PHE A 95 -3.59 -4.15 -2.40
N TYR A 96 -3.36 -4.79 -1.25
CA TYR A 96 -4.00 -6.03 -0.84
C TYR A 96 -4.88 -5.76 0.39
N GLU A 97 -5.74 -6.70 0.76
CA GLU A 97 -6.83 -6.52 1.71
C GLU A 97 -6.55 -7.20 3.04
N ASP A 98 -5.41 -6.84 3.60
CA ASP A 98 -4.92 -7.37 4.89
C ASP A 98 -4.87 -8.91 4.83
N LYS A 99 -4.18 -9.39 3.79
CA LYS A 99 -4.07 -10.78 3.37
C LYS A 99 -3.51 -11.74 4.43
N GLY A 100 -2.89 -11.22 5.48
CA GLY A 100 -2.21 -12.02 6.49
C GLY A 100 -1.07 -12.81 5.85
N ILE A 101 -0.73 -13.95 6.43
CA ILE A 101 0.28 -14.87 5.95
C ILE A 101 -0.49 -16.15 5.61
N GLU A 102 -0.40 -16.65 4.37
CA GLU A 102 -1.08 -17.87 3.94
C GLU A 102 -0.35 -18.51 2.76
N ALA A 103 -0.24 -17.77 1.63
CA ALA A 103 0.40 -18.21 0.40
C ALA A 103 -0.05 -19.61 -0.05
N SER A 104 -1.31 -19.98 0.20
CA SER A 104 -1.87 -21.26 -0.22
C SER A 104 -2.35 -21.16 -1.66
N VAL A 105 -3.46 -20.44 -1.90
CA VAL A 105 -4.03 -20.16 -3.22
C VAL A 105 -4.19 -21.41 -4.11
N LYS A 106 -4.50 -22.56 -3.49
CA LYS A 106 -4.56 -23.89 -4.08
C LYS A 106 -5.65 -24.66 -3.36
N GLY A 1 18.77 -0.73 19.81
CA GLY A 1 18.45 -1.78 18.84
C GLY A 1 18.41 -3.11 19.58
N MET A 2 17.32 -3.87 19.45
CA MET A 2 17.17 -5.15 20.16
C MET A 2 17.35 -6.38 19.25
N ASN A 3 17.33 -6.19 17.93
CA ASN A 3 17.49 -7.23 16.90
C ASN A 3 18.24 -6.62 15.72
N PRO A 4 18.76 -7.40 14.76
CA PRO A 4 19.48 -6.85 13.61
C PRO A 4 18.57 -6.07 12.66
N ALA A 5 17.32 -6.52 12.49
CA ALA A 5 16.45 -6.17 11.37
C ALA A 5 17.14 -6.46 10.03
N TYR A 6 16.53 -5.97 8.95
CA TYR A 6 17.01 -6.05 7.58
C TYR A 6 16.98 -4.66 6.96
N ARG A 7 17.99 -4.35 6.13
CA ARG A 7 18.05 -3.08 5.39
C ARG A 7 16.80 -2.89 4.52
N LYS A 8 16.19 -3.97 4.02
CA LYS A 8 14.93 -3.97 3.26
C LYS A 8 13.86 -3.10 3.92
N ALA A 9 13.70 -3.25 5.24
CA ALA A 9 12.61 -2.61 5.99
C ALA A 9 12.65 -1.09 5.90
N MET A 10 13.85 -0.50 5.72
CA MET A 10 14.03 0.95 5.66
C MET A 10 13.25 1.60 4.54
N LEU A 11 12.81 0.85 3.51
CA LEU A 11 12.01 1.39 2.42
C LEU A 11 10.53 1.11 2.63
N GLU A 12 10.21 0.01 3.30
CA GLU A 12 8.86 -0.53 3.42
C GLU A 12 8.02 0.33 4.39
N SER A 13 8.66 1.15 5.23
CA SER A 13 8.01 2.13 6.09
C SER A 13 7.97 3.53 5.47
N GLU A 14 8.79 3.83 4.45
CA GLU A 14 8.78 5.09 3.73
C GLU A 14 7.51 5.12 2.89
N ILE A 15 7.35 4.08 2.08
CA ILE A 15 6.26 3.88 1.14
C ILE A 15 4.93 3.97 1.89
N GLN A 16 4.85 3.38 3.09
CA GLN A 16 3.67 3.44 3.94
C GLN A 16 3.25 4.87 4.25
N LYS A 17 4.19 5.75 4.57
CA LYS A 17 3.89 7.14 4.91
C LYS A 17 3.46 7.90 3.65
N LEU A 18 4.11 7.65 2.52
CA LEU A 18 3.79 8.27 1.25
C LEU A 18 2.39 7.87 0.79
N LEU A 19 1.99 6.62 1.02
CA LEU A 19 0.64 6.13 0.75
C LEU A 19 -0.36 6.80 1.70
N MET A 20 -0.08 6.88 3.00
CA MET A 20 -0.95 7.53 3.99
C MET A 20 -1.25 8.97 3.61
N GLU A 21 -0.23 9.79 3.32
CA GLU A 21 -0.41 11.20 2.99
C GLU A 21 -1.41 11.35 1.83
N ALA A 22 -1.13 10.61 0.76
CA ALA A 22 -1.93 10.60 -0.43
C ALA A 22 -3.37 10.19 -0.13
N LEU A 23 -3.58 9.23 0.77
CA LEU A 23 -4.89 8.75 1.18
C LEU A 23 -5.74 9.91 1.69
N GLN A 24 -5.20 10.68 2.64
CA GLN A 24 -5.90 11.83 3.19
C GLN A 24 -6.26 12.80 2.06
N GLN A 25 -5.31 13.12 1.16
CA GLN A 25 -5.57 13.98 0.01
C GLN A 25 -6.68 13.45 -0.89
N LEU A 26 -6.67 12.14 -1.15
CA LEU A 26 -7.50 11.40 -2.08
C LEU A 26 -8.96 11.55 -1.69
N ARG A 27 -9.70 12.53 -2.22
CA ARG A 27 -11.14 12.60 -1.94
C ARG A 27 -11.82 11.33 -2.44
N ASP A 28 -11.46 10.86 -3.63
CA ASP A 28 -11.95 9.61 -4.25
C ASP A 28 -13.45 9.71 -4.56
N PRO A 29 -13.98 8.91 -5.50
CA PRO A 29 -15.35 9.07 -5.95
C PRO A 29 -16.30 8.68 -4.82
N ARG A 30 -16.07 7.54 -4.17
CA ARG A 30 -16.82 7.03 -3.05
C ARG A 30 -15.95 5.99 -2.37
N LEU A 31 -15.05 6.46 -1.52
CA LEU A 31 -14.30 5.64 -0.57
C LEU A 31 -14.60 6.19 0.82
N LYS A 32 -14.82 5.31 1.79
CA LYS A 32 -14.87 5.68 3.20
C LYS A 32 -13.44 5.68 3.75
N LYS A 33 -12.64 6.72 3.51
CA LYS A 33 -11.25 6.75 3.99
C LYS A 33 -11.18 6.69 5.51
N ASP A 34 -12.25 7.05 6.21
CA ASP A 34 -12.37 7.08 7.67
C ASP A 34 -12.10 5.72 8.32
N PHE A 35 -12.19 4.62 7.54
CA PHE A 35 -11.98 3.27 8.05
C PHE A 35 -10.83 2.57 7.34
N VAL A 36 -10.15 3.22 6.38
CA VAL A 36 -9.03 2.64 5.63
C VAL A 36 -7.76 2.95 6.41
N THR A 37 -6.91 1.95 6.63
CA THR A 37 -5.51 2.19 7.01
C THR A 37 -4.62 1.15 6.32
N PHE A 38 -3.34 1.48 6.15
CA PHE A 38 -2.30 0.71 5.52
C PHE A 38 -1.22 0.48 6.57
N SER A 39 -0.94 -0.77 6.88
CA SER A 39 0.04 -1.11 7.90
C SER A 39 1.11 -2.05 7.34
N ARG A 40 0.73 -3.28 6.94
CA ARG A 40 1.69 -4.24 6.43
C ARG A 40 2.04 -3.88 4.98
N VAL A 41 3.33 -3.93 4.65
CA VAL A 41 3.90 -3.67 3.34
C VAL A 41 5.04 -4.70 3.15
N GLU A 42 5.14 -5.33 1.99
CA GLU A 42 6.29 -6.14 1.60
C GLU A 42 6.61 -5.87 0.12
N LEU A 43 7.79 -5.33 -0.17
CA LEU A 43 8.26 -5.13 -1.54
C LEU A 43 8.93 -6.39 -2.07
N SER A 44 8.95 -6.54 -3.40
CA SER A 44 9.50 -7.70 -4.09
C SER A 44 11.02 -7.77 -3.89
N LYS A 45 11.63 -8.88 -4.30
CA LYS A 45 13.08 -9.10 -4.26
C LYS A 45 13.80 -7.86 -4.77
N ASP A 46 13.40 -7.41 -5.95
CA ASP A 46 14.05 -6.34 -6.70
C ASP A 46 13.21 -5.06 -6.64
N LYS A 47 12.34 -4.88 -5.63
CA LYS A 47 11.45 -3.72 -5.49
C LYS A 47 10.67 -3.39 -6.78
N ARG A 48 10.18 -4.39 -7.50
CA ARG A 48 9.37 -4.18 -8.69
C ARG A 48 7.89 -4.38 -8.43
N TYR A 49 7.52 -4.97 -7.29
CA TYR A 49 6.16 -4.96 -6.77
C TYR A 49 6.23 -4.52 -5.32
N ALA A 50 5.09 -4.04 -4.81
CA ALA A 50 4.86 -3.64 -3.43
C ALA A 50 3.52 -4.21 -3.02
N ASP A 51 3.52 -5.17 -2.10
CA ASP A 51 2.34 -5.88 -1.65
C ASP A 51 1.89 -5.13 -0.40
N VAL A 52 0.74 -4.46 -0.46
CA VAL A 52 0.30 -3.46 0.51
C VAL A 52 -1.05 -3.87 1.06
N TYR A 53 -1.18 -3.89 2.38
CA TYR A 53 -2.25 -4.58 3.07
C TYR A 53 -3.15 -3.55 3.73
N VAL A 54 -4.38 -3.51 3.24
CA VAL A 54 -5.34 -2.46 3.52
C VAL A 54 -6.39 -3.01 4.48
N SER A 55 -6.26 -2.65 5.76
CA SER A 55 -7.29 -2.98 6.74
C SER A 55 -8.38 -1.91 6.64
N PHE A 56 -9.47 -2.23 5.93
CA PHE A 56 -10.72 -1.49 6.05
C PHE A 56 -11.47 -1.99 7.28
N LEU A 57 -11.89 -1.08 8.16
CA LEU A 57 -12.54 -1.36 9.45
C LEU A 57 -14.05 -1.66 9.34
N GLY A 58 -14.49 -2.16 8.19
CA GLY A 58 -15.90 -2.38 7.87
C GLY A 58 -16.35 -3.77 8.31
N THR A 59 -17.27 -4.36 7.55
CA THR A 59 -17.34 -5.82 7.48
C THR A 59 -16.30 -6.27 6.44
N PRO A 60 -15.86 -7.54 6.45
CA PRO A 60 -14.90 -8.06 5.48
C PRO A 60 -15.45 -8.12 4.04
N GLU A 61 -16.76 -7.94 3.88
CA GLU A 61 -17.44 -7.97 2.59
C GLU A 61 -17.43 -6.55 2.03
N GLU A 62 -17.81 -5.53 2.82
CA GLU A 62 -17.59 -4.13 2.46
C GLU A 62 -16.10 -3.84 2.24
N ARG A 63 -15.18 -4.54 2.93
CA ARG A 63 -13.75 -4.36 2.73
C ARG A 63 -13.36 -4.67 1.30
N LYS A 64 -13.89 -5.74 0.68
CA LYS A 64 -13.48 -6.08 -0.68
C LYS A 64 -13.78 -4.96 -1.66
N GLU A 65 -14.85 -4.19 -1.43
CA GLU A 65 -15.22 -3.04 -2.26
C GLU A 65 -14.05 -2.06 -2.38
N THR A 66 -13.41 -1.78 -1.24
CA THR A 66 -12.36 -0.79 -1.14
C THR A 66 -11.16 -1.16 -2.01
N VAL A 67 -10.92 -2.46 -2.24
CA VAL A 67 -9.76 -2.95 -2.96
C VAL A 67 -9.86 -2.49 -4.42
N GLU A 68 -11.07 -2.46 -5.00
CA GLU A 68 -11.25 -1.98 -6.37
C GLU A 68 -11.07 -0.47 -6.43
N ILE A 69 -11.63 0.25 -5.45
CA ILE A 69 -11.53 1.71 -5.38
C ILE A 69 -10.05 2.12 -5.27
N LEU A 70 -9.27 1.39 -4.45
CA LEU A 70 -7.83 1.54 -4.35
C LEU A 70 -7.16 1.18 -5.68
N ASN A 71 -7.54 0.07 -6.31
CA ASN A 71 -6.96 -0.40 -7.57
C ASN A 71 -7.15 0.61 -8.70
N ARG A 72 -8.22 1.41 -8.69
CA ARG A 72 -8.36 2.59 -9.56
C ARG A 72 -7.30 3.62 -9.20
N ALA A 73 -7.27 4.04 -7.93
CA ALA A 73 -6.37 5.06 -7.41
C ALA A 73 -4.87 4.68 -7.50
N LYS A 74 -4.51 3.45 -7.90
CA LYS A 74 -3.15 2.97 -8.07
C LYS A 74 -2.27 3.97 -8.82
N GLY A 75 -2.79 4.60 -9.89
CA GLY A 75 -2.02 5.56 -10.67
C GLY A 75 -1.58 6.74 -9.80
N PHE A 76 -2.54 7.39 -9.13
CA PHE A 76 -2.26 8.49 -8.22
C PHE A 76 -1.28 8.04 -7.13
N PHE A 77 -1.52 6.90 -6.48
CA PHE A 77 -0.61 6.39 -5.45
C PHE A 77 0.80 6.23 -6.00
N ARG A 78 0.98 5.40 -7.02
CA ARG A 78 2.30 5.10 -7.58
C ARG A 78 3.02 6.37 -8.03
N THR A 79 2.31 7.31 -8.64
CA THR A 79 2.94 8.52 -9.17
C THR A 79 3.39 9.45 -8.04
N PHE A 80 2.69 9.49 -6.91
CA PHE A 80 3.07 10.29 -5.74
C PHE A 80 4.37 9.74 -5.15
N ILE A 81 4.52 8.41 -5.06
CA ILE A 81 5.78 7.83 -4.58
C ILE A 81 6.92 8.21 -5.55
N ALA A 82 6.61 8.21 -6.85
CA ALA A 82 7.53 8.59 -7.90
C ALA A 82 7.70 10.10 -8.07
N LYS A 83 6.97 10.92 -7.31
CA LYS A 83 7.12 12.38 -7.27
C LYS A 83 8.07 12.70 -6.12
N ASN A 84 7.88 12.05 -4.98
CA ASN A 84 8.64 12.28 -3.76
C ASN A 84 10.08 11.80 -3.91
N LEU A 85 10.31 10.57 -4.40
CA LEU A 85 11.66 10.02 -4.62
C LEU A 85 12.10 10.24 -6.06
N ARG A 86 13.39 10.02 -6.33
CA ARG A 86 14.03 10.24 -7.64
C ARG A 86 14.21 8.97 -8.49
N LEU A 87 13.61 7.86 -8.08
CA LEU A 87 13.73 6.51 -8.63
C LEU A 87 13.17 6.35 -10.07
N TYR A 88 12.39 7.33 -10.54
CA TYR A 88 11.59 7.31 -11.75
C TYR A 88 10.45 6.30 -11.60
N VAL A 89 10.73 5.00 -11.65
CA VAL A 89 9.72 3.97 -11.85
C VAL A 89 9.52 3.26 -10.52
N ALA A 90 8.42 3.55 -9.84
CA ALA A 90 8.09 2.87 -8.60
C ALA A 90 7.53 1.47 -8.88
N PRO A 91 7.55 0.55 -7.89
CA PRO A 91 6.91 -0.75 -7.96
C PRO A 91 5.40 -0.66 -8.24
N GLU A 92 4.83 -1.75 -8.73
CA GLU A 92 3.40 -1.92 -8.84
C GLU A 92 2.85 -2.22 -7.45
N ILE A 93 1.90 -1.40 -7.00
CA ILE A 93 1.23 -1.58 -5.73
C ILE A 93 0.19 -2.68 -5.94
N ARG A 94 0.37 -3.88 -5.40
CA ARG A 94 -0.71 -4.83 -5.25
C ARG A 94 -1.42 -4.49 -3.94
N PHE A 95 -2.68 -4.07 -4.00
CA PHE A 95 -3.47 -3.93 -2.78
C PHE A 95 -3.99 -5.32 -2.37
N TYR A 96 -3.90 -5.67 -1.09
CA TYR A 96 -4.44 -6.90 -0.49
C TYR A 96 -5.43 -6.54 0.62
N GLU A 97 -6.42 -7.42 0.83
CA GLU A 97 -7.55 -7.23 1.74
C GLU A 97 -7.14 -7.58 3.18
N ASP A 98 -5.92 -7.21 3.56
CA ASP A 98 -5.21 -7.51 4.80
C ASP A 98 -5.13 -8.99 5.20
N LYS A 99 -5.43 -9.88 4.25
CA LYS A 99 -5.70 -11.30 4.54
C LYS A 99 -4.65 -12.27 4.01
N GLY A 100 -4.12 -12.03 2.81
CA GLY A 100 -3.20 -12.95 2.14
C GLY A 100 -1.80 -12.47 2.46
N ILE A 101 -1.09 -13.21 3.31
CA ILE A 101 0.18 -12.78 3.91
C ILE A 101 1.34 -13.64 3.37
N GLU A 102 1.03 -14.66 2.57
CA GLU A 102 2.05 -15.41 1.84
C GLU A 102 2.57 -14.50 0.72
N ALA A 103 3.89 -14.34 0.63
CA ALA A 103 4.52 -13.49 -0.36
C ALA A 103 5.29 -14.37 -1.35
N SER A 104 4.67 -14.72 -2.49
CA SER A 104 5.30 -15.37 -3.64
C SER A 104 4.99 -14.56 -4.90
N VAL A 105 5.83 -14.71 -5.93
CA VAL A 105 5.51 -14.30 -7.30
C VAL A 105 6.02 -15.34 -8.31
N LYS A 106 7.06 -16.13 -8.00
CA LYS A 106 7.48 -17.28 -8.81
C LYS A 106 8.17 -18.24 -7.87
N GLY A 1 19.66 -13.88 12.27
CA GLY A 1 19.82 -12.46 12.00
C GLY A 1 20.95 -12.24 11.02
N MET A 2 20.79 -11.30 10.09
CA MET A 2 21.84 -10.97 9.15
C MET A 2 21.75 -9.51 8.76
N ASN A 3 22.84 -8.96 8.23
CA ASN A 3 22.96 -7.56 7.86
C ASN A 3 23.48 -7.44 6.42
N PRO A 4 22.58 -7.55 5.43
CA PRO A 4 22.93 -7.40 4.02
C PRO A 4 23.00 -5.93 3.55
N ALA A 5 22.52 -4.94 4.33
CA ALA A 5 22.78 -3.53 4.03
C ALA A 5 22.66 -2.69 5.30
N TYR A 6 21.45 -2.23 5.67
CA TYR A 6 21.18 -1.58 6.95
C TYR A 6 19.81 -2.00 7.43
N ARG A 7 18.72 -1.34 7.03
CA ARG A 7 17.36 -1.63 7.46
C ARG A 7 16.44 -1.28 6.30
N LYS A 8 15.81 -2.25 5.64
CA LYS A 8 14.74 -1.90 4.70
C LYS A 8 13.54 -1.31 5.45
N ALA A 9 13.41 -1.61 6.75
CA ALA A 9 12.49 -1.00 7.69
C ALA A 9 12.63 0.53 7.74
N MET A 10 13.78 1.08 7.35
CA MET A 10 14.02 2.52 7.26
C MET A 10 13.12 3.12 6.16
N LEU A 11 12.98 2.41 5.03
CA LEU A 11 12.24 2.85 3.86
C LEU A 11 10.76 2.50 3.98
N GLU A 12 10.45 1.34 4.55
CA GLU A 12 9.09 0.87 4.74
C GLU A 12 8.29 1.90 5.54
N SER A 13 8.90 2.48 6.59
CA SER A 13 8.26 3.50 7.42
C SER A 13 8.03 4.82 6.66
N GLU A 14 8.91 5.18 5.70
CA GLU A 14 8.69 6.34 4.84
C GLU A 14 7.44 6.11 4.01
N ILE A 15 7.41 4.99 3.30
CA ILE A 15 6.33 4.65 2.39
C ILE A 15 5.01 4.55 3.18
N GLN A 16 5.05 4.09 4.44
CA GLN A 16 3.90 4.01 5.32
C GLN A 16 3.18 5.35 5.55
N LYS A 17 3.90 6.45 5.44
CA LYS A 17 3.40 7.81 5.59
C LYS A 17 3.02 8.39 4.23
N LEU A 18 3.89 8.23 3.23
CA LEU A 18 3.68 8.79 1.89
C LEU A 18 2.44 8.19 1.21
N LEU A 19 2.05 6.98 1.57
CA LEU A 19 0.80 6.35 1.11
C LEU A 19 -0.40 6.98 1.82
N MET A 20 -0.33 7.18 3.13
CA MET A 20 -1.44 7.69 3.92
C MET A 20 -1.78 9.12 3.51
N GLU A 21 -0.78 10.00 3.37
CA GLU A 21 -0.99 11.35 2.87
C GLU A 21 -1.65 11.35 1.49
N ALA A 22 -1.20 10.52 0.55
CA ALA A 22 -1.83 10.42 -0.75
C ALA A 22 -3.28 9.96 -0.61
N LEU A 23 -3.57 9.02 0.32
CA LEU A 23 -4.91 8.54 0.58
C LEU A 23 -5.83 9.67 1.06
N GLN A 24 -5.39 10.59 1.92
CA GLN A 24 -6.25 11.69 2.35
C GLN A 24 -6.77 12.48 1.14
N GLN A 25 -5.88 12.82 0.20
CA GLN A 25 -6.25 13.47 -1.04
C GLN A 25 -7.05 12.57 -1.99
N LEU A 26 -6.96 11.24 -1.86
CA LEU A 26 -7.74 10.30 -2.68
C LEU A 26 -9.21 10.36 -2.30
N ARG A 27 -9.94 11.26 -2.95
CA ARG A 27 -11.36 11.54 -2.82
C ARG A 27 -12.20 10.26 -2.79
N ASP A 28 -12.31 9.61 -3.96
CA ASP A 28 -12.85 8.28 -4.22
C ASP A 28 -14.15 8.03 -3.45
N PRO A 29 -15.31 8.45 -3.99
CA PRO A 29 -16.61 8.41 -3.33
C PRO A 29 -17.17 6.99 -3.19
N ARG A 30 -16.40 5.98 -3.58
CA ARG A 30 -16.67 4.56 -3.33
C ARG A 30 -15.66 3.97 -2.34
N LEU A 31 -14.84 4.80 -1.66
CA LEU A 31 -13.84 4.41 -0.69
C LEU A 31 -14.00 5.23 0.60
N LYS A 32 -14.61 4.63 1.61
CA LYS A 32 -14.65 5.10 2.98
C LYS A 32 -13.24 5.10 3.57
N LYS A 33 -12.53 6.23 3.54
CA LYS A 33 -11.21 6.30 4.17
C LYS A 33 -11.28 6.14 5.69
N ASP A 34 -12.43 6.41 6.29
CA ASP A 34 -12.67 6.33 7.74
C ASP A 34 -12.64 4.90 8.28
N PHE A 35 -12.51 3.91 7.40
CA PHE A 35 -12.54 2.49 7.67
C PHE A 35 -11.33 1.80 7.01
N VAL A 36 -10.21 2.48 6.79
CA VAL A 36 -9.07 1.83 6.15
C VAL A 36 -7.77 2.43 6.64
N THR A 37 -6.71 1.62 6.71
CA THR A 37 -5.38 2.08 7.05
C THR A 37 -4.35 1.09 6.49
N PHE A 38 -3.08 1.49 6.51
CA PHE A 38 -1.96 0.73 6.00
C PHE A 38 -1.01 0.47 7.17
N SER A 39 -0.90 -0.77 7.62
CA SER A 39 -0.22 -1.14 8.87
C SER A 39 0.86 -2.22 8.67
N ARG A 40 1.03 -2.74 7.45
CA ARG A 40 2.23 -3.49 7.08
C ARG A 40 2.64 -2.98 5.70
N VAL A 41 3.94 -2.79 5.54
CA VAL A 41 4.58 -2.31 4.33
C VAL A 41 5.83 -3.18 4.24
N GLU A 42 5.93 -4.05 3.23
CA GLU A 42 7.17 -4.75 2.92
C GLU A 42 7.57 -4.41 1.48
N LEU A 43 8.83 -4.02 1.30
CA LEU A 43 9.37 -3.71 -0.02
C LEU A 43 10.06 -4.96 -0.57
N SER A 44 10.16 -5.02 -1.89
CA SER A 44 10.70 -6.18 -2.58
C SER A 44 12.19 -6.36 -2.34
N LYS A 45 12.72 -7.51 -2.74
CA LYS A 45 14.10 -7.95 -2.53
C LYS A 45 15.11 -6.90 -2.99
N ASP A 46 14.79 -6.16 -4.06
CA ASP A 46 15.56 -5.05 -4.62
C ASP A 46 14.65 -3.84 -4.84
N LYS A 47 13.76 -3.56 -3.87
CA LYS A 47 12.93 -2.35 -3.81
C LYS A 47 12.09 -2.13 -5.08
N ARG A 48 11.84 -3.19 -5.86
CA ARG A 48 11.14 -3.14 -7.14
C ARG A 48 9.63 -2.94 -6.95
N TYR A 49 9.03 -3.68 -6.02
CA TYR A 49 7.61 -3.66 -5.69
C TYR A 49 7.48 -3.19 -4.26
N ALA A 50 6.28 -2.71 -3.94
CA ALA A 50 5.84 -2.39 -2.58
C ALA A 50 4.57 -3.18 -2.31
N ASP A 51 4.70 -4.24 -1.52
CA ASP A 51 3.60 -5.08 -1.09
C ASP A 51 2.98 -4.39 0.12
N VAL A 52 2.00 -3.50 -0.10
CA VAL A 52 1.31 -2.76 0.96
C VAL A 52 0.14 -3.61 1.43
N TYR A 53 -0.11 -3.64 2.74
CA TYR A 53 -1.22 -4.35 3.35
C TYR A 53 -2.24 -3.32 3.80
N VAL A 54 -3.51 -3.61 3.56
CA VAL A 54 -4.64 -2.71 3.68
C VAL A 54 -5.71 -3.43 4.49
N SER A 55 -5.71 -3.26 5.81
CA SER A 55 -6.87 -3.63 6.60
C SER A 55 -7.94 -2.60 6.31
N PHE A 56 -9.09 -3.06 5.84
CA PHE A 56 -10.33 -2.29 5.82
C PHE A 56 -11.05 -2.53 7.15
N LEU A 57 -12.21 -1.91 7.33
CA LEU A 57 -13.10 -2.01 8.49
C LEU A 57 -14.49 -2.26 7.94
N GLY A 58 -14.63 -3.41 7.30
CA GLY A 58 -15.74 -3.79 6.47
C GLY A 58 -15.55 -5.21 5.96
N THR A 59 -16.55 -5.72 5.26
CA THR A 59 -16.77 -7.14 5.05
C THR A 59 -15.85 -7.76 3.99
N PRO A 60 -15.77 -9.11 3.93
CA PRO A 60 -14.99 -9.81 2.94
C PRO A 60 -15.60 -9.68 1.53
N GLU A 61 -16.86 -9.26 1.41
CA GLU A 61 -17.42 -8.83 0.15
C GLU A 61 -16.94 -7.40 -0.16
N GLU A 62 -17.05 -6.46 0.79
CA GLU A 62 -16.82 -5.04 0.55
C GLU A 62 -15.39 -4.74 0.14
N ARG A 63 -14.39 -5.18 0.92
CA ARG A 63 -12.97 -4.90 0.61
C ARG A 63 -12.59 -5.33 -0.81
N LYS A 64 -13.24 -6.33 -1.41
CA LYS A 64 -12.92 -6.77 -2.76
C LYS A 64 -13.24 -5.73 -3.84
N GLU A 65 -14.25 -4.89 -3.67
CA GLU A 65 -14.41 -3.77 -4.59
C GLU A 65 -13.23 -2.80 -4.38
N THR A 66 -12.86 -2.55 -3.12
CA THR A 66 -11.89 -1.52 -2.79
C THR A 66 -10.47 -1.82 -3.28
N VAL A 67 -10.13 -3.10 -3.46
CA VAL A 67 -8.82 -3.46 -3.97
C VAL A 67 -8.73 -3.02 -5.44
N GLU A 68 -9.81 -3.11 -6.23
CA GLU A 68 -9.82 -2.54 -7.57
C GLU A 68 -9.68 -1.03 -7.50
N ILE A 69 -10.42 -0.36 -6.60
CA ILE A 69 -10.40 1.10 -6.48
C ILE A 69 -8.96 1.57 -6.25
N LEU A 70 -8.28 0.99 -5.27
CA LEU A 70 -6.90 1.35 -4.94
C LEU A 70 -5.97 1.08 -6.12
N ASN A 71 -6.13 -0.07 -6.78
CA ASN A 71 -5.27 -0.45 -7.89
C ASN A 71 -5.45 0.52 -9.06
N ARG A 72 -6.69 0.92 -9.34
CA ARG A 72 -7.05 1.91 -10.36
C ARG A 72 -6.51 3.32 -10.02
N ALA A 73 -5.94 3.54 -8.83
CA ALA A 73 -5.27 4.78 -8.43
C ALA A 73 -3.79 4.52 -8.05
N LYS A 74 -3.24 3.33 -8.32
CA LYS A 74 -1.90 2.97 -7.84
C LYS A 74 -0.79 3.86 -8.40
N GLY A 75 -1.00 4.47 -9.56
CA GLY A 75 -0.10 5.41 -10.19
C GLY A 75 -0.10 6.71 -9.41
N PHE A 76 -1.28 7.25 -9.09
CA PHE A 76 -1.43 8.45 -8.28
C PHE A 76 -0.69 8.29 -6.95
N PHE A 77 -0.83 7.14 -6.28
CA PHE A 77 -0.06 6.80 -5.09
C PHE A 77 1.45 6.88 -5.36
N ARG A 78 1.94 6.06 -6.29
CA ARG A 78 3.37 5.91 -6.60
C ARG A 78 4.02 7.25 -6.92
N THR A 79 3.33 8.06 -7.72
CA THR A 79 3.74 9.40 -8.12
C THR A 79 4.08 10.27 -6.90
N PHE A 80 3.28 10.18 -5.83
CA PHE A 80 3.49 10.93 -4.60
C PHE A 80 4.82 10.52 -3.95
N ILE A 81 5.15 9.23 -3.99
CA ILE A 81 6.39 8.71 -3.43
C ILE A 81 7.57 9.28 -4.24
N ALA A 82 7.54 9.08 -5.56
CA ALA A 82 8.62 9.49 -6.46
C ALA A 82 8.79 11.01 -6.55
N LYS A 83 7.74 11.77 -6.21
CA LYS A 83 7.79 13.22 -6.01
C LYS A 83 8.71 13.51 -4.83
N ASN A 84 8.33 13.05 -3.64
CA ASN A 84 8.93 13.49 -2.39
C ASN A 84 10.35 12.96 -2.29
N LEU A 85 10.53 11.65 -2.44
CA LEU A 85 11.83 10.99 -2.44
C LEU A 85 12.57 11.17 -3.77
N ARG A 86 12.01 11.91 -4.74
CA ARG A 86 12.72 12.39 -5.90
C ARG A 86 13.33 11.26 -6.76
N LEU A 87 12.98 10.01 -6.49
CA LEU A 87 13.72 8.81 -6.84
C LEU A 87 13.54 8.41 -8.30
N TYR A 88 12.86 9.24 -9.11
CA TYR A 88 12.40 8.97 -10.47
C TYR A 88 11.37 7.84 -10.50
N VAL A 89 11.76 6.63 -10.14
CA VAL A 89 10.93 5.44 -10.14
C VAL A 89 10.69 5.02 -8.69
N ALA A 90 9.45 5.20 -8.25
CA ALA A 90 8.95 4.58 -7.04
C ALA A 90 8.51 3.15 -7.36
N PRO A 91 8.56 2.23 -6.38
CA PRO A 91 8.17 0.83 -6.55
C PRO A 91 6.72 0.67 -6.97
N GLU A 92 6.42 -0.46 -7.60
CA GLU A 92 5.08 -0.87 -8.01
C GLU A 92 4.26 -1.13 -6.74
N ILE A 93 3.37 -0.19 -6.43
CA ILE A 93 2.55 -0.24 -5.24
C ILE A 93 1.43 -1.25 -5.50
N ARG A 94 1.28 -2.26 -4.64
CA ARG A 94 0.21 -3.25 -4.65
C ARG A 94 -0.51 -3.16 -3.31
N PHE A 95 -1.83 -3.37 -3.29
CA PHE A 95 -2.67 -3.12 -2.12
C PHE A 95 -3.41 -4.36 -1.68
N TYR A 96 -2.70 -5.18 -0.91
CA TYR A 96 -3.16 -6.47 -0.42
C TYR A 96 -4.16 -6.27 0.72
N GLU A 97 -5.06 -7.24 0.90
CA GLU A 97 -6.27 -7.14 1.71
C GLU A 97 -6.00 -7.41 3.19
N ASP A 98 -4.80 -7.08 3.67
CA ASP A 98 -4.23 -7.54 4.92
C ASP A 98 -4.30 -9.06 4.96
N LYS A 99 -3.27 -9.70 4.38
CA LYS A 99 -3.07 -11.13 4.24
C LYS A 99 -3.99 -11.80 3.23
N GLY A 100 -5.27 -11.45 3.21
CA GLY A 100 -6.25 -11.97 2.26
C GLY A 100 -6.20 -13.49 2.17
N ILE A 101 -6.50 -14.17 3.28
CA ILE A 101 -6.52 -15.62 3.38
C ILE A 101 -7.62 -16.15 2.44
N GLU A 102 -7.25 -16.90 1.41
CA GLU A 102 -8.15 -17.42 0.37
C GLU A 102 -7.85 -18.91 0.23
N ALA A 103 -8.71 -19.77 0.80
CA ALA A 103 -8.50 -21.21 0.82
C ALA A 103 -9.82 -21.98 1.06
N SER A 104 -10.66 -22.10 0.03
CA SER A 104 -11.92 -22.83 0.11
C SER A 104 -12.16 -23.71 -1.13
N VAL A 105 -12.97 -24.76 -0.96
CA VAL A 105 -13.15 -25.84 -1.93
C VAL A 105 -14.02 -25.46 -3.14
N LYS A 106 -14.63 -24.28 -3.10
CA LYS A 106 -15.53 -23.71 -4.07
C LYS A 106 -15.34 -22.21 -3.95
N GLY A 1 14.82 -4.38 23.55
CA GLY A 1 15.66 -3.83 22.50
C GLY A 1 17.07 -3.58 23.00
N MET A 2 18.09 -3.98 22.24
CA MET A 2 19.47 -3.60 22.51
C MET A 2 19.76 -2.34 21.71
N ASN A 3 20.15 -2.48 20.44
CA ASN A 3 20.49 -1.40 19.52
C ASN A 3 19.43 -1.32 18.39
N PRO A 4 19.27 -0.17 17.70
CA PRO A 4 18.20 0.01 16.72
C PRO A 4 18.43 -0.79 15.42
N ALA A 5 19.57 -0.61 14.75
CA ALA A 5 19.85 -1.03 13.36
C ALA A 5 18.88 -0.41 12.33
N TYR A 6 19.04 -0.72 11.04
CA TYR A 6 18.21 -0.21 9.92
C TYR A 6 17.40 -1.34 9.28
N ARG A 7 18.09 -2.29 8.63
CA ARG A 7 17.55 -3.48 7.94
C ARG A 7 16.76 -3.12 6.69
N LYS A 8 16.37 -4.12 5.89
CA LYS A 8 15.59 -3.90 4.67
C LYS A 8 14.27 -3.21 5.01
N ALA A 9 13.62 -3.66 6.08
CA ALA A 9 12.30 -3.17 6.47
C ALA A 9 12.30 -1.68 6.84
N MET A 10 13.45 -1.01 7.00
CA MET A 10 13.49 0.45 7.06
C MET A 10 12.87 1.04 5.80
N LEU A 11 13.25 0.53 4.63
CA LEU A 11 12.80 1.08 3.35
C LEU A 11 11.30 0.84 3.15
N GLU A 12 10.81 -0.30 3.62
CA GLU A 12 9.39 -0.63 3.51
C GLU A 12 8.59 0.26 4.47
N SER A 13 9.16 0.66 5.61
CA SER A 13 8.56 1.65 6.52
C SER A 13 8.58 3.03 5.89
N GLU A 14 9.68 3.40 5.20
CA GLU A 14 9.78 4.66 4.49
C GLU A 14 8.66 4.78 3.48
N ILE A 15 8.33 3.69 2.79
CA ILE A 15 7.25 3.61 1.81
C ILE A 15 5.88 3.47 2.51
N GLN A 16 5.80 3.05 3.78
CA GLN A 16 4.52 2.86 4.45
C GLN A 16 3.79 4.17 4.74
N LYS A 17 4.51 5.21 5.13
CA LYS A 17 3.89 6.54 5.33
C LYS A 17 3.45 7.15 3.99
N LEU A 18 4.14 6.85 2.89
CA LEU A 18 3.87 7.45 1.60
C LEU A 18 2.44 7.19 1.14
N LEU A 19 1.91 5.97 1.30
CA LEU A 19 0.53 5.66 0.96
C LEU A 19 -0.46 6.49 1.79
N MET A 20 -0.09 6.84 3.01
CA MET A 20 -1.00 7.52 3.93
C MET A 20 -1.14 8.98 3.53
N GLU A 21 -0.03 9.70 3.36
CA GLU A 21 -0.04 11.03 2.73
C GLU A 21 -0.86 11.00 1.44
N ALA A 22 -0.57 10.05 0.54
CA ALA A 22 -1.28 9.96 -0.73
C ALA A 22 -2.78 9.77 -0.51
N LEU A 23 -3.21 8.93 0.44
CA LEU A 23 -4.60 8.71 0.76
C LEU A 23 -5.25 9.98 1.31
N GLN A 24 -4.62 10.68 2.27
CA GLN A 24 -5.17 11.91 2.80
C GLN A 24 -5.32 12.95 1.67
N GLN A 25 -4.37 12.96 0.72
CA GLN A 25 -4.37 13.79 -0.49
C GLN A 25 -5.35 13.31 -1.57
N LEU A 26 -6.15 12.25 -1.36
CA LEU A 26 -7.03 11.63 -2.36
C LEU A 26 -8.51 11.99 -2.09
N ARG A 27 -9.35 11.99 -3.14
CA ARG A 27 -10.79 12.25 -3.01
C ARG A 27 -11.53 10.98 -2.62
N ASP A 28 -11.49 9.97 -3.50
CA ASP A 28 -12.08 8.63 -3.32
C ASP A 28 -13.51 8.62 -2.73
N PRO A 29 -14.52 9.15 -3.44
CA PRO A 29 -15.88 9.28 -2.96
C PRO A 29 -16.64 7.94 -2.90
N ARG A 30 -15.97 6.82 -3.20
CA ARG A 30 -16.50 5.48 -2.92
C ARG A 30 -15.84 4.81 -1.72
N LEU A 31 -14.71 5.34 -1.24
CA LEU A 31 -13.94 4.73 -0.17
C LEU A 31 -14.13 5.49 1.14
N LYS A 32 -13.91 4.81 2.26
CA LYS A 32 -14.03 5.31 3.61
C LYS A 32 -12.64 5.37 4.23
N LYS A 33 -11.87 6.45 4.04
CA LYS A 33 -10.60 6.68 4.72
C LYS A 33 -10.70 6.49 6.22
N ASP A 34 -11.89 6.72 6.79
CA ASP A 34 -12.21 6.50 8.21
C ASP A 34 -11.79 5.11 8.70
N PHE A 35 -11.59 4.13 7.81
CA PHE A 35 -11.20 2.77 8.12
C PHE A 35 -9.98 2.26 7.34
N VAL A 36 -9.44 3.02 6.39
CA VAL A 36 -8.30 2.59 5.59
C VAL A 36 -7.04 2.81 6.40
N THR A 37 -6.14 1.82 6.44
CA THR A 37 -4.75 2.08 6.70
C THR A 37 -3.92 1.05 5.91
N PHE A 38 -2.61 1.21 5.91
CA PHE A 38 -1.62 0.37 5.24
C PHE A 38 -0.66 -0.07 6.32
N SER A 39 -0.17 -1.31 6.23
CA SER A 39 0.69 -1.86 7.28
C SER A 39 1.69 -2.85 6.66
N ARG A 40 1.27 -4.00 6.11
CA ARG A 40 2.25 -4.90 5.46
C ARG A 40 2.61 -4.28 4.10
N VAL A 41 3.90 -4.17 3.82
CA VAL A 41 4.46 -3.52 2.64
C VAL A 41 5.60 -4.44 2.18
N GLU A 42 5.30 -5.40 1.32
CA GLU A 42 6.32 -6.27 0.74
C GLU A 42 6.83 -5.61 -0.53
N LEU A 43 8.12 -5.25 -0.66
CA LEU A 43 8.70 -4.99 -1.98
C LEU A 43 9.45 -6.22 -2.45
N SER A 44 9.46 -6.41 -3.78
CA SER A 44 10.30 -7.38 -4.47
C SER A 44 11.78 -7.02 -4.25
N LYS A 45 12.68 -7.99 -4.47
CA LYS A 45 14.10 -7.91 -4.15
C LYS A 45 14.72 -6.62 -4.70
N ASP A 46 14.59 -6.39 -6.00
CA ASP A 46 15.21 -5.27 -6.71
C ASP A 46 14.36 -4.01 -6.62
N LYS A 47 13.35 -3.96 -5.73
CA LYS A 47 12.32 -2.90 -5.65
C LYS A 47 11.63 -2.74 -7.02
N ARG A 48 11.26 -3.87 -7.63
CA ARG A 48 10.61 -3.91 -8.94
C ARG A 48 9.09 -3.91 -8.84
N TYR A 49 8.54 -4.50 -7.79
CA TYR A 49 7.12 -4.50 -7.48
C TYR A 49 6.99 -4.22 -5.99
N ALA A 50 5.81 -3.77 -5.59
CA ALA A 50 5.37 -3.63 -4.22
C ALA A 50 4.02 -4.33 -4.07
N ASP A 51 3.78 -4.94 -2.91
CA ASP A 51 2.60 -5.68 -2.53
C ASP A 51 2.15 -5.01 -1.23
N VAL A 52 1.15 -4.14 -1.31
CA VAL A 52 0.76 -3.24 -0.22
C VAL A 52 -0.59 -3.72 0.32
N TYR A 53 -0.60 -4.05 1.61
CA TYR A 53 -1.72 -4.67 2.29
C TYR A 53 -2.46 -3.57 3.04
N VAL A 54 -3.76 -3.50 2.77
CA VAL A 54 -4.67 -2.45 3.18
C VAL A 54 -5.61 -3.06 4.23
N SER A 55 -5.31 -2.85 5.51
CA SER A 55 -6.09 -3.37 6.61
C SER A 55 -7.34 -2.50 6.80
N PHE A 56 -8.34 -2.70 5.94
CA PHE A 56 -9.61 -1.96 6.00
C PHE A 56 -10.41 -2.39 7.22
N LEU A 57 -10.75 -1.44 8.08
CA LEU A 57 -11.51 -1.59 9.35
C LEU A 57 -13.02 -1.69 9.12
N GLY A 58 -13.43 -2.37 8.04
CA GLY A 58 -14.81 -2.51 7.62
C GLY A 58 -15.31 -3.91 7.89
N THR A 59 -16.32 -4.34 7.13
CA THR A 59 -16.69 -5.74 7.07
C THR A 59 -15.67 -6.48 6.19
N PRO A 60 -15.56 -7.81 6.29
CA PRO A 60 -14.73 -8.59 5.38
C PRO A 60 -15.18 -8.46 3.92
N GLU A 61 -16.49 -8.24 3.69
CA GLU A 61 -17.05 -8.05 2.36
C GLU A 61 -16.64 -6.70 1.79
N GLU A 62 -16.85 -5.61 2.53
CA GLU A 62 -16.46 -4.27 2.12
C GLU A 62 -14.95 -4.25 1.88
N ARG A 63 -14.17 -4.87 2.77
CA ARG A 63 -12.73 -4.98 2.65
C ARG A 63 -12.32 -5.60 1.30
N LYS A 64 -13.08 -6.53 0.72
CA LYS A 64 -12.77 -6.99 -0.63
C LYS A 64 -13.03 -5.88 -1.63
N GLU A 65 -14.21 -5.29 -1.56
CA GLU A 65 -14.67 -4.25 -2.46
C GLU A 65 -13.66 -3.10 -2.56
N THR A 66 -13.01 -2.71 -1.46
CA THR A 66 -12.11 -1.57 -1.49
C THR A 66 -10.87 -1.79 -2.34
N VAL A 67 -10.39 -3.02 -2.49
CA VAL A 67 -9.11 -3.26 -3.14
C VAL A 67 -9.16 -2.83 -4.61
N GLU A 68 -10.33 -2.95 -5.22
CA GLU A 68 -10.56 -2.61 -6.60
C GLU A 68 -10.58 -1.09 -6.76
N ILE A 69 -11.25 -0.38 -5.83
CA ILE A 69 -11.26 1.09 -5.75
C ILE A 69 -9.82 1.61 -5.60
N LEU A 70 -9.01 0.96 -4.74
CA LEU A 70 -7.62 1.35 -4.51
C LEU A 70 -6.84 1.18 -5.81
N ASN A 71 -6.99 0.04 -6.49
CA ASN A 71 -6.26 -0.25 -7.73
C ASN A 71 -6.67 0.72 -8.85
N ARG A 72 -7.94 1.11 -8.93
CA ARG A 72 -8.41 2.13 -9.85
C ARG A 72 -7.70 3.46 -9.58
N ALA A 73 -7.47 3.81 -8.31
CA ALA A 73 -6.75 5.02 -7.93
C ALA A 73 -5.22 4.87 -8.05
N LYS A 74 -4.68 3.68 -8.37
CA LYS A 74 -3.26 3.41 -8.14
C LYS A 74 -2.33 4.30 -8.97
N GLY A 75 -2.77 4.92 -10.06
CA GLY A 75 -1.92 5.82 -10.82
C GLY A 75 -1.40 6.96 -9.95
N PHE A 76 -2.32 7.64 -9.24
CA PHE A 76 -1.99 8.73 -8.32
C PHE A 76 -0.98 8.27 -7.27
N PHE A 77 -1.25 7.13 -6.63
CA PHE A 77 -0.32 6.54 -5.65
C PHE A 77 1.06 6.30 -6.26
N ARG A 78 1.17 5.72 -7.47
CA ARG A 78 2.46 5.38 -8.08
C ARG A 78 3.30 6.65 -8.23
N THR A 79 2.68 7.69 -8.77
CA THR A 79 3.24 9.00 -9.02
C THR A 79 3.65 9.73 -7.72
N PHE A 80 3.13 9.30 -6.58
CA PHE A 80 3.50 9.84 -5.27
C PHE A 80 4.74 9.15 -4.69
N ILE A 81 4.98 7.88 -5.02
CA ILE A 81 5.93 7.07 -4.26
C ILE A 81 7.32 7.58 -4.56
N ALA A 82 7.78 7.38 -5.80
CA ALA A 82 9.17 7.70 -6.13
C ALA A 82 9.44 9.19 -5.94
N LYS A 83 8.43 10.05 -6.17
CA LYS A 83 8.46 11.47 -5.86
C LYS A 83 9.03 11.68 -4.46
N ASN A 84 8.42 11.06 -3.45
CA ASN A 84 8.77 11.30 -2.06
C ASN A 84 9.97 10.47 -1.63
N LEU A 85 10.41 9.50 -2.45
CA LEU A 85 11.67 8.81 -2.26
C LEU A 85 12.80 9.66 -2.88
N ARG A 86 13.09 9.51 -4.18
CA ARG A 86 14.25 10.08 -4.87
C ARG A 86 14.21 9.95 -6.41
N LEU A 87 13.07 9.62 -7.02
CA LEU A 87 13.00 9.28 -8.44
C LEU A 87 11.67 9.73 -9.04
N TYR A 88 11.54 9.71 -10.38
CA TYR A 88 10.24 9.87 -11.00
C TYR A 88 9.45 8.55 -10.99
N VAL A 89 10.11 7.42 -11.28
CA VAL A 89 9.46 6.14 -11.56
C VAL A 89 9.56 5.22 -10.34
N ALA A 90 8.41 4.76 -9.84
CA ALA A 90 8.24 3.85 -8.71
C ALA A 90 7.84 2.45 -9.21
N PRO A 91 8.01 1.40 -8.37
CA PRO A 91 7.46 0.07 -8.62
C PRO A 91 5.93 0.08 -8.78
N GLU A 92 5.38 -0.99 -9.35
CA GLU A 92 3.94 -1.22 -9.36
C GLU A 92 3.49 -1.60 -7.95
N ILE A 93 2.47 -0.92 -7.42
CA ILE A 93 1.70 -1.32 -6.25
C ILE A 93 0.68 -2.36 -6.73
N ARG A 94 0.80 -3.60 -6.29
CA ARG A 94 -0.33 -4.51 -6.20
C ARG A 94 -0.98 -4.24 -4.85
N PHE A 95 -2.23 -3.76 -4.82
CA PHE A 95 -2.97 -3.63 -3.58
C PHE A 95 -3.58 -4.97 -3.16
N TYR A 96 -3.70 -5.18 -1.86
CA TYR A 96 -4.32 -6.35 -1.27
C TYR A 96 -5.16 -5.96 -0.07
N GLU A 97 -6.25 -6.69 0.14
CA GLU A 97 -7.23 -6.52 1.20
C GLU A 97 -6.83 -7.21 2.50
N ASP A 98 -5.56 -7.07 2.82
CA ASP A 98 -4.93 -7.57 4.04
C ASP A 98 -5.36 -9.01 4.39
N LYS A 99 -5.06 -9.97 3.50
CA LYS A 99 -5.52 -11.33 3.53
C LYS A 99 -4.31 -12.25 3.31
N GLY A 100 -3.53 -12.47 4.37
CA GLY A 100 -2.50 -13.51 4.37
C GLY A 100 -3.09 -14.94 4.30
N ILE A 101 -4.40 -15.10 4.51
CA ILE A 101 -5.09 -16.38 4.36
C ILE A 101 -5.53 -16.47 2.90
N GLU A 102 -4.59 -16.75 2.02
CA GLU A 102 -4.80 -16.92 0.59
C GLU A 102 -4.48 -18.36 0.19
N ALA A 103 -5.24 -18.92 -0.75
CA ALA A 103 -5.11 -20.32 -1.17
C ALA A 103 -5.58 -20.55 -2.61
N SER A 104 -5.81 -19.50 -3.42
CA SER A 104 -6.11 -19.67 -4.84
C SER A 104 -5.83 -18.38 -5.62
N VAL A 105 -5.59 -18.52 -6.93
CA VAL A 105 -5.54 -17.39 -7.88
C VAL A 105 -6.13 -17.78 -9.23
N LYS A 106 -6.20 -19.09 -9.52
CA LYS A 106 -6.65 -19.72 -10.74
C LYS A 106 -5.81 -19.33 -11.94
N GLY A 1 11.66 -6.66 20.39
CA GLY A 1 12.02 -5.58 21.32
C GLY A 1 12.20 -4.25 20.59
N MET A 2 13.23 -4.15 19.74
CA MET A 2 13.72 -2.91 19.15
C MET A 2 13.70 -3.10 17.63
N ASN A 3 12.49 -3.23 17.05
CA ASN A 3 12.24 -3.76 15.70
C ASN A 3 12.82 -5.18 15.50
N PRO A 4 12.44 -5.92 14.45
CA PRO A 4 13.11 -7.19 14.10
C PRO A 4 14.52 -6.99 13.57
N ALA A 5 14.93 -5.73 13.32
CA ALA A 5 16.17 -5.34 12.68
C ALA A 5 16.41 -6.12 11.37
N TYR A 6 15.33 -6.35 10.61
CA TYR A 6 15.30 -7.10 9.36
C TYR A 6 14.17 -6.59 8.47
N ARG A 7 14.17 -7.08 7.22
CA ARG A 7 13.36 -6.63 6.07
C ARG A 7 13.92 -5.32 5.52
N LYS A 8 13.40 -4.85 4.37
CA LYS A 8 13.88 -3.61 3.74
C LYS A 8 13.67 -2.42 4.69
N ALA A 9 12.67 -2.52 5.57
CA ALA A 9 12.30 -1.63 6.66
C ALA A 9 12.14 -0.19 6.18
N MET A 10 13.21 0.60 6.10
CA MET A 10 13.13 1.98 5.64
C MET A 10 12.43 2.06 4.30
N LEU A 11 12.85 1.25 3.32
CA LEU A 11 12.34 1.37 1.97
C LEU A 11 10.86 1.01 1.85
N GLU A 12 10.33 0.28 2.83
CA GLU A 12 8.94 -0.12 2.94
C GLU A 12 8.18 0.99 3.71
N SER A 13 8.74 1.46 4.83
CA SER A 13 8.19 2.50 5.69
C SER A 13 8.13 3.88 5.04
N GLU A 14 9.07 4.22 4.15
CA GLU A 14 9.09 5.45 3.39
C GLU A 14 7.80 5.52 2.57
N ILE A 15 7.52 4.45 1.81
CA ILE A 15 6.33 4.39 0.98
C ILE A 15 5.09 4.45 1.87
N GLN A 16 5.09 3.81 3.03
CA GLN A 16 3.95 3.77 3.94
C GLN A 16 3.44 5.18 4.32
N LYS A 17 4.36 6.14 4.50
CA LYS A 17 4.02 7.54 4.81
C LYS A 17 3.45 8.26 3.60
N LEU A 18 4.10 8.08 2.44
CA LEU A 18 3.74 8.73 1.19
C LEU A 18 2.37 8.24 0.71
N LEU A 19 2.03 6.99 1.01
CA LEU A 19 0.70 6.45 0.75
C LEU A 19 -0.32 7.16 1.61
N MET A 20 -0.08 7.31 2.92
CA MET A 20 -1.03 7.98 3.83
C MET A 20 -1.28 9.42 3.38
N GLU A 21 -0.23 10.20 3.11
CA GLU A 21 -0.35 11.57 2.61
C GLU A 21 -1.16 11.64 1.32
N ALA A 22 -0.96 10.69 0.41
CA ALA A 22 -1.76 10.62 -0.80
C ALA A 22 -3.19 10.24 -0.47
N LEU A 23 -3.44 9.37 0.51
CA LEU A 23 -4.78 8.94 0.93
C LEU A 23 -5.58 10.12 1.47
N GLN A 24 -5.06 10.88 2.42
CA GLN A 24 -5.84 11.95 3.03
C GLN A 24 -6.18 13.08 2.06
N GLN A 25 -5.31 13.32 1.08
CA GLN A 25 -5.61 14.24 -0.03
C GLN A 25 -6.37 13.61 -1.21
N LEU A 26 -6.41 12.29 -1.35
CA LEU A 26 -7.20 11.59 -2.35
C LEU A 26 -8.66 11.96 -2.17
N ARG A 27 -9.38 12.21 -3.26
CA ARG A 27 -10.83 12.28 -3.17
C ARG A 27 -11.38 10.87 -3.04
N ASP A 28 -11.22 10.05 -4.09
CA ASP A 28 -11.84 8.74 -4.30
C ASP A 28 -13.36 8.88 -4.42
N PRO A 29 -14.08 7.90 -4.98
CA PRO A 29 -15.53 7.96 -5.06
C PRO A 29 -16.11 7.69 -3.67
N ARG A 30 -15.61 6.64 -3.02
CA ARG A 30 -16.27 5.88 -1.98
C ARG A 30 -15.20 5.08 -1.27
N LEU A 31 -14.40 5.76 -0.45
CA LEU A 31 -13.46 5.13 0.44
C LEU A 31 -13.50 5.90 1.76
N LYS A 32 -14.13 5.30 2.77
CA LYS A 32 -14.16 5.81 4.14
C LYS A 32 -12.76 5.78 4.75
N LYS A 33 -12.01 6.88 4.61
CA LYS A 33 -10.64 6.99 5.12
C LYS A 33 -10.57 6.90 6.64
N ASP A 34 -11.66 7.24 7.31
CA ASP A 34 -11.79 7.22 8.77
C ASP A 34 -11.79 5.80 9.33
N PHE A 35 -11.82 4.75 8.47
CA PHE A 35 -11.82 3.36 8.90
C PHE A 35 -10.74 2.56 8.16
N VAL A 36 -9.61 3.15 7.80
CA VAL A 36 -8.59 2.42 7.05
C VAL A 36 -7.19 2.93 7.42
N THR A 37 -6.19 2.10 7.18
CA THR A 37 -4.80 2.40 7.43
C THR A 37 -3.97 1.61 6.41
N PHE A 38 -2.70 1.97 6.26
CA PHE A 38 -1.70 1.22 5.55
C PHE A 38 -0.63 0.96 6.58
N SER A 39 -0.43 -0.30 6.94
CA SER A 39 0.56 -0.67 7.94
C SER A 39 1.57 -1.60 7.29
N ARG A 40 1.19 -2.85 6.99
CA ARG A 40 2.14 -3.81 6.46
C ARG A 40 2.45 -3.40 5.02
N VAL A 41 3.74 -3.29 4.70
CA VAL A 41 4.25 -3.05 3.36
C VAL A 41 5.47 -3.95 3.25
N GLU A 42 5.54 -4.79 2.22
CA GLU A 42 6.77 -5.44 1.81
C GLU A 42 7.11 -4.94 0.41
N LEU A 43 8.38 -5.05 -0.01
CA LEU A 43 8.80 -4.86 -1.37
C LEU A 43 9.44 -6.13 -1.89
N SER A 44 9.33 -6.32 -3.20
CA SER A 44 9.90 -7.46 -3.90
C SER A 44 11.43 -7.45 -3.73
N LYS A 45 12.06 -8.57 -4.09
CA LYS A 45 13.48 -8.77 -3.87
C LYS A 45 14.28 -7.63 -4.50
N ASP A 46 14.12 -7.39 -5.79
CA ASP A 46 14.81 -6.35 -6.56
C ASP A 46 14.15 -4.97 -6.40
N LYS A 47 13.41 -4.75 -5.30
CA LYS A 47 12.48 -3.64 -5.02
C LYS A 47 11.51 -3.37 -6.18
N ARG A 48 11.24 -4.38 -7.01
CA ARG A 48 10.57 -4.20 -8.29
C ARG A 48 9.07 -4.07 -8.15
N TYR A 49 8.46 -4.68 -7.14
CA TYR A 49 7.06 -4.53 -6.77
C TYR A 49 7.01 -4.08 -5.32
N ALA A 50 5.87 -3.51 -4.91
CA ALA A 50 5.59 -3.08 -3.55
C ALA A 50 4.19 -3.57 -3.19
N ASP A 51 4.09 -4.30 -2.09
CA ASP A 51 2.97 -5.14 -1.73
C ASP A 51 2.40 -4.55 -0.44
N VAL A 52 1.31 -3.80 -0.56
CA VAL A 52 0.76 -2.93 0.49
C VAL A 52 -0.53 -3.53 1.01
N TYR A 53 -0.69 -3.54 2.34
CA TYR A 53 -1.80 -4.18 3.02
C TYR A 53 -2.67 -3.08 3.64
N VAL A 54 -3.97 -3.17 3.39
CA VAL A 54 -4.91 -2.10 3.66
C VAL A 54 -6.01 -2.62 4.58
N SER A 55 -5.79 -2.45 5.87
CA SER A 55 -6.55 -3.04 6.96
C SER A 55 -7.87 -2.29 7.18
N PHE A 56 -8.80 -2.35 6.22
CA PHE A 56 -10.09 -1.69 6.33
C PHE A 56 -10.84 -2.21 7.57
N LEU A 57 -11.28 -1.31 8.45
CA LEU A 57 -11.97 -1.54 9.73
C LEU A 57 -13.40 -2.03 9.55
N GLY A 58 -13.69 -2.66 8.42
CA GLY A 58 -15.05 -2.94 7.99
C GLY A 58 -15.44 -4.38 8.18
N THR A 59 -16.58 -4.71 7.59
CA THR A 59 -16.98 -6.08 7.42
C THR A 59 -16.12 -6.70 6.31
N PRO A 60 -15.82 -8.00 6.40
CA PRO A 60 -14.85 -8.63 5.50
C PRO A 60 -15.32 -8.69 4.05
N GLU A 61 -16.60 -8.40 3.73
CA GLU A 61 -17.10 -8.33 2.38
C GLU A 61 -17.25 -6.89 1.87
N GLU A 62 -17.29 -5.86 2.73
CA GLU A 62 -17.00 -4.50 2.27
C GLU A 62 -15.53 -4.45 1.84
N ARG A 63 -14.61 -4.91 2.70
CA ARG A 63 -13.17 -4.78 2.51
C ARG A 63 -12.65 -5.29 1.16
N LYS A 64 -13.29 -6.30 0.57
CA LYS A 64 -12.84 -6.89 -0.69
C LYS A 64 -13.26 -6.05 -1.91
N GLU A 65 -14.33 -5.26 -1.78
CA GLU A 65 -14.61 -4.23 -2.76
C GLU A 65 -13.54 -3.15 -2.64
N THR A 66 -13.14 -2.78 -1.41
CA THR A 66 -12.27 -1.62 -1.24
C THR A 66 -10.87 -1.83 -1.83
N VAL A 67 -10.41 -3.09 -1.97
CA VAL A 67 -9.15 -3.39 -2.62
C VAL A 67 -9.21 -3.14 -4.14
N GLU A 68 -10.39 -3.17 -4.76
CA GLU A 68 -10.53 -2.71 -6.14
C GLU A 68 -10.27 -1.21 -6.18
N ILE A 69 -10.97 -0.46 -5.31
CA ILE A 69 -11.00 1.02 -5.30
C ILE A 69 -9.57 1.56 -5.26
N LEU A 70 -8.71 0.98 -4.42
CA LEU A 70 -7.30 1.34 -4.32
C LEU A 70 -6.54 1.06 -5.61
N ASN A 71 -6.72 -0.13 -6.19
CA ASN A 71 -6.03 -0.52 -7.41
C ASN A 71 -6.46 0.35 -8.59
N ARG A 72 -7.74 0.69 -8.68
CA ARG A 72 -8.26 1.72 -9.60
C ARG A 72 -7.55 3.05 -9.34
N ALA A 73 -7.46 3.48 -8.08
CA ALA A 73 -6.81 4.72 -7.67
C ALA A 73 -5.27 4.70 -7.78
N LYS A 74 -4.64 3.61 -8.23
CA LYS A 74 -3.21 3.43 -8.04
C LYS A 74 -2.39 4.50 -8.75
N GLY A 75 -2.86 5.07 -9.85
CA GLY A 75 -2.14 6.11 -10.58
C GLY A 75 -1.95 7.34 -9.71
N PHE A 76 -3.04 7.86 -9.13
CA PHE A 76 -3.01 9.02 -8.26
C PHE A 76 -2.08 8.77 -7.05
N PHE A 77 -2.15 7.58 -6.44
CA PHE A 77 -1.19 7.17 -5.41
C PHE A 77 0.24 7.30 -5.95
N ARG A 78 0.59 6.55 -7.00
CA ARG A 78 1.98 6.39 -7.46
C ARG A 78 2.61 7.73 -7.79
N THR A 79 1.86 8.61 -8.42
CA THR A 79 2.41 9.88 -8.87
C THR A 79 2.71 10.84 -7.71
N PHE A 80 2.26 10.53 -6.48
CA PHE A 80 2.74 11.18 -5.26
C PHE A 80 4.06 10.58 -4.77
N ILE A 81 4.31 9.29 -5.00
CA ILE A 81 5.35 8.53 -4.30
C ILE A 81 6.72 9.00 -4.74
N ALA A 82 7.07 8.82 -6.01
CA ALA A 82 8.38 9.14 -6.55
C ALA A 82 8.63 10.65 -6.64
N LYS A 83 7.65 11.51 -6.31
CA LYS A 83 7.90 12.92 -6.00
C LYS A 83 8.95 13.00 -4.88
N ASN A 84 8.86 12.08 -3.92
CA ASN A 84 9.68 12.03 -2.72
C ASN A 84 10.66 10.87 -2.84
N LEU A 85 10.12 9.65 -2.96
CA LEU A 85 10.81 8.37 -2.99
C LEU A 85 11.82 8.36 -4.14
N ARG A 86 13.02 7.88 -3.86
CA ARG A 86 14.16 7.81 -4.78
C ARG A 86 13.80 7.28 -6.17
N LEU A 87 13.86 8.19 -7.15
CA LEU A 87 13.87 8.01 -8.60
C LEU A 87 12.49 7.67 -9.16
N TYR A 88 12.11 8.39 -10.22
CA TYR A 88 10.75 8.48 -10.82
C TYR A 88 10.05 7.13 -10.96
N VAL A 89 10.76 6.14 -11.49
CA VAL A 89 10.27 4.78 -11.63
C VAL A 89 10.29 4.11 -10.26
N ALA A 90 9.25 4.42 -9.50
CA ALA A 90 8.81 3.67 -8.34
C ALA A 90 8.30 2.28 -8.78
N PRO A 91 8.14 1.32 -7.84
CA PRO A 91 7.58 0.01 -8.15
C PRO A 91 6.11 0.10 -8.59
N GLU A 92 5.52 -1.04 -8.93
CA GLU A 92 4.07 -1.21 -8.90
C GLU A 92 3.68 -1.25 -7.43
N ILE A 93 2.70 -0.45 -7.05
CA ILE A 93 2.00 -0.61 -5.78
C ILE A 93 0.89 -1.62 -6.07
N ARG A 94 0.95 -2.78 -5.44
CA ARG A 94 -0.11 -3.78 -5.41
C ARG A 94 -0.81 -3.62 -4.06
N PHE A 95 -2.10 -3.26 -4.07
CA PHE A 95 -2.86 -3.16 -2.83
C PHE A 95 -3.53 -4.50 -2.55
N TYR A 96 -3.44 -4.96 -1.32
CA TYR A 96 -4.01 -6.19 -0.78
C TYR A 96 -4.95 -5.84 0.37
N GLU A 97 -5.98 -6.65 0.58
CA GLU A 97 -7.08 -6.43 1.53
C GLU A 97 -6.70 -6.85 2.96
N ASP A 98 -5.42 -6.65 3.30
CA ASP A 98 -4.82 -7.09 4.57
C ASP A 98 -4.93 -8.62 4.77
N LYS A 99 -4.96 -9.38 3.66
CA LYS A 99 -5.08 -10.84 3.65
C LYS A 99 -3.99 -11.50 4.52
N GLY A 100 -2.72 -11.30 4.18
CA GLY A 100 -1.61 -12.04 4.77
C GLY A 100 -1.19 -13.17 3.83
N ILE A 101 0.13 -13.38 3.73
CA ILE A 101 0.82 -14.44 3.00
C ILE A 101 0.29 -14.55 1.55
N GLU A 102 0.83 -13.76 0.62
CA GLU A 102 0.43 -13.84 -0.79
C GLU A 102 0.73 -15.23 -1.40
N ALA A 103 1.78 -15.91 -0.89
CA ALA A 103 2.34 -17.17 -1.36
C ALA A 103 2.68 -17.16 -2.87
N SER A 104 3.18 -18.27 -3.40
CA SER A 104 3.55 -18.37 -4.81
C SER A 104 2.31 -18.40 -5.69
N VAL A 105 1.43 -19.39 -5.45
CA VAL A 105 0.09 -19.59 -6.00
C VAL A 105 -0.09 -19.52 -7.53
N LYS A 106 0.96 -19.31 -8.31
CA LYS A 106 0.99 -19.06 -9.75
C LYS A 106 0.28 -17.76 -10.05
N GLY A 1 9.45 -11.38 13.86
CA GLY A 1 10.41 -10.27 13.89
C GLY A 1 10.16 -9.33 12.74
N MET A 2 10.29 -8.03 12.98
CA MET A 2 10.02 -6.98 12.00
C MET A 2 11.08 -5.88 12.14
N ASN A 3 12.35 -6.27 12.26
CA ASN A 3 13.47 -5.35 12.39
C ASN A 3 14.64 -5.80 11.50
N PRO A 4 14.47 -5.78 10.16
CA PRO A 4 15.51 -6.20 9.23
C PRO A 4 16.62 -5.16 9.10
N ALA A 5 17.86 -5.64 8.94
CA ALA A 5 19.07 -4.83 8.91
C ALA A 5 19.46 -4.43 7.47
N TYR A 6 20.63 -3.79 7.34
CA TYR A 6 21.18 -3.23 6.11
C TYR A 6 20.31 -2.09 5.56
N ARG A 7 19.73 -1.27 6.47
CA ARG A 7 18.77 -0.19 6.21
C ARG A 7 17.70 -0.68 5.25
N LYS A 8 16.68 -1.35 5.77
CA LYS A 8 15.65 -1.97 4.94
C LYS A 8 14.29 -1.34 5.21
N ALA A 9 13.85 -1.41 6.46
CA ALA A 9 12.49 -1.05 6.83
C ALA A 9 12.23 0.47 6.74
N MET A 10 13.24 1.30 6.51
CA MET A 10 13.00 2.73 6.32
C MET A 10 12.33 2.98 4.97
N LEU A 11 12.50 2.10 3.97
CA LEU A 11 11.66 2.12 2.77
C LEU A 11 10.23 1.82 3.17
N GLU A 12 10.04 0.66 3.83
CA GLU A 12 8.74 0.12 4.22
C GLU A 12 7.95 1.10 5.10
N SER A 13 8.60 2.09 5.73
CA SER A 13 7.97 3.05 6.63
C SER A 13 7.88 4.45 6.01
N GLU A 14 8.77 4.85 5.10
CA GLU A 14 8.55 6.04 4.30
C GLU A 14 7.32 5.80 3.43
N ILE A 15 7.35 4.71 2.66
CA ILE A 15 6.29 4.32 1.73
C ILE A 15 4.95 4.28 2.48
N GLN A 16 4.94 3.80 3.74
CA GLN A 16 3.75 3.78 4.57
C GLN A 16 3.15 5.16 4.76
N LYS A 17 3.95 6.17 5.08
CA LYS A 17 3.47 7.51 5.37
C LYS A 17 3.05 8.19 4.07
N LEU A 18 3.86 8.00 3.03
CA LEU A 18 3.62 8.60 1.71
C LEU A 18 2.28 8.11 1.16
N LEU A 19 1.98 6.81 1.29
CA LEU A 19 0.69 6.25 0.87
C LEU A 19 -0.46 6.89 1.65
N MET A 20 -0.36 7.08 2.96
CA MET A 20 -1.43 7.70 3.75
C MET A 20 -1.67 9.16 3.31
N GLU A 21 -0.61 9.92 3.14
CA GLU A 21 -0.65 11.26 2.56
C GLU A 21 -1.40 11.26 1.21
N ALA A 22 -1.01 10.36 0.30
CA ALA A 22 -1.65 10.24 -1.00
C ALA A 22 -3.14 9.95 -0.86
N LEU A 23 -3.54 9.14 0.12
CA LEU A 23 -4.93 8.79 0.38
C LEU A 23 -5.73 10.05 0.72
N GLN A 24 -5.23 10.89 1.63
CA GLN A 24 -5.99 12.04 2.10
C GLN A 24 -6.30 13.04 0.98
N GLN A 25 -5.52 13.07 -0.10
CA GLN A 25 -5.73 13.98 -1.23
C GLN A 25 -6.19 13.27 -2.51
N LEU A 26 -6.50 11.97 -2.42
CA LEU A 26 -6.86 11.10 -3.53
C LEU A 26 -8.09 11.54 -4.33
N ARG A 27 -9.05 12.26 -3.73
CA ARG A 27 -10.35 12.58 -4.34
C ARG A 27 -10.96 11.35 -5.01
N ASP A 28 -10.93 10.26 -4.28
CA ASP A 28 -11.72 9.05 -4.50
C ASP A 28 -13.20 9.42 -4.68
N PRO A 29 -13.96 8.72 -5.55
CA PRO A 29 -15.37 9.02 -5.76
C PRO A 29 -16.25 8.59 -4.59
N ARG A 30 -16.01 7.44 -3.95
CA ARG A 30 -16.78 6.90 -2.85
C ARG A 30 -15.94 5.88 -2.08
N LEU A 31 -14.98 6.36 -1.29
CA LEU A 31 -14.18 5.54 -0.40
C LEU A 31 -14.36 6.02 1.03
N LYS A 32 -14.60 5.06 1.93
CA LYS A 32 -14.78 5.30 3.35
C LYS A 32 -13.43 5.39 4.07
N LYS A 33 -12.69 6.47 3.85
CA LYS A 33 -11.38 6.70 4.45
C LYS A 33 -11.42 6.68 5.97
N ASP A 34 -12.57 7.00 6.55
CA ASP A 34 -12.81 7.02 8.00
C ASP A 34 -12.57 5.67 8.68
N PHE A 35 -12.31 4.57 7.95
CA PHE A 35 -12.02 3.27 8.55
C PHE A 35 -10.74 2.62 8.01
N VAL A 36 -10.00 3.28 7.12
CA VAL A 36 -8.88 2.66 6.44
C VAL A 36 -7.58 3.09 7.10
N THR A 37 -6.71 2.13 7.38
CA THR A 37 -5.30 2.40 7.60
C THR A 37 -4.49 1.42 6.75
N PHE A 38 -3.20 1.69 6.62
CA PHE A 38 -2.21 0.85 5.98
C PHE A 38 -1.15 0.60 7.04
N SER A 39 -1.09 -0.64 7.56
CA SER A 39 -0.29 -0.98 8.73
C SER A 39 0.92 -1.76 8.26
N ARG A 40 0.72 -3.00 7.79
CA ARG A 40 1.80 -3.85 7.30
C ARG A 40 2.17 -3.44 5.87
N VAL A 41 3.47 -3.42 5.58
CA VAL A 41 4.07 -3.04 4.31
C VAL A 41 5.28 -3.96 4.11
N GLU A 42 5.38 -4.66 2.99
CA GLU A 42 6.57 -5.43 2.59
C GLU A 42 7.01 -4.98 1.20
N LEU A 43 8.30 -5.07 0.88
CA LEU A 43 8.82 -4.85 -0.45
C LEU A 43 9.69 -6.02 -0.87
N SER A 44 9.78 -6.20 -2.19
CA SER A 44 10.48 -7.30 -2.81
C SER A 44 12.01 -7.16 -2.65
N LYS A 45 12.75 -8.19 -3.08
CA LYS A 45 14.21 -8.26 -2.98
C LYS A 45 14.92 -7.11 -3.67
N ASP A 46 14.50 -6.80 -4.89
CA ASP A 46 14.97 -5.65 -5.67
C ASP A 46 13.89 -4.55 -5.63
N LYS A 47 13.04 -4.55 -4.58
CA LYS A 47 11.94 -3.61 -4.37
C LYS A 47 11.01 -3.50 -5.58
N ARG A 48 10.93 -4.55 -6.41
CA ARG A 48 10.13 -4.57 -7.64
C ARG A 48 8.63 -4.59 -7.40
N TYR A 49 8.22 -4.95 -6.18
CA TYR A 49 6.84 -4.99 -5.75
C TYR A 49 6.79 -4.36 -4.38
N ALA A 50 5.62 -3.80 -4.07
CA ALA A 50 5.31 -3.12 -2.84
C ALA A 50 3.93 -3.61 -2.41
N ASP A 51 3.93 -4.64 -1.57
CA ASP A 51 2.74 -5.27 -1.03
C ASP A 51 2.33 -4.46 0.19
N VAL A 52 1.08 -3.99 0.24
CA VAL A 52 0.58 -3.06 1.25
C VAL A 52 -0.72 -3.66 1.78
N TYR A 53 -0.89 -3.68 3.10
CA TYR A 53 -1.94 -4.39 3.77
C TYR A 53 -2.85 -3.37 4.44
N VAL A 54 -4.04 -3.30 3.88
CA VAL A 54 -5.10 -2.37 4.19
C VAL A 54 -5.96 -3.01 5.27
N SER A 55 -5.95 -2.45 6.48
CA SER A 55 -6.77 -2.90 7.59
C SER A 55 -7.97 -1.95 7.64
N PHE A 56 -9.09 -2.39 7.06
CA PHE A 56 -10.36 -1.68 7.08
C PHE A 56 -11.12 -2.05 8.36
N LEU A 57 -11.57 -1.04 9.10
CA LEU A 57 -12.35 -1.17 10.34
C LEU A 57 -13.82 -1.59 10.09
N GLY A 58 -14.08 -2.27 8.98
CA GLY A 58 -15.41 -2.56 8.44
C GLY A 58 -15.80 -4.02 8.60
N THR A 59 -16.82 -4.44 7.86
CA THR A 59 -17.17 -5.84 7.65
C THR A 59 -16.24 -6.45 6.60
N PRO A 60 -16.00 -7.77 6.61
CA PRO A 60 -15.13 -8.43 5.64
C PRO A 60 -15.69 -8.39 4.20
N GLU A 61 -16.96 -8.02 4.05
CA GLU A 61 -17.68 -7.96 2.79
C GLU A 61 -17.44 -6.58 2.16
N GLU A 62 -17.73 -5.48 2.88
CA GLU A 62 -17.44 -4.12 2.41
C GLU A 62 -15.93 -3.98 2.18
N ARG A 63 -15.12 -4.64 3.02
CA ARG A 63 -13.68 -4.58 2.92
C ARG A 63 -13.17 -5.01 1.54
N LYS A 64 -13.78 -6.02 0.91
CA LYS A 64 -13.33 -6.47 -0.40
C LYS A 64 -13.61 -5.46 -1.49
N GLU A 65 -14.70 -4.70 -1.39
CA GLU A 65 -14.98 -3.63 -2.35
C GLU A 65 -13.82 -2.63 -2.36
N THR A 66 -13.24 -2.31 -1.20
CA THR A 66 -12.17 -1.33 -1.11
C THR A 66 -10.93 -1.73 -1.93
N VAL A 67 -10.68 -3.03 -2.15
CA VAL A 67 -9.48 -3.48 -2.85
C VAL A 67 -9.51 -2.99 -4.30
N GLU A 68 -10.70 -3.01 -4.93
CA GLU A 68 -10.86 -2.49 -6.28
C GLU A 68 -10.72 -0.97 -6.27
N ILE A 69 -11.33 -0.29 -5.29
CA ILE A 69 -11.27 1.17 -5.14
C ILE A 69 -9.80 1.64 -5.02
N LEU A 70 -9.00 0.93 -4.23
CA LEU A 70 -7.57 1.18 -4.08
C LEU A 70 -6.82 0.89 -5.37
N ASN A 71 -7.09 -0.24 -6.03
CA ASN A 71 -6.43 -0.62 -7.27
C ASN A 71 -6.75 0.32 -8.42
N ARG A 72 -7.94 0.90 -8.43
CA ARG A 72 -8.33 2.00 -9.29
C ARG A 72 -7.42 3.19 -9.02
N ALA A 73 -7.28 3.60 -7.76
CA ALA A 73 -6.45 4.74 -7.37
C ALA A 73 -4.94 4.53 -7.56
N LYS A 74 -4.48 3.29 -7.72
CA LYS A 74 -3.11 2.86 -7.67
C LYS A 74 -2.11 3.67 -8.50
N GLY A 75 -2.48 4.16 -9.67
CA GLY A 75 -1.59 4.98 -10.50
C GLY A 75 -1.21 6.25 -9.74
N PHE A 76 -2.22 6.98 -9.26
CA PHE A 76 -2.03 8.19 -8.47
C PHE A 76 -1.12 7.89 -7.27
N PHE A 77 -1.52 6.90 -6.47
CA PHE A 77 -0.77 6.44 -5.30
C PHE A 77 0.71 6.31 -5.63
N ARG A 78 1.05 5.48 -6.61
CA ARG A 78 2.43 5.14 -6.99
C ARG A 78 3.21 6.40 -7.33
N THR A 79 2.61 7.26 -8.14
CA THR A 79 3.23 8.49 -8.62
C THR A 79 3.64 9.42 -7.46
N PHE A 80 2.78 9.55 -6.45
CA PHE A 80 3.07 10.34 -5.25
C PHE A 80 4.29 9.80 -4.51
N ILE A 81 4.49 8.48 -4.48
CA ILE A 81 5.66 7.87 -3.87
C ILE A 81 6.89 8.22 -4.71
N ALA A 82 6.80 8.02 -6.03
CA ALA A 82 7.87 8.29 -7.00
C ALA A 82 8.31 9.76 -7.02
N LYS A 83 7.50 10.69 -6.50
CA LYS A 83 7.96 12.04 -6.25
C LYS A 83 9.18 12.02 -5.33
N ASN A 84 9.06 11.32 -4.21
CA ASN A 84 10.00 11.33 -3.11
C ASN A 84 11.20 10.45 -3.48
N LEU A 85 10.97 9.14 -3.54
CA LEU A 85 11.99 8.12 -3.73
C LEU A 85 11.51 7.11 -4.74
N ARG A 86 12.49 6.42 -5.31
CA ARG A 86 12.44 5.67 -6.54
C ARG A 86 12.15 6.59 -7.71
N LEU A 87 12.73 6.17 -8.81
CA LEU A 87 12.79 6.82 -10.10
C LEU A 87 11.46 6.59 -10.83
N TYR A 88 11.44 6.80 -12.15
CA TYR A 88 10.25 6.62 -12.99
C TYR A 88 9.63 5.23 -12.76
N VAL A 89 10.49 4.20 -12.70
CA VAL A 89 10.12 2.86 -12.32
C VAL A 89 9.97 2.85 -10.80
N ALA A 90 8.73 3.05 -10.35
CA ALA A 90 8.28 2.79 -8.99
C ALA A 90 7.57 1.42 -8.98
N PRO A 91 7.54 0.72 -7.83
CA PRO A 91 7.09 -0.67 -7.74
C PRO A 91 5.63 -0.85 -8.14
N GLU A 92 5.26 -2.08 -8.48
CA GLU A 92 3.86 -2.44 -8.54
C GLU A 92 3.32 -2.42 -7.11
N ILE A 93 2.42 -1.47 -6.85
CA ILE A 93 1.74 -1.23 -5.57
C ILE A 93 0.58 -2.24 -5.50
N ARG A 94 0.71 -3.28 -4.66
CA ARG A 94 -0.21 -4.43 -4.57
C ARG A 94 -0.99 -4.32 -3.26
N PHE A 95 -2.27 -3.95 -3.33
CA PHE A 95 -3.10 -3.74 -2.15
C PHE A 95 -3.76 -5.06 -1.73
N TYR A 96 -3.64 -5.43 -0.47
CA TYR A 96 -4.27 -6.59 0.14
C TYR A 96 -5.20 -6.13 1.24
N GLU A 97 -6.38 -6.72 1.34
CA GLU A 97 -7.26 -6.48 2.47
C GLU A 97 -6.88 -7.39 3.63
N ASP A 98 -5.75 -7.02 4.26
CA ASP A 98 -5.24 -7.55 5.52
C ASP A 98 -5.33 -9.08 5.59
N LYS A 99 -4.46 -9.72 4.81
CA LYS A 99 -4.53 -11.12 4.48
C LYS A 99 -3.65 -11.97 5.41
N GLY A 100 -2.32 -11.83 5.36
CA GLY A 100 -1.39 -12.87 5.76
C GLY A 100 -0.11 -12.71 4.96
N ILE A 101 0.53 -13.81 4.52
CA ILE A 101 1.63 -13.81 3.56
C ILE A 101 1.23 -14.81 2.47
N GLU A 102 1.44 -14.47 1.19
CA GLU A 102 1.41 -15.43 0.09
C GLU A 102 2.33 -14.95 -1.05
N ALA A 103 2.36 -15.67 -2.17
CA ALA A 103 3.11 -15.37 -3.38
C ALA A 103 2.16 -15.33 -4.59
N SER A 104 1.53 -16.45 -4.94
CA SER A 104 0.80 -16.71 -6.17
C SER A 104 1.59 -16.41 -7.46
N VAL A 105 1.06 -16.83 -8.61
CA VAL A 105 1.55 -16.54 -9.96
C VAL A 105 0.48 -17.05 -10.93
N LYS A 106 -0.03 -16.15 -11.76
CA LYS A 106 -0.94 -16.43 -12.87
C LYS A 106 -0.63 -15.36 -13.89
N GLY A 1 17.16 9.30 11.26
CA GLY A 1 18.39 8.58 10.92
C GLY A 1 18.68 7.53 11.98
N MET A 2 18.83 6.27 11.59
CA MET A 2 19.08 5.13 12.46
C MET A 2 20.02 4.20 11.67
N ASN A 3 20.90 3.44 12.34
CA ASN A 3 22.09 2.81 11.73
C ASN A 3 21.71 1.63 10.83
N PRO A 4 22.61 1.14 9.96
CA PRO A 4 22.26 0.17 8.91
C PRO A 4 21.82 -1.15 9.53
N ALA A 5 20.54 -1.51 9.32
CA ALA A 5 19.92 -2.68 9.94
C ALA A 5 19.87 -3.89 9.01
N TYR A 6 20.20 -3.72 7.72
CA TYR A 6 20.12 -4.69 6.63
C TYR A 6 18.80 -5.47 6.68
N ARG A 7 17.68 -4.79 6.41
CA ARG A 7 16.35 -5.38 6.41
C ARG A 7 15.49 -4.67 5.38
N LYS A 8 14.76 -5.42 4.56
CA LYS A 8 13.70 -4.91 3.69
C LYS A 8 12.70 -4.06 4.47
N ALA A 9 12.42 -4.43 5.73
CA ALA A 9 11.54 -3.72 6.63
C ALA A 9 11.92 -2.25 6.79
N MET A 10 13.21 -1.90 6.62
CA MET A 10 13.70 -0.53 6.69
C MET A 10 12.97 0.36 5.68
N LEU A 11 12.65 -0.15 4.49
CA LEU A 11 12.04 0.61 3.42
C LEU A 11 10.52 0.52 3.51
N GLU A 12 10.00 -0.64 3.88
CA GLU A 12 8.57 -0.91 3.98
C GLU A 12 7.93 0.05 4.98
N SER A 13 8.53 0.22 6.16
CA SER A 13 8.03 1.11 7.19
C SER A 13 8.22 2.61 6.86
N GLU A 14 8.95 2.98 5.80
CA GLU A 14 8.90 4.33 5.25
C GLU A 14 7.65 4.45 4.37
N ILE A 15 7.54 3.57 3.37
CA ILE A 15 6.47 3.54 2.38
C ILE A 15 5.11 3.53 3.07
N GLN A 16 5.01 2.87 4.22
CA GLN A 16 3.82 2.81 5.05
C GLN A 16 3.22 4.19 5.32
N LYS A 17 4.08 5.10 5.80
CA LYS A 17 3.72 6.48 6.13
C LYS A 17 3.39 7.29 4.88
N LEU A 18 4.14 7.09 3.79
CA LEU A 18 3.91 7.79 2.52
C LEU A 18 2.54 7.45 1.94
N LEU A 19 2.10 6.20 2.12
CA LEU A 19 0.78 5.76 1.67
C LEU A 19 -0.32 6.41 2.49
N MET A 20 -0.11 6.54 3.81
CA MET A 20 -1.13 7.12 4.69
C MET A 20 -1.36 8.59 4.34
N GLU A 21 -0.31 9.39 4.23
CA GLU A 21 -0.42 10.77 3.78
C GLU A 21 -1.21 10.89 2.48
N ALA A 22 -0.87 10.06 1.50
CA ALA A 22 -1.50 10.09 0.19
C ALA A 22 -2.99 9.74 0.30
N LEU A 23 -3.39 8.77 1.13
CA LEU A 23 -4.80 8.39 1.32
C LEU A 23 -5.61 9.62 1.76
N GLN A 24 -5.15 10.35 2.76
CA GLN A 24 -5.86 11.54 3.21
C GLN A 24 -5.90 12.61 2.11
N GLN A 25 -4.81 12.77 1.35
CA GLN A 25 -4.70 13.74 0.27
C GLN A 25 -5.44 13.31 -1.01
N LEU A 26 -5.97 12.09 -1.06
CA LEU A 26 -6.54 11.48 -2.25
C LEU A 26 -7.93 12.07 -2.52
N ARG A 27 -8.25 12.32 -3.79
CA ARG A 27 -9.60 12.63 -4.24
C ARG A 27 -10.30 11.31 -4.51
N ASP A 28 -11.28 10.94 -3.70
CA ASP A 28 -12.00 9.67 -3.79
C ASP A 28 -13.32 9.74 -3.01
N PRO A 29 -14.28 10.55 -3.46
CA PRO A 29 -15.52 10.76 -2.73
C PRO A 29 -16.37 9.49 -2.68
N ARG A 30 -16.07 8.47 -3.51
CA ARG A 30 -16.76 7.19 -3.42
C ARG A 30 -16.17 6.26 -2.37
N LEU A 31 -14.93 6.49 -1.93
CA LEU A 31 -14.32 5.73 -0.85
C LEU A 31 -14.64 6.42 0.46
N LYS A 32 -15.00 5.63 1.47
CA LYS A 32 -15.07 6.02 2.86
C LYS A 32 -13.67 5.85 3.44
N LYS A 33 -12.72 6.77 3.21
CA LYS A 33 -11.36 6.58 3.70
C LYS A 33 -11.28 6.53 5.21
N ASP A 34 -12.30 7.05 5.90
CA ASP A 34 -12.38 7.06 7.36
C ASP A 34 -12.21 5.68 8.00
N PHE A 35 -12.46 4.61 7.23
CA PHE A 35 -12.43 3.22 7.64
C PHE A 35 -11.36 2.42 6.88
N VAL A 36 -10.37 3.10 6.29
CA VAL A 36 -9.23 2.48 5.63
C VAL A 36 -8.02 2.70 6.52
N THR A 37 -7.25 1.65 6.77
CA THR A 37 -5.92 1.70 7.33
C THR A 37 -5.16 0.54 6.67
N PHE A 38 -3.85 0.70 6.53
CA PHE A 38 -2.96 -0.32 6.01
C PHE A 38 -2.19 -0.86 7.21
N SER A 39 -2.02 -2.18 7.33
CA SER A 39 -1.54 -2.81 8.55
C SER A 39 -0.20 -3.51 8.37
N ARG A 40 -0.02 -4.16 7.23
CA ARG A 40 1.28 -4.69 6.79
C ARG A 40 1.66 -4.02 5.46
N VAL A 41 2.96 -3.92 5.20
CA VAL A 41 3.57 -3.59 3.91
C VAL A 41 4.79 -4.50 3.79
N GLU A 42 4.95 -5.20 2.66
CA GLU A 42 6.04 -6.12 2.37
C GLU A 42 6.37 -6.08 0.86
N LEU A 43 7.64 -5.96 0.48
CA LEU A 43 8.06 -5.83 -0.93
C LEU A 43 8.60 -7.14 -1.51
N SER A 44 8.62 -7.18 -2.85
CA SER A 44 9.19 -8.22 -3.69
C SER A 44 10.68 -8.38 -3.42
N LYS A 45 11.28 -9.44 -4.00
CA LYS A 45 12.69 -9.77 -3.86
C LYS A 45 13.54 -8.56 -4.23
N ASP A 46 13.42 -8.12 -5.47
CA ASP A 46 14.24 -7.04 -6.03
C ASP A 46 13.43 -5.74 -6.09
N LYS A 47 12.62 -5.48 -5.04
CA LYS A 47 11.70 -4.34 -4.93
C LYS A 47 10.87 -4.06 -6.20
N ARG A 48 10.42 -5.10 -6.90
CA ARG A 48 9.66 -4.97 -8.14
C ARG A 48 8.15 -4.85 -7.95
N TYR A 49 7.63 -5.29 -6.81
CA TYR A 49 6.24 -5.14 -6.40
C TYR A 49 6.25 -4.80 -4.92
N ALA A 50 5.14 -4.24 -4.44
CA ALA A 50 4.92 -3.88 -3.05
C ALA A 50 3.51 -4.30 -2.66
N ASP A 51 3.41 -5.16 -1.64
CA ASP A 51 2.14 -5.71 -1.17
C ASP A 51 1.75 -4.87 0.04
N VAL A 52 0.53 -4.31 0.01
CA VAL A 52 0.04 -3.40 1.05
C VAL A 52 -1.31 -3.95 1.52
N TYR A 53 -1.46 -4.11 2.83
CA TYR A 53 -2.46 -4.97 3.43
C TYR A 53 -3.48 -4.13 4.17
N VAL A 54 -4.72 -4.19 3.74
CA VAL A 54 -5.77 -3.19 4.06
C VAL A 54 -7.00 -3.83 4.72
N SER A 55 -7.20 -3.52 6.00
CA SER A 55 -8.22 -4.16 6.82
C SER A 55 -9.45 -3.26 6.94
N PHE A 56 -10.21 -3.09 5.84
CA PHE A 56 -11.34 -2.14 5.78
C PHE A 56 -12.32 -2.40 6.93
N LEU A 57 -12.70 -1.34 7.64
CA LEU A 57 -13.62 -1.35 8.79
C LEU A 57 -15.09 -1.29 8.33
N GLY A 58 -15.40 -2.09 7.30
CA GLY A 58 -16.72 -2.19 6.69
C GLY A 58 -17.41 -3.48 7.09
N THR A 59 -18.32 -3.98 6.26
CA THR A 59 -18.68 -5.39 6.26
C THR A 59 -17.66 -6.14 5.38
N PRO A 60 -17.55 -7.48 5.48
CA PRO A 60 -16.58 -8.24 4.70
C PRO A 60 -16.96 -8.32 3.21
N GLU A 61 -18.18 -7.99 2.82
CA GLU A 61 -18.57 -7.80 1.41
C GLU A 61 -18.12 -6.42 0.95
N GLU A 62 -18.46 -5.36 1.69
CA GLU A 62 -18.10 -3.99 1.30
C GLU A 62 -16.59 -3.87 1.11
N ARG A 63 -15.79 -4.49 1.99
CA ARG A 63 -14.33 -4.53 1.90
C ARG A 63 -13.86 -4.86 0.47
N LYS A 64 -14.54 -5.79 -0.22
CA LYS A 64 -14.09 -6.26 -1.51
C LYS A 64 -14.34 -5.29 -2.64
N GLU A 65 -15.36 -4.45 -2.54
CA GLU A 65 -15.49 -3.31 -3.44
C GLU A 65 -14.34 -2.32 -3.19
N THR A 66 -13.95 -2.11 -1.93
CA THR A 66 -12.99 -1.06 -1.61
C THR A 66 -11.60 -1.34 -2.18
N VAL A 67 -11.15 -2.59 -2.20
CA VAL A 67 -9.81 -2.92 -2.66
C VAL A 67 -9.62 -2.53 -4.13
N GLU A 68 -10.70 -2.53 -4.93
CA GLU A 68 -10.68 -2.08 -6.31
C GLU A 68 -10.51 -0.56 -6.40
N ILE A 69 -11.14 0.21 -5.51
CA ILE A 69 -11.01 1.66 -5.48
C ILE A 69 -9.55 2.01 -5.14
N LEU A 70 -8.93 1.31 -4.20
CA LEU A 70 -7.53 1.52 -3.83
C LEU A 70 -6.64 1.25 -5.05
N ASN A 71 -6.87 0.12 -5.72
CA ASN A 71 -6.11 -0.31 -6.88
C ASN A 71 -6.26 0.63 -8.08
N ARG A 72 -7.43 1.23 -8.27
CA ARG A 72 -7.65 2.38 -9.13
C ARG A 72 -6.73 3.52 -8.72
N ALA A 73 -6.83 3.97 -7.46
CA ALA A 73 -6.13 5.14 -6.93
C ALA A 73 -4.61 5.01 -6.91
N LYS A 74 -4.03 3.85 -7.26
CA LYS A 74 -2.59 3.60 -7.38
C LYS A 74 -1.86 4.73 -8.12
N GLY A 75 -2.44 5.27 -9.19
CA GLY A 75 -1.82 6.32 -10.00
C GLY A 75 -1.64 7.67 -9.28
N PHE A 76 -2.15 7.82 -8.06
CA PHE A 76 -1.85 8.93 -7.18
C PHE A 76 -0.76 8.50 -6.20
N PHE A 77 -1.01 7.40 -5.47
CA PHE A 77 -0.10 6.82 -4.51
C PHE A 77 1.31 6.69 -5.08
N ARG A 78 1.49 5.87 -6.12
CA ARG A 78 2.79 5.48 -6.65
C ARG A 78 3.61 6.71 -7.04
N THR A 79 2.95 7.71 -7.61
CA THR A 79 3.58 8.97 -7.99
C THR A 79 4.18 9.67 -6.77
N PHE A 80 3.43 9.74 -5.66
CA PHE A 80 3.92 10.31 -4.40
C PHE A 80 5.16 9.54 -3.91
N ILE A 81 5.21 8.22 -4.05
CA ILE A 81 6.37 7.40 -3.66
C ILE A 81 7.57 7.75 -4.55
N ALA A 82 7.38 7.92 -5.85
CA ALA A 82 8.44 8.35 -6.76
C ALA A 82 8.77 9.84 -6.66
N LYS A 83 8.02 10.61 -5.88
CA LYS A 83 8.32 12.01 -5.58
C LYS A 83 9.14 12.07 -4.29
N ASN A 84 8.77 11.28 -3.29
CA ASN A 84 9.28 11.35 -1.92
C ASN A 84 10.51 10.47 -1.75
N LEU A 85 10.46 9.24 -2.25
CA LEU A 85 11.54 8.24 -2.19
C LEU A 85 12.39 8.26 -3.42
N ARG A 86 12.48 9.46 -3.99
CA ARG A 86 13.36 9.74 -5.06
C ARG A 86 13.00 8.77 -6.18
N LEU A 87 13.96 8.65 -7.07
CA LEU A 87 13.86 8.04 -8.37
C LEU A 87 12.71 8.67 -9.18
N TYR A 88 12.21 7.97 -10.22
CA TYR A 88 11.00 8.35 -10.97
C TYR A 88 10.04 7.17 -11.11
N VAL A 89 10.53 5.94 -10.90
CA VAL A 89 9.71 4.75 -10.89
C VAL A 89 9.75 4.15 -9.48
N ALA A 90 8.64 3.52 -9.10
CA ALA A 90 8.45 2.78 -7.87
C ALA A 90 7.52 1.60 -8.19
N PRO A 91 7.56 0.50 -7.40
CA PRO A 91 6.83 -0.74 -7.70
C PRO A 91 5.32 -0.58 -7.76
N GLU A 92 4.65 -1.58 -8.32
CA GLU A 92 3.20 -1.68 -8.24
C GLU A 92 2.81 -1.89 -6.79
N ILE A 93 2.03 -0.96 -6.23
CA ILE A 93 1.41 -1.11 -4.92
C ILE A 93 0.20 -2.05 -5.11
N ARG A 94 0.40 -3.36 -4.99
CA ARG A 94 -0.73 -4.28 -4.91
C ARG A 94 -1.35 -4.12 -3.54
N PHE A 95 -2.41 -3.31 -3.49
CA PHE A 95 -3.33 -3.30 -2.38
C PHE A 95 -4.03 -4.66 -2.37
N TYR A 96 -3.71 -5.49 -1.38
CA TYR A 96 -4.46 -6.68 -1.04
C TYR A 96 -5.16 -6.38 0.27
N GLU A 97 -6.44 -6.68 0.38
CA GLU A 97 -7.18 -6.42 1.61
C GLU A 97 -6.88 -7.53 2.63
N ASP A 98 -5.78 -7.34 3.37
CA ASP A 98 -5.48 -8.05 4.62
C ASP A 98 -5.55 -9.57 4.45
N LYS A 99 -4.68 -10.09 3.57
CA LYS A 99 -4.69 -11.47 3.07
C LYS A 99 -4.40 -12.55 4.11
N GLY A 100 -3.67 -12.24 5.19
CA GLY A 100 -3.08 -13.24 6.06
C GLY A 100 -1.72 -13.66 5.54
N ILE A 101 -1.66 -14.46 4.46
CA ILE A 101 -0.45 -15.12 3.95
C ILE A 101 -0.54 -15.22 2.41
N GLU A 102 0.60 -15.31 1.71
CA GLU A 102 0.69 -15.74 0.31
C GLU A 102 1.99 -16.51 0.08
N ALA A 103 1.90 -17.66 -0.58
CA ALA A 103 3.01 -18.43 -1.10
C ALA A 103 2.61 -19.20 -2.36
N SER A 104 3.59 -19.80 -3.02
CA SER A 104 3.48 -20.95 -3.93
C SER A 104 2.31 -20.79 -4.91
N VAL A 105 2.29 -19.67 -5.62
CA VAL A 105 1.09 -19.16 -6.28
C VAL A 105 0.62 -20.02 -7.45
N LYS A 106 1.53 -20.44 -8.34
CA LYS A 106 1.26 -21.19 -9.55
C LYS A 106 2.58 -21.82 -9.92
N GLY A 1 11.45 -0.76 15.73
CA GLY A 1 12.16 -1.87 15.09
C GLY A 1 11.17 -2.99 14.90
N MET A 2 10.68 -3.17 13.68
CA MET A 2 9.44 -3.90 13.42
C MET A 2 9.63 -5.07 12.44
N ASN A 3 10.84 -5.23 11.89
CA ASN A 3 11.11 -6.21 10.83
C ASN A 3 12.58 -6.60 10.78
N PRO A 4 12.93 -7.76 10.17
CA PRO A 4 14.30 -8.19 10.00
C PRO A 4 14.91 -7.48 8.79
N ALA A 5 15.40 -6.26 8.98
CA ALA A 5 16.34 -5.59 8.09
C ALA A 5 17.11 -4.55 8.89
N TYR A 6 17.97 -3.78 8.20
CA TYR A 6 18.54 -2.54 8.69
C TYR A 6 18.08 -1.44 7.73
N ARG A 7 18.74 -1.29 6.57
CA ARG A 7 18.35 -0.29 5.55
C ARG A 7 16.87 -0.38 5.20
N LYS A 8 16.41 -1.55 4.72
CA LYS A 8 15.03 -1.70 4.29
C LYS A 8 14.03 -1.40 5.41
N ALA A 9 14.37 -1.61 6.69
CA ALA A 9 13.46 -1.33 7.79
C ALA A 9 13.08 0.15 7.82
N MET A 10 14.06 1.04 7.61
CA MET A 10 13.80 2.47 7.48
C MET A 10 12.93 2.72 6.26
N LEU A 11 13.32 2.16 5.11
CA LEU A 11 12.67 2.43 3.84
C LEU A 11 11.18 2.07 3.88
N GLU A 12 10.85 0.96 4.54
CA GLU A 12 9.48 0.48 4.69
C GLU A 12 8.65 1.55 5.42
N SER A 13 9.08 2.03 6.59
CA SER A 13 8.38 3.09 7.30
C SER A 13 8.40 4.43 6.55
N GLU A 14 9.45 4.71 5.78
CA GLU A 14 9.57 5.89 4.93
C GLU A 14 8.43 5.91 3.90
N ILE A 15 8.27 4.80 3.16
CA ILE A 15 7.27 4.67 2.11
C ILE A 15 5.88 4.55 2.75
N GLN A 16 5.72 3.98 3.94
CA GLN A 16 4.44 3.82 4.61
C GLN A 16 3.68 5.14 4.74
N LYS A 17 4.38 6.23 5.01
CA LYS A 17 3.81 7.57 5.03
C LYS A 17 3.34 8.01 3.64
N LEU A 18 4.06 7.65 2.59
CA LEU A 18 3.80 8.10 1.24
C LEU A 18 2.46 7.58 0.71
N LEU A 19 2.03 6.36 1.05
CA LEU A 19 0.67 5.96 0.83
C LEU A 19 -0.31 6.81 1.63
N MET A 20 -0.06 7.06 2.92
CA MET A 20 -1.01 7.74 3.79
C MET A 20 -1.32 9.16 3.28
N GLU A 21 -0.30 9.96 2.97
CA GLU A 21 -0.45 11.29 2.37
C GLU A 21 -1.30 11.22 1.10
N ALA A 22 -0.92 10.32 0.20
CA ALA A 22 -1.62 10.14 -1.07
C ALA A 22 -3.06 9.68 -0.86
N LEU A 23 -3.37 8.99 0.25
CA LEU A 23 -4.71 8.56 0.60
C LEU A 23 -5.57 9.78 0.89
N GLN A 24 -5.08 10.68 1.73
CA GLN A 24 -5.78 11.92 1.99
C GLN A 24 -6.06 12.69 0.70
N GLN A 25 -5.08 12.74 -0.22
CA GLN A 25 -5.24 13.36 -1.54
C GLN A 25 -6.20 12.59 -2.45
N LEU A 26 -6.28 11.26 -2.32
CA LEU A 26 -7.03 10.36 -3.18
C LEU A 26 -8.51 10.75 -3.13
N ARG A 27 -9.08 11.17 -4.27
CA ARG A 27 -10.48 11.55 -4.33
C ARG A 27 -11.42 10.34 -4.10
N ASP A 28 -10.97 9.15 -4.47
CA ASP A 28 -11.55 7.80 -4.31
C ASP A 28 -12.98 7.62 -4.89
N PRO A 29 -13.39 6.38 -5.20
CA PRO A 29 -14.76 6.07 -5.58
C PRO A 29 -15.66 5.87 -4.35
N ARG A 30 -15.23 5.07 -3.36
CA ARG A 30 -15.95 4.87 -2.10
C ARG A 30 -15.05 4.27 -1.01
N LEU A 31 -13.77 4.63 -1.01
CA LEU A 31 -12.89 4.26 0.09
C LEU A 31 -13.24 5.12 1.32
N LYS A 32 -14.02 4.54 2.23
CA LYS A 32 -14.28 5.07 3.56
C LYS A 32 -12.99 5.15 4.36
N LYS A 33 -12.29 6.29 4.31
CA LYS A 33 -11.06 6.49 5.05
C LYS A 33 -11.19 6.30 6.55
N ASP A 34 -12.38 6.60 7.07
CA ASP A 34 -12.70 6.62 8.50
C ASP A 34 -12.37 5.29 9.20
N PHE A 35 -12.23 4.22 8.43
CA PHE A 35 -12.08 2.84 8.89
C PHE A 35 -10.76 2.20 8.44
N VAL A 36 -9.84 2.94 7.82
CA VAL A 36 -8.68 2.31 7.18
C VAL A 36 -7.37 2.96 7.63
N THR A 37 -6.35 2.12 7.77
CA THR A 37 -4.96 2.50 7.94
C THR A 37 -4.12 1.46 7.19
N PHE A 38 -3.00 1.92 6.62
CA PHE A 38 -1.95 1.10 6.06
C PHE A 38 -0.97 0.91 7.20
N SER A 39 -0.90 -0.30 7.75
CA SER A 39 -0.15 -0.56 8.96
C SER A 39 1.28 -0.89 8.56
N ARG A 40 1.45 -1.94 7.75
CA ARG A 40 2.74 -2.50 7.41
C ARG A 40 2.95 -2.34 5.92
N VAL A 41 4.18 -2.07 5.51
CA VAL A 41 4.56 -1.98 4.11
C VAL A 41 5.78 -2.87 4.01
N GLU A 42 5.65 -4.02 3.39
CA GLU A 42 6.81 -4.84 3.09
C GLU A 42 7.21 -4.56 1.66
N LEU A 43 8.49 -4.67 1.33
CA LEU A 43 8.97 -4.60 -0.03
C LEU A 43 9.64 -5.91 -0.34
N SER A 44 9.51 -6.33 -1.60
CA SER A 44 10.15 -7.51 -2.16
C SER A 44 11.65 -7.50 -1.84
N LYS A 45 12.29 -8.65 -1.99
CA LYS A 45 13.67 -8.94 -1.61
C LYS A 45 14.60 -7.80 -2.01
N ASP A 46 14.66 -7.46 -3.31
CA ASP A 46 15.44 -6.36 -3.89
C ASP A 46 14.50 -5.24 -4.37
N LYS A 47 13.43 -4.97 -3.62
CA LYS A 47 12.51 -3.84 -3.82
C LYS A 47 11.86 -3.83 -5.21
N ARG A 48 11.65 -5.02 -5.78
CA ARG A 48 11.00 -5.18 -7.09
C ARG A 48 9.50 -4.91 -7.06
N TYR A 49 8.85 -5.28 -5.97
CA TYR A 49 7.43 -5.12 -5.71
C TYR A 49 7.31 -4.58 -4.31
N ALA A 50 6.14 -4.04 -4.00
CA ALA A 50 5.86 -3.46 -2.70
C ALA A 50 4.43 -3.74 -2.29
N ASP A 51 4.27 -4.24 -1.06
CA ASP A 51 3.08 -4.90 -0.57
C ASP A 51 2.61 -4.15 0.68
N VAL A 52 1.57 -3.33 0.54
CA VAL A 52 1.05 -2.48 1.61
C VAL A 52 -0.12 -3.21 2.26
N TYR A 53 0.08 -3.61 3.51
CA TYR A 53 -0.83 -4.33 4.38
C TYR A 53 -1.83 -3.35 5.00
N VAL A 54 -3.11 -3.59 4.78
CA VAL A 54 -4.22 -2.71 5.15
C VAL A 54 -5.28 -3.42 5.97
N SER A 55 -5.70 -2.83 7.10
CA SER A 55 -6.75 -3.39 7.94
C SER A 55 -7.93 -2.42 8.05
N PHE A 56 -8.86 -2.51 7.10
CA PHE A 56 -10.16 -1.87 7.12
C PHE A 56 -10.94 -2.32 8.36
N LEU A 57 -11.88 -1.50 8.81
CA LEU A 57 -12.70 -1.70 10.01
C LEU A 57 -14.13 -2.15 9.64
N GLY A 58 -14.26 -2.85 8.52
CA GLY A 58 -15.53 -3.33 7.99
C GLY A 58 -15.78 -4.78 8.36
N THR A 59 -16.70 -5.41 7.65
CA THR A 59 -16.84 -6.86 7.66
C THR A 59 -15.67 -7.47 6.89
N PRO A 60 -15.34 -8.77 7.08
CA PRO A 60 -14.43 -9.45 6.18
C PRO A 60 -14.98 -9.54 4.76
N GLU A 61 -16.31 -9.52 4.56
CA GLU A 61 -16.90 -9.44 3.24
C GLU A 61 -16.59 -8.10 2.58
N GLU A 62 -16.91 -6.96 3.22
CA GLU A 62 -16.62 -5.67 2.61
C GLU A 62 -15.11 -5.42 2.52
N ARG A 63 -14.32 -5.84 3.51
CA ARG A 63 -12.88 -5.59 3.52
C ARG A 63 -12.24 -6.18 2.27
N LYS A 64 -12.68 -7.35 1.79
CA LYS A 64 -12.15 -7.87 0.54
C LYS A 64 -12.49 -6.94 -0.63
N GLU A 65 -13.73 -6.47 -0.77
CA GLU A 65 -14.13 -5.56 -1.86
C GLU A 65 -13.27 -4.28 -1.89
N THR A 66 -12.72 -3.85 -0.74
CA THR A 66 -11.81 -2.71 -0.70
C THR A 66 -10.43 -2.96 -1.33
N VAL A 67 -9.97 -4.21 -1.41
CA VAL A 67 -8.65 -4.51 -1.95
C VAL A 67 -8.57 -4.04 -3.39
N GLU A 68 -9.67 -4.18 -4.12
CA GLU A 68 -9.75 -3.85 -5.50
C GLU A 68 -9.74 -2.32 -5.65
N ILE A 69 -10.53 -1.58 -4.89
CA ILE A 69 -10.59 -0.10 -4.91
C ILE A 69 -9.16 0.47 -4.86
N LEU A 70 -8.35 -0.07 -3.96
CA LEU A 70 -6.99 0.37 -3.74
C LEU A 70 -6.07 0.02 -4.91
N ASN A 71 -6.14 -1.21 -5.40
CA ASN A 71 -5.30 -1.70 -6.49
C ASN A 71 -5.71 -1.13 -7.85
N ARG A 72 -6.97 -0.78 -8.02
CA ARG A 72 -7.49 0.08 -9.07
C ARG A 72 -6.74 1.42 -9.02
N ALA A 73 -6.78 2.11 -7.88
CA ALA A 73 -6.19 3.42 -7.71
C ALA A 73 -4.65 3.42 -7.67
N LYS A 74 -3.99 2.27 -7.59
CA LYS A 74 -2.57 2.18 -7.22
C LYS A 74 -1.62 2.93 -8.15
N GLY A 75 -1.99 3.23 -9.38
CA GLY A 75 -1.13 3.98 -10.28
C GLY A 75 -0.97 5.43 -9.82
N PHE A 76 -2.03 6.05 -9.29
CA PHE A 76 -1.98 7.36 -8.65
C PHE A 76 -1.05 7.29 -7.44
N PHE A 77 -1.27 6.31 -6.55
CA PHE A 77 -0.40 6.06 -5.40
C PHE A 77 1.06 6.03 -5.85
N ARG A 78 1.41 5.13 -6.78
CA ARG A 78 2.77 4.89 -7.24
C ARG A 78 3.39 6.14 -7.86
N THR A 79 2.61 6.97 -8.56
CA THR A 79 3.10 8.24 -9.10
C THR A 79 3.68 9.11 -7.97
N PHE A 80 2.91 9.25 -6.89
CA PHE A 80 3.28 10.04 -5.72
C PHE A 80 4.59 9.50 -5.12
N ILE A 81 4.76 8.18 -5.03
CA ILE A 81 5.99 7.62 -4.48
C ILE A 81 7.15 7.88 -5.42
N ALA A 82 6.96 7.71 -6.75
CA ALA A 82 8.02 7.91 -7.74
C ALA A 82 8.56 9.35 -7.71
N LYS A 83 7.75 10.34 -7.33
CA LYS A 83 8.21 11.70 -7.04
C LYS A 83 9.25 11.66 -5.91
N ASN A 84 8.87 11.09 -4.76
CA ASN A 84 9.61 11.15 -3.51
C ASN A 84 10.86 10.27 -3.61
N LEU A 85 10.72 8.98 -3.92
CA LEU A 85 11.83 8.12 -4.33
C LEU A 85 12.14 8.40 -5.80
N ARG A 86 12.71 9.59 -6.01
CA ARG A 86 13.51 10.01 -7.15
C ARG A 86 14.52 8.92 -7.49
N LEU A 87 14.30 8.13 -8.55
CA LEU A 87 15.19 7.04 -8.97
C LEU A 87 15.12 6.81 -10.48
N TYR A 88 14.12 6.07 -10.98
CA TYR A 88 13.92 5.74 -12.40
C TYR A 88 12.63 4.91 -12.53
N VAL A 89 12.55 3.80 -11.79
CA VAL A 89 11.37 2.96 -11.67
C VAL A 89 11.00 2.85 -10.19
N ALA A 90 9.71 2.86 -9.92
CA ALA A 90 9.15 2.44 -8.65
C ALA A 90 8.86 0.93 -8.71
N PRO A 91 8.88 0.23 -7.56
CA PRO A 91 8.33 -1.12 -7.45
C PRO A 91 6.88 -1.15 -7.92
N GLU A 92 6.35 -2.34 -8.23
CA GLU A 92 4.91 -2.49 -8.36
C GLU A 92 4.30 -2.35 -6.97
N ILE A 93 3.72 -1.20 -6.74
CA ILE A 93 2.79 -0.93 -5.66
C ILE A 93 1.57 -1.83 -5.88
N ARG A 94 1.28 -2.72 -4.94
CA ARG A 94 -0.02 -3.36 -4.75
C ARG A 94 -0.43 -3.24 -3.29
N PHE A 95 -1.71 -3.38 -3.01
CA PHE A 95 -2.25 -3.39 -1.66
C PHE A 95 -2.80 -4.78 -1.36
N TYR A 96 -2.75 -5.15 -0.08
CA TYR A 96 -3.09 -6.45 0.46
C TYR A 96 -3.81 -6.15 1.76
N GLU A 97 -5.04 -6.58 1.90
CA GLU A 97 -5.78 -6.26 3.10
C GLU A 97 -5.31 -7.22 4.19
N ASP A 98 -4.28 -6.85 4.94
CA ASP A 98 -3.69 -7.57 6.07
C ASP A 98 -3.48 -9.06 5.74
N LYS A 99 -2.40 -9.38 5.02
CA LYS A 99 -2.10 -10.60 4.30
C LYS A 99 -3.10 -11.00 3.21
N GLY A 100 -4.28 -10.40 3.14
CA GLY A 100 -5.30 -10.68 2.16
C GLY A 100 -4.80 -10.48 0.74
N ILE A 101 -4.86 -11.54 -0.07
CA ILE A 101 -4.64 -11.50 -1.52
C ILE A 101 -5.81 -10.75 -2.17
N GLU A 102 -5.54 -10.05 -3.28
CA GLU A 102 -6.55 -9.39 -4.12
C GLU A 102 -7.45 -10.41 -4.86
N ALA A 103 -6.86 -11.53 -5.31
CA ALA A 103 -7.34 -12.43 -6.37
C ALA A 103 -7.40 -11.72 -7.73
N SER A 104 -6.63 -12.20 -8.72
CA SER A 104 -6.61 -11.61 -10.05
C SER A 104 -7.94 -11.83 -10.79
N VAL A 105 -8.52 -13.03 -10.67
CA VAL A 105 -9.82 -13.46 -11.19
C VAL A 105 -10.03 -12.97 -12.65
N LYS A 106 -9.37 -13.69 -13.56
CA LYS A 106 -9.22 -13.30 -14.96
C LYS A 106 -9.54 -14.52 -15.82
N GLY A 1 17.37 3.61 19.47
CA GLY A 1 17.93 2.72 18.45
C GLY A 1 17.37 1.32 18.58
N MET A 2 17.28 0.60 17.45
CA MET A 2 17.00 -0.83 17.46
C MET A 2 17.92 -1.61 16.50
N ASN A 3 18.95 -0.95 15.94
CA ASN A 3 19.74 -1.32 14.75
C ASN A 3 18.90 -1.04 13.48
N PRO A 4 19.50 -0.89 12.29
CA PRO A 4 18.75 -1.02 11.04
C PRO A 4 18.58 -2.52 10.75
N ALA A 5 17.40 -2.92 10.26
CA ALA A 5 17.14 -4.30 9.87
C ALA A 5 17.09 -4.35 8.35
N TYR A 6 18.23 -4.71 7.74
CA TYR A 6 18.47 -4.71 6.29
C TYR A 6 18.15 -3.35 5.66
N ARG A 7 18.03 -3.28 4.32
CA ARG A 7 17.26 -2.25 3.64
C ARG A 7 15.87 -2.81 3.40
N LYS A 8 14.89 -2.40 4.22
CA LYS A 8 13.48 -2.64 3.93
C LYS A 8 12.58 -1.52 4.46
N ALA A 9 12.88 -0.98 5.64
CA ALA A 9 12.15 0.15 6.21
C ALA A 9 12.12 1.38 5.31
N MET A 10 13.15 1.57 4.49
CA MET A 10 13.23 2.64 3.50
C MET A 10 12.10 2.52 2.47
N LEU A 11 11.36 1.41 2.45
CA LEU A 11 10.27 1.16 1.53
C LEU A 11 9.02 0.88 2.34
N GLU A 12 8.96 -0.22 3.10
CA GLU A 12 7.86 -0.60 4.00
C GLU A 12 7.43 0.63 4.84
N SER A 13 8.30 1.23 5.65
CA SER A 13 7.86 2.32 6.53
C SER A 13 7.71 3.67 5.81
N GLU A 14 8.34 3.90 4.65
CA GLU A 14 8.09 5.11 3.89
C GLU A 14 6.70 5.01 3.26
N ILE A 15 6.45 3.93 2.51
CA ILE A 15 5.22 3.69 1.77
C ILE A 15 4.04 3.71 2.76
N GLN A 16 4.20 3.11 3.94
CA GLN A 16 3.16 3.07 4.96
C GLN A 16 2.60 4.47 5.29
N LYS A 17 3.48 5.46 5.43
CA LYS A 17 3.11 6.84 5.72
C LYS A 17 2.74 7.61 4.46
N LEU A 18 3.53 7.48 3.40
CA LEU A 18 3.32 8.14 2.11
C LEU A 18 1.91 7.85 1.59
N LEU A 19 1.43 6.62 1.73
CA LEU A 19 0.11 6.25 1.25
C LEU A 19 -0.99 6.97 2.04
N MET A 20 -0.78 7.25 3.32
CA MET A 20 -1.78 7.95 4.14
C MET A 20 -1.91 9.41 3.69
N GLU A 21 -0.79 10.10 3.45
CA GLU A 21 -0.79 11.43 2.87
C GLU A 21 -1.54 11.47 1.54
N ALA A 22 -1.24 10.53 0.63
CA ALA A 22 -1.94 10.47 -0.64
C ALA A 22 -3.43 10.21 -0.42
N LEU A 23 -3.80 9.26 0.43
CA LEU A 23 -5.19 8.84 0.67
C LEU A 23 -6.08 10.05 0.99
N GLN A 24 -5.58 11.00 1.78
CA GLN A 24 -6.32 12.19 2.19
C GLN A 24 -6.58 13.19 1.06
N GLN A 25 -5.79 13.21 -0.02
CA GLN A 25 -5.96 14.14 -1.16
C GLN A 25 -6.30 13.42 -2.46
N LEU A 26 -6.43 12.10 -2.42
CA LEU A 26 -6.70 11.22 -3.55
C LEU A 26 -8.01 11.55 -4.26
N ARG A 27 -8.98 12.12 -3.56
CA ARG A 27 -10.32 12.42 -4.10
C ARG A 27 -10.91 11.13 -4.69
N ASP A 28 -10.93 10.08 -3.89
CA ASP A 28 -11.56 8.79 -4.18
C ASP A 28 -13.04 8.95 -4.56
N PRO A 29 -13.64 7.96 -5.25
CA PRO A 29 -15.06 7.99 -5.63
C PRO A 29 -16.01 7.79 -4.46
N ARG A 30 -15.79 6.80 -3.58
CA ARG A 30 -16.73 6.46 -2.49
C ARG A 30 -16.08 5.79 -1.28
N LEU A 31 -14.76 5.83 -1.20
CA LEU A 31 -14.05 5.12 -0.16
C LEU A 31 -14.21 5.84 1.16
N LYS A 32 -14.72 5.15 2.17
CA LYS A 32 -14.74 5.63 3.55
C LYS A 32 -13.31 5.61 4.09
N LYS A 33 -12.52 6.65 3.80
CA LYS A 33 -11.13 6.75 4.25
C LYS A 33 -11.01 6.62 5.76
N ASP A 34 -12.04 7.03 6.48
CA ASP A 34 -12.07 7.12 7.93
C ASP A 34 -11.95 5.78 8.64
N PHE A 35 -12.06 4.68 7.89
CA PHE A 35 -11.93 3.32 8.36
C PHE A 35 -10.78 2.62 7.60
N VAL A 36 -9.80 3.37 7.12
CA VAL A 36 -8.66 2.87 6.36
C VAL A 36 -7.39 3.23 7.12
N THR A 37 -6.63 2.21 7.51
CA THR A 37 -5.30 2.39 8.05
C THR A 37 -4.39 1.31 7.45
N PHE A 38 -3.38 1.76 6.70
CA PHE A 38 -2.25 0.96 6.26
C PHE A 38 -1.34 0.77 7.48
N SER A 39 -1.14 -0.48 7.90
CA SER A 39 -0.29 -0.86 9.01
C SER A 39 0.81 -1.80 8.49
N ARG A 40 0.48 -3.04 8.14
CA ARG A 40 1.47 -4.01 7.67
C ARG A 40 1.79 -3.70 6.21
N VAL A 41 3.06 -3.84 5.83
CA VAL A 41 3.59 -3.85 4.49
C VAL A 41 4.78 -4.80 4.42
N GLU A 42 5.02 -5.35 3.23
CA GLU A 42 6.20 -6.07 2.83
C GLU A 42 6.56 -5.61 1.42
N LEU A 43 7.80 -5.89 1.02
CA LEU A 43 8.36 -5.65 -0.31
C LEU A 43 8.86 -6.98 -0.88
N SER A 44 9.17 -7.00 -2.17
CA SER A 44 9.71 -8.17 -2.84
C SER A 44 11.17 -8.43 -2.43
N LYS A 45 11.72 -9.58 -2.84
CA LYS A 45 13.13 -9.93 -2.60
C LYS A 45 14.05 -8.80 -3.05
N ASP A 46 13.80 -8.26 -4.25
CA ASP A 46 14.63 -7.25 -4.90
C ASP A 46 13.98 -5.85 -4.84
N LYS A 47 13.03 -5.63 -3.92
CA LYS A 47 12.19 -4.44 -3.78
C LYS A 47 11.55 -3.95 -5.10
N ARG A 48 11.30 -4.87 -6.03
CA ARG A 48 10.55 -4.65 -7.25
C ARG A 48 9.07 -4.44 -6.96
N TYR A 49 8.48 -5.22 -6.05
CA TYR A 49 7.04 -5.17 -5.78
C TYR A 49 6.76 -4.87 -4.33
N ALA A 50 5.57 -4.36 -4.07
CA ALA A 50 5.11 -3.86 -2.79
C ALA A 50 3.81 -4.54 -2.41
N ASP A 51 3.64 -4.87 -1.13
CA ASP A 51 2.51 -5.62 -0.61
C ASP A 51 2.07 -4.95 0.69
N VAL A 52 1.11 -4.01 0.62
CA VAL A 52 0.62 -3.19 1.73
C VAL A 52 -0.74 -3.77 2.14
N TYR A 53 -0.96 -3.95 3.44
CA TYR A 53 -2.15 -4.53 4.03
C TYR A 53 -3.05 -3.39 4.50
N VAL A 54 -4.35 -3.61 4.55
CA VAL A 54 -5.36 -2.56 4.57
C VAL A 54 -6.48 -3.00 5.52
N SER A 55 -6.39 -2.62 6.80
CA SER A 55 -7.25 -3.13 7.87
C SER A 55 -8.57 -2.34 7.94
N PHE A 56 -9.54 -2.66 7.07
CA PHE A 56 -10.79 -1.89 6.99
C PHE A 56 -11.69 -2.15 8.19
N LEU A 57 -12.31 -1.08 8.69
CA LEU A 57 -13.13 -1.07 9.90
C LEU A 57 -14.60 -1.00 9.47
N GLY A 58 -15.05 -2.10 8.89
CA GLY A 58 -16.39 -2.27 8.30
C GLY A 58 -16.74 -3.75 8.20
N THR A 59 -17.72 -4.12 7.36
CA THR A 59 -18.00 -5.52 7.06
C THR A 59 -16.87 -6.13 6.22
N PRO A 60 -16.70 -7.46 6.22
CA PRO A 60 -15.75 -8.12 5.34
C PRO A 60 -16.24 -8.11 3.89
N GLU A 61 -17.48 -7.69 3.64
CA GLU A 61 -18.08 -7.48 2.33
C GLU A 61 -17.73 -6.07 1.82
N GLU A 62 -17.98 -5.01 2.61
CA GLU A 62 -17.56 -3.66 2.26
C GLU A 62 -16.05 -3.61 2.05
N ARG A 63 -15.28 -4.24 2.94
CA ARG A 63 -13.83 -4.33 2.83
C ARG A 63 -13.38 -4.90 1.47
N LYS A 64 -14.22 -5.67 0.76
CA LYS A 64 -13.86 -6.14 -0.57
C LYS A 64 -14.20 -5.16 -1.67
N GLU A 65 -15.22 -4.32 -1.53
CA GLU A 65 -15.47 -3.29 -2.54
C GLU A 65 -14.35 -2.23 -2.54
N THR A 66 -13.60 -2.09 -1.45
CA THR A 66 -12.57 -1.07 -1.34
C THR A 66 -11.27 -1.42 -2.07
N VAL A 67 -10.99 -2.71 -2.28
CA VAL A 67 -9.75 -3.11 -2.92
C VAL A 67 -9.72 -2.62 -4.37
N GLU A 68 -10.88 -2.58 -5.03
CA GLU A 68 -11.01 -2.08 -6.38
C GLU A 68 -10.63 -0.60 -6.41
N ILE A 69 -11.21 0.20 -5.52
CA ILE A 69 -10.96 1.64 -5.44
C ILE A 69 -9.45 1.88 -5.27
N LEU A 70 -8.80 1.12 -4.39
CA LEU A 70 -7.36 1.20 -4.17
C LEU A 70 -6.58 0.83 -5.43
N ASN A 71 -6.95 -0.28 -6.07
CA ASN A 71 -6.29 -0.79 -7.26
C ASN A 71 -6.41 0.17 -8.43
N ARG A 72 -7.54 0.86 -8.55
CA ARG A 72 -7.73 1.95 -9.49
C ARG A 72 -6.85 3.13 -9.11
N ALA A 73 -6.92 3.58 -7.85
CA ALA A 73 -6.18 4.71 -7.32
C ALA A 73 -4.66 4.54 -7.29
N LYS A 74 -4.14 3.33 -7.58
CA LYS A 74 -2.71 3.02 -7.65
C LYS A 74 -1.91 4.07 -8.41
N GLY A 75 -2.43 4.62 -9.51
CA GLY A 75 -1.71 5.63 -10.29
C GLY A 75 -1.36 6.82 -9.41
N PHE A 76 -2.40 7.49 -8.88
CA PHE A 76 -2.29 8.63 -7.98
C PHE A 76 -1.44 8.31 -6.76
N PHE A 77 -1.55 7.10 -6.21
CA PHE A 77 -0.65 6.67 -5.16
C PHE A 77 0.80 6.70 -5.67
N ARG A 78 1.16 5.83 -6.61
CA ARG A 78 2.55 5.51 -6.97
C ARG A 78 3.30 6.73 -7.49
N THR A 79 2.60 7.61 -8.20
CA THR A 79 3.16 8.85 -8.71
C THR A 79 3.75 9.71 -7.58
N PHE A 80 3.09 9.77 -6.42
CA PHE A 80 3.61 10.36 -5.20
C PHE A 80 4.85 9.56 -4.81
N ILE A 81 4.76 8.25 -4.60
CA ILE A 81 5.79 7.38 -3.99
C ILE A 81 7.12 7.50 -4.76
N ALA A 82 7.09 7.56 -6.09
CA ALA A 82 8.30 7.68 -6.91
C ALA A 82 9.10 8.96 -6.64
N LYS A 83 8.47 10.01 -6.10
CA LYS A 83 9.13 11.21 -5.59
C LYS A 83 10.11 10.79 -4.50
N ASN A 84 9.62 10.26 -3.37
CA ASN A 84 10.47 10.11 -2.19
C ASN A 84 11.31 8.85 -2.29
N LEU A 85 10.77 7.79 -2.92
CA LEU A 85 11.44 6.53 -3.22
C LEU A 85 12.47 6.61 -4.31
N ARG A 86 12.60 7.79 -4.93
CA ARG A 86 13.74 8.05 -5.77
C ARG A 86 13.85 6.96 -6.82
N LEU A 87 15.07 6.88 -7.34
CA LEU A 87 15.56 5.87 -8.26
C LEU A 87 14.95 6.09 -9.65
N TYR A 88 13.66 5.79 -9.86
CA TYR A 88 12.88 6.32 -10.97
C TYR A 88 11.40 6.20 -10.67
N VAL A 89 10.94 4.98 -10.37
CA VAL A 89 9.54 4.66 -10.11
C VAL A 89 9.45 3.74 -8.89
N ALA A 90 8.41 3.96 -8.09
CA ALA A 90 8.04 3.13 -6.95
C ALA A 90 7.50 1.75 -7.37
N PRO A 91 7.56 0.74 -6.48
CA PRO A 91 7.20 -0.66 -6.79
C PRO A 91 5.74 -0.84 -7.21
N GLU A 92 5.39 -2.01 -7.79
CA GLU A 92 4.00 -2.38 -8.06
C GLU A 92 3.27 -2.47 -6.71
N ILE A 93 2.34 -1.54 -6.47
CA ILE A 93 1.66 -1.36 -5.19
C ILE A 93 0.48 -2.34 -5.18
N ARG A 94 0.58 -3.46 -4.45
CA ARG A 94 -0.53 -4.38 -4.24
C ARG A 94 -1.19 -4.08 -2.88
N PHE A 95 -2.47 -3.70 -2.90
CA PHE A 95 -3.27 -3.38 -1.73
C PHE A 95 -4.05 -4.61 -1.28
N TYR A 96 -3.82 -5.12 -0.07
CA TYR A 96 -4.35 -6.38 0.47
C TYR A 96 -5.33 -6.13 1.60
N GLU A 97 -6.48 -6.79 1.60
CA GLU A 97 -7.59 -6.57 2.51
C GLU A 97 -7.40 -7.24 3.88
N ASP A 98 -6.18 -7.17 4.45
CA ASP A 98 -5.83 -7.69 5.77
C ASP A 98 -6.15 -9.21 5.86
N LYS A 99 -5.32 -10.00 5.16
CA LYS A 99 -5.29 -11.45 5.32
C LYS A 99 -3.86 -11.98 5.25
N GLY A 100 -3.17 -11.78 4.12
CA GLY A 100 -1.91 -12.46 3.84
C GLY A 100 -1.60 -12.57 2.35
N ILE A 101 -0.34 -12.90 2.04
CA ILE A 101 0.22 -13.02 0.69
C ILE A 101 -0.55 -14.11 -0.06
N GLU A 102 -1.03 -13.83 -1.27
CA GLU A 102 -1.77 -14.77 -2.10
C GLU A 102 -1.62 -14.35 -3.58
N ALA A 103 -0.56 -14.79 -4.26
CA ALA A 103 -0.29 -14.51 -5.66
C ALA A 103 0.10 -15.79 -6.40
N SER A 104 0.23 -15.71 -7.71
CA SER A 104 0.92 -16.69 -8.53
C SER A 104 1.65 -15.93 -9.64
N VAL A 105 2.59 -16.61 -10.30
CA VAL A 105 3.40 -16.04 -11.36
C VAL A 105 3.47 -17.08 -12.48
N LYS A 106 4.36 -18.08 -12.38
CA LYS A 106 4.59 -19.08 -13.41
C LYS A 106 5.39 -20.16 -12.73
N GLY A 1 12.33 -13.84 13.69
CA GLY A 1 12.52 -12.46 13.21
C GLY A 1 13.63 -12.39 12.16
N MET A 2 13.72 -11.28 11.43
CA MET A 2 14.66 -11.14 10.31
C MET A 2 15.96 -10.52 10.79
N ASN A 3 17.03 -10.75 10.01
CA ASN A 3 18.30 -10.06 10.14
C ASN A 3 18.16 -8.59 9.77
N PRO A 4 19.09 -7.71 10.19
CA PRO A 4 19.24 -6.38 9.63
C PRO A 4 19.72 -6.46 8.17
N ALA A 5 19.49 -5.38 7.42
CA ALA A 5 20.10 -5.08 6.13
C ALA A 5 19.67 -3.66 5.76
N TYR A 6 20.47 -2.66 6.13
CA TYR A 6 20.41 -1.31 5.59
C TYR A 6 18.98 -0.77 5.46
N ARG A 7 18.35 -0.47 6.60
CA ARG A 7 17.05 0.20 6.67
C ARG A 7 15.91 -0.68 6.14
N LYS A 8 16.03 -2.02 6.15
CA LYS A 8 15.04 -2.95 5.58
C LYS A 8 13.61 -2.65 6.02
N ALA A 9 13.38 -2.29 7.29
CA ALA A 9 12.05 -2.00 7.84
C ALA A 9 11.73 -0.51 7.99
N MET A 10 12.70 0.38 7.79
CA MET A 10 12.61 1.80 8.09
C MET A 10 12.27 2.64 6.86
N LEU A 11 12.38 2.05 5.67
CA LEU A 11 12.06 2.65 4.37
C LEU A 11 10.55 2.76 4.24
N GLU A 12 9.89 1.64 4.46
CA GLU A 12 8.48 1.37 4.27
C GLU A 12 7.65 2.16 5.26
N SER A 13 8.21 2.55 6.41
CA SER A 13 7.55 3.35 7.44
C SER A 13 7.33 4.80 6.99
N GLU A 14 8.16 5.35 6.09
CA GLU A 14 7.90 6.62 5.43
C GLU A 14 6.69 6.43 4.51
N ILE A 15 6.78 5.38 3.69
CA ILE A 15 5.83 5.08 2.65
C ILE A 15 4.45 4.81 3.26
N GLN A 16 4.40 4.20 4.45
CA GLN A 16 3.19 3.91 5.20
C GLN A 16 2.34 5.16 5.47
N LYS A 17 2.98 6.33 5.54
CA LYS A 17 2.36 7.65 5.65
C LYS A 17 2.06 8.24 4.27
N LEU A 18 2.94 8.05 3.27
CA LEU A 18 2.71 8.56 1.92
C LEU A 18 1.38 8.07 1.34
N LEU A 19 0.91 6.83 1.61
CA LEU A 19 -0.41 6.41 1.17
C LEU A 19 -1.53 7.23 1.82
N MET A 20 -1.41 7.63 3.09
CA MET A 20 -2.42 8.43 3.78
C MET A 20 -2.43 9.84 3.22
N GLU A 21 -1.25 10.45 3.10
CA GLU A 21 -1.03 11.73 2.47
C GLU A 21 -1.68 11.76 1.08
N ALA A 22 -1.38 10.75 0.25
CA ALA A 22 -1.95 10.58 -1.07
C ALA A 22 -3.47 10.51 -0.98
N LEU A 23 -4.00 9.64 -0.09
CA LEU A 23 -5.41 9.33 0.02
C LEU A 23 -6.25 10.61 0.19
N GLN A 24 -5.79 11.57 1.00
CA GLN A 24 -6.54 12.80 1.23
C GLN A 24 -6.63 13.67 -0.04
N GLN A 25 -5.69 13.58 -0.98
CA GLN A 25 -5.75 14.28 -2.28
C GLN A 25 -6.21 13.34 -3.42
N LEU A 26 -6.40 12.05 -3.14
CA LEU A 26 -6.73 11.05 -4.12
C LEU A 26 -8.16 11.27 -4.59
N ARG A 27 -8.35 11.39 -5.90
CA ARG A 27 -9.64 11.38 -6.57
C ARG A 27 -10.14 9.94 -6.55
N ASP A 28 -11.07 9.64 -5.64
CA ASP A 28 -11.53 8.27 -5.39
C ASP A 28 -13.02 8.17 -5.79
N PRO A 29 -13.55 6.98 -6.11
CA PRO A 29 -14.94 6.80 -6.53
C PRO A 29 -15.94 6.64 -5.36
N ARG A 30 -15.55 5.96 -4.26
CA ARG A 30 -16.46 5.42 -3.25
C ARG A 30 -15.82 5.00 -1.94
N LEU A 31 -14.59 5.44 -1.73
CA LEU A 31 -13.68 4.98 -0.72
C LEU A 31 -14.02 5.62 0.62
N LYS A 32 -14.46 4.79 1.57
CA LYS A 32 -14.76 5.18 2.92
C LYS A 32 -13.47 5.41 3.70
N LYS A 33 -12.77 6.56 3.55
CA LYS A 33 -11.48 6.75 4.21
C LYS A 33 -11.56 6.54 5.72
N ASP A 34 -12.74 6.82 6.28
CA ASP A 34 -13.03 6.80 7.71
C ASP A 34 -12.55 5.52 8.38
N PHE A 35 -12.60 4.41 7.64
CA PHE A 35 -12.27 3.07 8.12
C PHE A 35 -10.99 2.55 7.47
N VAL A 36 -10.08 3.41 6.99
CA VAL A 36 -8.88 2.98 6.29
C VAL A 36 -7.66 3.49 7.05
N THR A 37 -6.69 2.59 7.23
CA THR A 37 -5.30 2.89 7.52
C THR A 37 -4.46 1.84 6.77
N PHE A 38 -3.23 2.19 6.40
CA PHE A 38 -2.21 1.30 5.85
C PHE A 38 -1.20 1.05 6.97
N SER A 39 -0.76 -0.19 7.17
CA SER A 39 0.20 -0.48 8.24
C SER A 39 1.32 -1.41 7.78
N ARG A 40 1.00 -2.60 7.29
CA ARG A 40 2.01 -3.53 6.83
C ARG A 40 2.37 -3.12 5.39
N VAL A 41 3.66 -2.90 5.14
CA VAL A 41 4.20 -2.44 3.87
C VAL A 41 5.51 -3.24 3.67
N GLU A 42 5.56 -4.20 2.75
CA GLU A 42 6.69 -5.09 2.56
C GLU A 42 7.19 -5.18 1.13
N LEU A 43 8.40 -4.65 0.99
CA LEU A 43 9.20 -4.66 -0.22
C LEU A 43 9.74 -6.05 -0.50
N SER A 44 9.67 -6.43 -1.77
CA SER A 44 10.26 -7.63 -2.37
C SER A 44 11.80 -7.64 -2.28
N LYS A 45 12.39 -8.76 -2.73
CA LYS A 45 13.80 -9.14 -2.58
C LYS A 45 14.78 -8.00 -2.87
N ASP A 46 14.60 -7.30 -3.98
CA ASP A 46 15.50 -6.25 -4.47
C ASP A 46 14.82 -4.88 -4.42
N LYS A 47 13.82 -4.72 -3.56
CA LYS A 47 13.02 -3.50 -3.39
C LYS A 47 12.32 -3.11 -4.71
N ARG A 48 11.94 -4.10 -5.53
CA ARG A 48 11.32 -3.87 -6.85
C ARG A 48 9.80 -3.89 -6.84
N TYR A 49 9.16 -4.48 -5.83
CA TYR A 49 7.71 -4.55 -5.66
C TYR A 49 7.40 -4.23 -4.22
N ALA A 50 6.23 -3.67 -3.95
CA ALA A 50 5.82 -3.24 -2.62
C ALA A 50 4.41 -3.74 -2.34
N ASP A 51 4.29 -4.64 -1.36
CA ASP A 51 3.03 -5.22 -0.95
C ASP A 51 2.49 -4.34 0.16
N VAL A 52 1.42 -3.59 -0.07
CA VAL A 52 0.84 -2.63 0.86
C VAL A 52 -0.45 -3.24 1.39
N TYR A 53 -0.68 -3.23 2.72
CA TYR A 53 -1.82 -3.90 3.34
C TYR A 53 -2.76 -2.82 3.91
N VAL A 54 -4.05 -2.91 3.58
CA VAL A 54 -5.12 -1.99 3.99
C VAL A 54 -5.90 -2.67 5.11
N SER A 55 -5.82 -2.13 6.33
CA SER A 55 -6.55 -2.70 7.46
C SER A 55 -7.91 -1.99 7.57
N PHE A 56 -8.90 -2.39 6.75
CA PHE A 56 -10.22 -1.77 6.76
C PHE A 56 -10.98 -2.01 8.07
N LEU A 57 -11.46 -0.95 8.73
CA LEU A 57 -12.16 -0.96 10.01
C LEU A 57 -13.66 -1.28 9.88
N GLY A 58 -14.03 -1.96 8.81
CA GLY A 58 -15.39 -2.29 8.40
C GLY A 58 -15.49 -3.78 8.08
N THR A 59 -16.64 -4.24 7.58
CA THR A 59 -16.94 -5.68 7.58
C THR A 59 -15.97 -6.42 6.65
N PRO A 60 -15.71 -7.72 6.85
CA PRO A 60 -14.64 -8.43 6.15
C PRO A 60 -14.83 -8.44 4.62
N GLU A 61 -16.06 -8.43 4.13
CA GLU A 61 -16.36 -8.41 2.70
C GLU A 61 -16.06 -7.02 2.12
N GLU A 62 -16.37 -5.96 2.88
CA GLU A 62 -16.05 -4.59 2.51
C GLU A 62 -14.54 -4.40 2.52
N ARG A 63 -13.83 -4.99 3.50
CA ARG A 63 -12.37 -5.01 3.52
C ARG A 63 -11.82 -5.56 2.22
N LYS A 64 -12.32 -6.70 1.73
CA LYS A 64 -11.85 -7.24 0.47
C LYS A 64 -12.10 -6.23 -0.64
N GLU A 65 -13.32 -5.68 -0.77
CA GLU A 65 -13.61 -4.77 -1.88
C GLU A 65 -12.73 -3.50 -1.87
N THR A 66 -12.12 -3.11 -0.76
CA THR A 66 -11.18 -1.99 -0.77
C THR A 66 -10.07 -2.19 -1.81
N VAL A 67 -9.66 -3.44 -2.03
CA VAL A 67 -8.54 -3.79 -2.89
C VAL A 67 -8.76 -3.21 -4.29
N GLU A 68 -9.99 -3.27 -4.82
CA GLU A 68 -10.34 -2.75 -6.12
C GLU A 68 -10.34 -1.22 -6.13
N ILE A 69 -10.89 -0.60 -5.09
CA ILE A 69 -10.99 0.85 -4.98
C ILE A 69 -9.58 1.43 -4.99
N LEU A 70 -8.66 0.81 -4.26
CA LEU A 70 -7.25 1.17 -4.23
C LEU A 70 -6.59 0.88 -5.59
N ASN A 71 -6.86 -0.30 -6.18
CA ASN A 71 -6.25 -0.72 -7.44
C ASN A 71 -6.65 0.17 -8.62
N ARG A 72 -7.85 0.73 -8.60
CA ARG A 72 -8.33 1.74 -9.51
C ARG A 72 -7.47 3.00 -9.45
N ALA A 73 -6.85 3.30 -8.30
CA ALA A 73 -6.09 4.52 -8.02
C ALA A 73 -4.57 4.29 -7.98
N LYS A 74 -4.09 3.08 -8.30
CA LYS A 74 -2.71 2.65 -8.27
C LYS A 74 -1.73 3.64 -8.89
N GLY A 75 -2.10 4.27 -10.00
CA GLY A 75 -1.23 5.18 -10.72
C GLY A 75 -0.96 6.43 -9.90
N PHE A 76 -2.02 7.08 -9.40
CA PHE A 76 -1.87 8.25 -8.53
C PHE A 76 -1.07 7.87 -7.29
N PHE A 77 -1.47 6.82 -6.57
CA PHE A 77 -0.75 6.36 -5.38
C PHE A 77 0.74 6.18 -5.68
N ARG A 78 1.11 5.49 -6.76
CA ARG A 78 2.50 5.18 -7.08
C ARG A 78 3.29 6.46 -7.36
N THR A 79 2.78 7.34 -8.21
CA THR A 79 3.56 8.51 -8.61
C THR A 79 3.67 9.51 -7.44
N PHE A 80 2.70 9.52 -6.53
CA PHE A 80 2.75 10.30 -5.30
C PHE A 80 3.94 9.83 -4.44
N ILE A 81 4.19 8.53 -4.37
CA ILE A 81 5.37 8.03 -3.66
C ILE A 81 6.61 8.55 -4.39
N ALA A 82 6.68 8.33 -5.70
CA ALA A 82 7.83 8.67 -6.54
C ALA A 82 8.22 10.16 -6.50
N LYS A 83 7.30 11.07 -6.14
CA LYS A 83 7.60 12.47 -5.88
C LYS A 83 8.59 12.63 -4.73
N ASN A 84 8.46 11.79 -3.70
CA ASN A 84 9.10 11.88 -2.41
C ASN A 84 10.19 10.81 -2.21
N LEU A 85 10.31 9.88 -3.15
CA LEU A 85 11.19 8.71 -3.06
C LEU A 85 12.38 8.85 -4.02
N ARG A 86 13.26 7.86 -3.99
CA ARG A 86 14.50 7.78 -4.75
C ARG A 86 14.25 7.78 -6.26
N LEU A 87 14.03 8.94 -6.85
CA LEU A 87 13.73 9.14 -8.26
C LEU A 87 12.41 8.47 -8.67
N TYR A 88 12.01 8.71 -9.92
CA TYR A 88 10.68 8.39 -10.42
C TYR A 88 10.37 6.89 -10.36
N VAL A 89 11.37 6.03 -10.59
CA VAL A 89 11.16 4.60 -10.66
C VAL A 89 11.01 4.05 -9.24
N ALA A 90 9.78 4.08 -8.77
CA ALA A 90 9.27 3.44 -7.57
C ALA A 90 8.77 2.02 -7.90
N PRO A 91 8.66 1.12 -6.92
CA PRO A 91 8.13 -0.22 -7.09
C PRO A 91 6.65 -0.22 -7.53
N GLU A 92 6.16 -1.41 -7.87
CA GLU A 92 4.73 -1.64 -7.98
C GLU A 92 4.10 -1.52 -6.60
N ILE A 93 2.88 -1.02 -6.55
CA ILE A 93 2.08 -0.92 -5.35
C ILE A 93 1.00 -1.99 -5.46
N ARG A 94 1.15 -3.09 -4.74
CA ARG A 94 0.25 -4.23 -4.78
C ARG A 94 -0.58 -4.17 -3.51
N PHE A 95 -1.88 -3.90 -3.62
CA PHE A 95 -2.75 -3.79 -2.46
C PHE A 95 -3.19 -5.18 -2.01
N TYR A 96 -3.01 -5.49 -0.73
CA TYR A 96 -3.40 -6.68 0.01
C TYR A 96 -4.44 -6.33 1.09
N GLU A 97 -5.26 -7.29 1.49
CA GLU A 97 -6.50 -7.13 2.27
C GLU A 97 -6.22 -7.17 3.78
N ASP A 98 -5.03 -6.76 4.22
CA ASP A 98 -4.45 -6.99 5.54
C ASP A 98 -4.64 -8.43 6.02
N LYS A 99 -4.03 -9.37 5.29
CA LYS A 99 -3.96 -10.80 5.62
C LYS A 99 -2.57 -11.33 5.28
N GLY A 100 -2.08 -11.04 4.06
CA GLY A 100 -0.79 -11.51 3.59
C GLY A 100 -1.00 -12.85 2.92
N ILE A 101 -0.77 -12.86 1.60
CA ILE A 101 -0.89 -13.99 0.68
C ILE A 101 -2.20 -14.76 0.94
N GLU A 102 -3.29 -14.02 0.90
CA GLU A 102 -4.68 -14.45 0.71
C GLU A 102 -4.93 -15.16 -0.65
N ALA A 103 -3.89 -15.69 -1.31
CA ALA A 103 -3.90 -16.23 -2.65
C ALA A 103 -2.96 -17.45 -2.70
N SER A 104 -2.95 -18.19 -3.82
CA SER A 104 -1.97 -19.25 -4.06
C SER A 104 -1.79 -19.46 -5.57
N VAL A 105 -2.76 -20.06 -6.26
CA VAL A 105 -2.67 -20.47 -7.66
C VAL A 105 -3.90 -19.95 -8.40
N LYS A 106 -3.76 -18.78 -8.99
CA LYS A 106 -4.56 -18.27 -10.09
C LYS A 106 -3.52 -17.67 -11.01
N GLY A 1 18.28 7.18 12.63
CA GLY A 1 19.18 6.33 11.83
C GLY A 1 18.57 4.95 11.63
N MET A 2 18.66 4.08 12.63
CA MET A 2 18.19 2.69 12.62
C MET A 2 18.67 1.92 11.38
N ASN A 3 19.94 1.53 11.39
CA ASN A 3 20.64 0.93 10.24
C ASN A 3 20.36 1.70 8.93
N PRO A 4 20.74 2.99 8.85
CA PRO A 4 20.42 3.90 7.75
C PRO A 4 21.27 3.59 6.49
N ALA A 5 20.98 2.50 5.81
CA ALA A 5 21.50 2.14 4.50
C ALA A 5 20.51 1.20 3.82
N TYR A 6 20.74 0.82 2.56
CA TYR A 6 19.83 -0.05 1.81
C TYR A 6 19.48 -1.32 2.60
N ARG A 7 18.21 -1.53 2.93
CA ARG A 7 17.74 -2.66 3.72
C ARG A 7 16.31 -2.94 3.32
N LYS A 8 15.85 -4.18 3.52
CA LYS A 8 14.49 -4.56 3.17
C LYS A 8 13.46 -3.71 3.90
N ALA A 9 13.52 -3.73 5.23
CA ALA A 9 12.61 -3.02 6.12
C ALA A 9 12.65 -1.50 5.90
N MET A 10 13.76 -0.98 5.35
CA MET A 10 14.02 0.42 5.03
C MET A 10 13.23 0.85 3.76
N LEU A 11 12.17 0.13 3.40
CA LEU A 11 11.20 0.54 2.38
C LEU A 11 9.78 0.27 2.84
N GLU A 12 9.51 -0.93 3.32
CA GLU A 12 8.23 -1.39 3.90
C GLU A 12 7.79 -0.34 4.94
N SER A 13 8.48 -0.19 6.09
CA SER A 13 8.02 0.76 7.11
C SER A 13 8.14 2.23 6.70
N GLU A 14 8.77 2.57 5.58
CA GLU A 14 8.82 3.93 5.04
C GLU A 14 7.52 4.19 4.29
N ILE A 15 7.27 3.36 3.27
CA ILE A 15 6.12 3.38 2.39
C ILE A 15 4.85 3.34 3.24
N GLN A 16 4.82 2.54 4.30
CA GLN A 16 3.70 2.38 5.20
C GLN A 16 3.06 3.70 5.66
N LYS A 17 3.86 4.76 5.87
CA LYS A 17 3.36 6.09 6.25
C LYS A 17 3.09 6.95 5.03
N LEU A 18 3.88 6.78 3.96
CA LEU A 18 3.73 7.53 2.71
C LEU A 18 2.43 7.17 1.99
N LEU A 19 1.82 6.00 2.19
CA LEU A 19 0.46 5.77 1.75
C LEU A 19 -0.55 6.57 2.57
N MET A 20 -0.40 6.63 3.89
CA MET A 20 -1.43 7.20 4.77
C MET A 20 -1.64 8.68 4.49
N GLU A 21 -0.53 9.42 4.39
CA GLU A 21 -0.52 10.85 4.06
C GLU A 21 -1.32 11.12 2.79
N ALA A 22 -1.02 10.35 1.74
CA ALA A 22 -1.72 10.45 0.46
C ALA A 22 -3.21 10.14 0.64
N LEU A 23 -3.55 9.05 1.31
CA LEU A 23 -4.92 8.59 1.52
C LEU A 23 -5.79 9.65 2.21
N GLN A 24 -5.24 10.34 3.22
CA GLN A 24 -5.99 11.37 3.93
C GLN A 24 -6.42 12.48 2.95
N GLN A 25 -5.59 12.79 1.95
CA GLN A 25 -5.83 13.85 0.96
C GLN A 25 -6.54 13.33 -0.31
N LEU A 26 -6.83 12.03 -0.39
CA LEU A 26 -7.39 11.40 -1.58
C LEU A 26 -8.86 11.79 -1.79
N ARG A 27 -9.71 11.55 -0.78
CA ARG A 27 -11.16 11.74 -0.81
C ARG A 27 -11.82 11.24 -2.11
N ASP A 28 -11.52 9.99 -2.50
CA ASP A 28 -12.17 9.30 -3.62
C ASP A 28 -13.71 9.38 -3.46
N PRO A 29 -14.51 9.50 -4.54
CA PRO A 29 -15.95 9.76 -4.44
C PRO A 29 -16.78 8.64 -3.82
N ARG A 30 -16.23 7.43 -3.64
CA ARG A 30 -16.99 6.25 -3.25
C ARG A 30 -16.34 5.40 -2.17
N LEU A 31 -15.15 5.78 -1.74
CA LEU A 31 -14.33 5.04 -0.78
C LEU A 31 -14.37 5.75 0.57
N LYS A 32 -14.83 5.04 1.61
CA LYS A 32 -14.78 5.45 3.00
C LYS A 32 -13.34 5.44 3.52
N LYS A 33 -12.55 6.45 3.15
CA LYS A 33 -11.10 6.50 3.35
C LYS A 33 -10.68 6.68 4.80
N ASP A 34 -11.58 6.96 5.74
CA ASP A 34 -11.17 6.99 7.14
C ASP A 34 -11.23 5.59 7.73
N PHE A 35 -12.05 4.68 7.22
CA PHE A 35 -12.17 3.31 7.74
C PHE A 35 -11.05 2.40 7.23
N VAL A 36 -9.92 2.91 6.77
CA VAL A 36 -8.85 2.13 6.11
C VAL A 36 -7.49 2.46 6.75
N THR A 37 -6.63 1.46 6.92
CA THR A 37 -5.28 1.61 7.45
C THR A 37 -4.32 0.70 6.68
N PHE A 38 -3.13 1.22 6.33
CA PHE A 38 -2.02 0.45 5.78
C PHE A 38 -1.12 0.05 6.94
N SER A 39 -0.84 -1.24 7.04
CA SER A 39 -0.18 -1.83 8.19
C SER A 39 1.02 -2.64 7.72
N ARG A 40 0.81 -3.76 7.03
CA ARG A 40 1.90 -4.56 6.47
C ARG A 40 2.18 -4.07 5.06
N VAL A 41 3.45 -4.01 4.71
CA VAL A 41 3.95 -4.11 3.37
C VAL A 41 5.06 -5.15 3.31
N GLU A 42 5.14 -5.86 2.18
CA GLU A 42 6.27 -6.72 1.81
C GLU A 42 6.71 -6.28 0.43
N LEU A 43 7.90 -5.72 0.32
CA LEU A 43 8.46 -5.46 -0.99
C LEU A 43 9.07 -6.74 -1.54
N SER A 44 9.19 -6.78 -2.86
CA SER A 44 9.87 -7.84 -3.58
C SER A 44 11.35 -7.87 -3.17
N LYS A 45 12.03 -8.98 -3.44
CA LYS A 45 13.48 -9.11 -3.25
C LYS A 45 14.21 -7.94 -3.91
N ASP A 46 14.08 -7.76 -5.22
CA ASP A 46 14.74 -6.66 -5.94
C ASP A 46 14.11 -5.28 -5.66
N LYS A 47 13.21 -5.16 -4.66
CA LYS A 47 12.35 -4.01 -4.37
C LYS A 47 11.56 -3.48 -5.58
N ARG A 48 11.34 -4.35 -6.58
CA ARG A 48 10.65 -4.03 -7.83
C ARG A 48 9.16 -3.82 -7.67
N TYR A 49 8.54 -4.53 -6.74
CA TYR A 49 7.12 -4.42 -6.48
C TYR A 49 6.92 -4.31 -4.98
N ALA A 50 5.74 -3.84 -4.61
CA ALA A 50 5.36 -3.58 -3.23
C ALA A 50 3.98 -4.16 -2.96
N ASP A 51 3.93 -5.26 -2.19
CA ASP A 51 2.68 -5.83 -1.71
C ASP A 51 2.27 -5.01 -0.49
N VAL A 52 1.43 -3.99 -0.65
CA VAL A 52 0.93 -3.13 0.45
C VAL A 52 -0.43 -3.71 0.87
N TYR A 53 -0.52 -4.20 2.10
CA TYR A 53 -1.71 -4.79 2.68
C TYR A 53 -2.55 -3.67 3.28
N VAL A 54 -3.87 -3.77 3.11
CA VAL A 54 -4.82 -2.74 3.44
C VAL A 54 -5.88 -3.36 4.33
N SER A 55 -5.88 -3.01 5.61
CA SER A 55 -6.98 -3.34 6.50
C SER A 55 -8.10 -2.32 6.25
N PHE A 56 -9.35 -2.75 6.41
CA PHE A 56 -10.54 -1.93 6.24
C PHE A 56 -11.53 -2.29 7.35
N LEU A 57 -12.06 -1.27 8.03
CA LEU A 57 -13.19 -1.30 8.94
C LEU A 57 -14.46 -1.46 8.10
N GLY A 58 -14.66 -2.68 7.61
CA GLY A 58 -15.74 -3.11 6.74
C GLY A 58 -15.75 -4.63 6.67
N THR A 59 -16.65 -5.18 5.87
CA THR A 59 -16.79 -6.62 5.62
C THR A 59 -15.69 -7.09 4.65
N PRO A 60 -15.40 -8.40 4.56
CA PRO A 60 -14.54 -9.02 3.55
C PRO A 60 -15.21 -9.02 2.16
N GLU A 61 -16.37 -8.39 2.03
CA GLU A 61 -17.16 -8.25 0.83
C GLU A 61 -16.85 -6.87 0.27
N GLU A 62 -17.11 -5.80 1.05
CA GLU A 62 -16.78 -4.43 0.66
C GLU A 62 -15.31 -4.34 0.25
N ARG A 63 -14.40 -4.81 1.11
CA ARG A 63 -12.95 -4.71 0.89
C ARG A 63 -12.51 -5.29 -0.45
N LYS A 64 -13.27 -6.18 -1.08
CA LYS A 64 -12.89 -6.72 -2.37
C LYS A 64 -13.28 -5.83 -3.53
N GLU A 65 -14.34 -5.05 -3.38
CA GLU A 65 -14.63 -3.97 -4.32
C GLU A 65 -13.57 -2.87 -4.23
N THR A 66 -12.88 -2.72 -3.09
CA THR A 66 -12.11 -1.50 -2.83
C THR A 66 -10.64 -1.63 -3.24
N VAL A 67 -10.09 -2.85 -3.34
CA VAL A 67 -8.75 -3.11 -3.90
C VAL A 67 -8.67 -2.57 -5.34
N GLU A 68 -9.79 -2.60 -6.05
CA GLU A 68 -9.94 -2.09 -7.41
C GLU A 68 -9.84 -0.57 -7.42
N ILE A 69 -10.57 0.11 -6.52
CA ILE A 69 -10.57 1.56 -6.40
C ILE A 69 -9.14 2.03 -6.05
N LEU A 70 -8.40 1.29 -5.20
CA LEU A 70 -7.00 1.60 -4.94
C LEU A 70 -6.16 1.38 -6.19
N ASN A 71 -6.36 0.28 -6.89
CA ASN A 71 -5.56 -0.04 -8.07
C ASN A 71 -5.73 1.00 -9.17
N ARG A 72 -6.91 1.61 -9.29
CA ARG A 72 -7.17 2.71 -10.20
C ARG A 72 -6.43 3.95 -9.69
N ALA A 73 -6.55 4.28 -8.41
CA ALA A 73 -5.88 5.41 -7.76
C ALA A 73 -4.35 5.28 -7.65
N LYS A 74 -3.75 4.17 -8.08
CA LYS A 74 -2.31 3.87 -7.96
C LYS A 74 -1.41 5.05 -8.34
N GLY A 75 -1.70 5.77 -9.43
CA GLY A 75 -0.83 6.84 -9.92
C GLY A 75 -0.66 7.95 -8.87
N PHE A 76 -1.77 8.42 -8.28
CA PHE A 76 -1.78 9.39 -7.20
C PHE A 76 -0.90 8.87 -6.05
N PHE A 77 -1.22 7.67 -5.59
CA PHE A 77 -0.55 7.03 -4.47
C PHE A 77 0.97 6.98 -4.67
N ARG A 78 1.42 6.42 -5.78
CA ARG A 78 2.84 6.17 -6.03
C ARG A 78 3.60 7.46 -6.21
N THR A 79 3.01 8.42 -6.91
CA THR A 79 3.63 9.72 -7.13
C THR A 79 4.06 10.33 -5.80
N PHE A 80 3.22 10.23 -4.78
CA PHE A 80 3.52 10.73 -3.45
C PHE A 80 4.85 10.16 -2.93
N ILE A 81 5.05 8.85 -3.13
CA ILE A 81 6.28 8.19 -2.71
C ILE A 81 7.44 8.64 -3.61
N ALA A 82 7.24 8.65 -4.93
CA ALA A 82 8.27 8.98 -5.91
C ALA A 82 8.81 10.40 -5.70
N LYS A 83 7.95 11.34 -5.28
CA LYS A 83 8.30 12.68 -4.83
C LYS A 83 9.28 12.60 -3.66
N ASN A 84 8.91 11.90 -2.59
CA ASN A 84 9.69 11.80 -1.35
C ASN A 84 11.06 11.17 -1.61
N LEU A 85 11.09 10.04 -2.32
CA LEU A 85 12.25 9.18 -2.49
C LEU A 85 13.27 9.83 -3.43
N ARG A 86 14.53 9.79 -3.02
CA ARG A 86 15.67 10.04 -3.89
C ARG A 86 15.94 8.78 -4.73
N LEU A 87 15.04 8.47 -5.69
CA LEU A 87 15.25 7.45 -6.73
C LEU A 87 14.50 7.88 -7.99
N TYR A 88 14.73 7.19 -9.11
CA TYR A 88 14.03 7.41 -10.38
C TYR A 88 12.66 6.72 -10.36
N VAL A 89 12.60 5.43 -10.70
CA VAL A 89 11.35 4.69 -10.76
C VAL A 89 10.84 4.39 -9.35
N ALA A 90 9.60 3.93 -9.21
CA ALA A 90 9.04 3.40 -7.96
C ALA A 90 8.34 2.08 -8.28
N PRO A 91 8.17 1.16 -7.31
CA PRO A 91 7.57 -0.14 -7.52
C PRO A 91 6.12 -0.06 -7.98
N GLU A 92 5.57 -1.16 -8.48
CA GLU A 92 4.13 -1.31 -8.52
C GLU A 92 3.64 -1.43 -7.10
N ILE A 93 2.56 -0.73 -6.78
CA ILE A 93 1.86 -0.87 -5.53
C ILE A 93 0.80 -1.94 -5.77
N ARG A 94 1.14 -3.23 -5.60
CA ARG A 94 0.13 -4.28 -5.57
C ARG A 94 -0.59 -4.10 -4.24
N PHE A 95 -1.79 -3.53 -4.29
CA PHE A 95 -2.64 -3.41 -3.12
C PHE A 95 -3.23 -4.79 -2.79
N TYR A 96 -3.38 -5.11 -1.50
CA TYR A 96 -4.01 -6.34 -1.01
C TYR A 96 -5.11 -6.01 -0.01
N GLU A 97 -5.96 -6.98 0.25
CA GLU A 97 -7.13 -6.94 1.11
C GLU A 97 -6.85 -7.47 2.51
N ASP A 98 -5.66 -7.09 2.98
CA ASP A 98 -4.98 -7.61 4.16
C ASP A 98 -5.04 -9.14 4.18
N LYS A 99 -4.32 -9.75 3.23
CA LYS A 99 -4.21 -11.18 2.90
C LYS A 99 -5.52 -11.89 2.55
N GLY A 100 -6.67 -11.36 2.96
CA GLY A 100 -7.93 -12.09 2.89
C GLY A 100 -7.92 -13.25 3.87
N ILE A 101 -9.09 -13.87 4.04
CA ILE A 101 -9.26 -15.03 4.88
C ILE A 101 -9.93 -16.08 4.00
N GLU A 102 -9.12 -16.83 3.26
CA GLU A 102 -9.57 -18.01 2.53
C GLU A 102 -8.65 -19.20 2.81
N ALA A 103 -7.33 -19.00 2.97
CA ALA A 103 -6.33 -20.07 3.11
C ALA A 103 -6.47 -21.12 2.00
N SER A 104 -6.54 -20.67 0.75
CA SER A 104 -6.42 -21.49 -0.44
C SER A 104 -5.66 -20.71 -1.52
N VAL A 105 -5.47 -21.34 -2.69
CA VAL A 105 -4.61 -20.87 -3.78
C VAL A 105 -5.33 -21.17 -5.09
N LYS A 106 -5.35 -22.44 -5.47
CA LYS A 106 -5.97 -23.04 -6.63
C LYS A 106 -6.38 -24.43 -6.19
N GLY A 1 10.08 -6.30 19.99
CA GLY A 1 10.63 -6.02 18.66
C GLY A 1 9.65 -6.47 17.57
N MET A 2 9.63 -5.77 16.44
CA MET A 2 8.74 -6.04 15.31
C MET A 2 9.59 -6.58 14.14
N ASN A 3 10.20 -5.73 13.32
CA ASN A 3 10.84 -6.12 12.06
C ASN A 3 12.34 -5.77 12.10
N PRO A 4 13.20 -6.64 12.65
CA PRO A 4 14.62 -6.39 12.83
C PRO A 4 15.37 -6.49 11.49
N ALA A 5 15.43 -5.41 10.71
CA ALA A 5 16.39 -5.28 9.62
C ALA A 5 16.76 -3.83 9.41
N TYR A 6 17.92 -3.61 8.78
CA TYR A 6 18.34 -2.35 8.21
C TYR A 6 18.03 -2.36 6.71
N ARG A 7 18.11 -1.21 6.03
CA ARG A 7 17.91 -1.00 4.60
C ARG A 7 16.52 -1.38 4.10
N LYS A 8 16.21 -2.66 3.87
CA LYS A 8 14.90 -3.09 3.37
C LYS A 8 13.80 -2.52 4.27
N ALA A 9 13.82 -2.84 5.57
CA ALA A 9 12.80 -2.38 6.51
C ALA A 9 12.67 -0.86 6.57
N MET A 10 13.78 -0.11 6.41
CA MET A 10 13.75 1.36 6.40
C MET A 10 12.99 1.91 5.20
N LEU A 11 12.85 1.13 4.14
CA LEU A 11 12.14 1.49 2.92
C LEU A 11 10.64 1.25 3.11
N GLU A 12 10.30 0.10 3.67
CA GLU A 12 8.92 -0.35 3.83
C GLU A 12 8.14 0.67 4.68
N SER A 13 8.69 1.10 5.83
CA SER A 13 8.08 2.12 6.66
C SER A 13 8.10 3.53 6.04
N GLU A 14 9.07 3.85 5.16
CA GLU A 14 9.13 5.12 4.46
C GLU A 14 7.89 5.28 3.59
N ILE A 15 7.64 4.29 2.72
CA ILE A 15 6.54 4.34 1.79
C ILE A 15 5.21 4.34 2.55
N GLN A 16 5.13 3.66 3.71
CA GLN A 16 3.92 3.63 4.52
C GLN A 16 3.43 5.04 4.86
N LYS A 17 4.35 5.95 5.19
CA LYS A 17 4.00 7.33 5.54
C LYS A 17 3.53 8.07 4.30
N LEU A 18 4.29 7.97 3.21
CA LEU A 18 3.94 8.61 1.95
C LEU A 18 2.56 8.17 1.47
N LEU A 19 2.25 6.87 1.59
CA LEU A 19 0.96 6.32 1.21
C LEU A 19 -0.14 6.85 2.14
N MET A 20 0.09 6.91 3.45
CA MET A 20 -0.86 7.50 4.39
C MET A 20 -1.19 8.93 4.00
N GLU A 21 -0.19 9.75 3.68
CA GLU A 21 -0.33 11.10 3.18
C GLU A 21 -1.23 11.15 1.93
N ALA A 22 -0.90 10.35 0.92
CA ALA A 22 -1.68 10.28 -0.31
C ALA A 22 -3.13 9.89 -0.04
N LEU A 23 -3.38 9.03 0.97
CA LEU A 23 -4.71 8.62 1.42
C LEU A 23 -5.52 9.82 1.87
N GLN A 24 -4.93 10.69 2.68
CA GLN A 24 -5.58 11.93 3.08
C GLN A 24 -5.89 12.84 1.90
N GLN A 25 -4.99 12.95 0.93
CA GLN A 25 -5.22 13.78 -0.25
C GLN A 25 -6.34 13.19 -1.12
N LEU A 26 -6.45 11.86 -1.17
CA LEU A 26 -7.32 11.08 -2.02
C LEU A 26 -8.79 11.48 -1.81
N ARG A 27 -9.54 11.69 -2.91
CA ARG A 27 -10.99 11.86 -2.83
C ARG A 27 -11.59 10.49 -2.61
N ASP A 28 -11.75 9.74 -3.70
CA ASP A 28 -12.36 8.40 -3.78
C ASP A 28 -13.63 8.34 -2.93
N PRO A 29 -14.71 8.99 -3.37
CA PRO A 29 -15.93 9.18 -2.62
C PRO A 29 -16.68 7.86 -2.35
N ARG A 30 -16.23 6.77 -2.98
CA ARG A 30 -16.70 5.39 -2.75
C ARG A 30 -15.84 4.60 -1.75
N LEU A 31 -14.83 5.24 -1.17
CA LEU A 31 -13.85 4.67 -0.26
C LEU A 31 -13.95 5.43 1.07
N LYS A 32 -14.46 4.79 2.12
CA LYS A 32 -14.46 5.30 3.48
C LYS A 32 -13.03 5.42 4.01
N LYS A 33 -12.28 6.47 3.67
CA LYS A 33 -10.91 6.60 4.16
C LYS A 33 -10.87 6.75 5.67
N ASP A 34 -11.98 7.20 6.25
CA ASP A 34 -12.23 7.35 7.67
C ASP A 34 -11.94 6.08 8.46
N PHE A 35 -11.89 4.89 7.82
CA PHE A 35 -11.73 3.60 8.49
C PHE A 35 -10.58 2.74 7.91
N VAL A 36 -9.72 3.31 7.05
CA VAL A 36 -8.61 2.60 6.40
C VAL A 36 -7.31 2.94 7.13
N THR A 37 -6.47 1.94 7.40
CA THR A 37 -5.06 2.13 7.78
C THR A 37 -4.21 1.19 6.92
N PHE A 38 -2.90 1.38 6.97
CA PHE A 38 -1.87 0.53 6.38
C PHE A 38 -0.89 0.24 7.51
N SER A 39 -0.50 -1.02 7.67
CA SER A 39 0.41 -1.43 8.73
C SER A 39 1.54 -2.26 8.12
N ARG A 40 1.24 -3.48 7.69
CA ARG A 40 2.25 -4.37 7.10
C ARG A 40 2.50 -3.87 5.68
N VAL A 41 3.77 -3.81 5.29
CA VAL A 41 4.20 -3.46 3.95
C VAL A 41 5.35 -4.42 3.65
N GLU A 42 5.33 -5.08 2.49
CA GLU A 42 6.47 -5.83 2.00
C GLU A 42 6.87 -5.23 0.66
N LEU A 43 8.16 -5.00 0.43
CA LEU A 43 8.69 -4.88 -0.91
C LEU A 43 9.03 -6.27 -1.43
N SER A 44 8.97 -6.41 -2.75
CA SER A 44 9.40 -7.59 -3.47
C SER A 44 10.91 -7.77 -3.35
N LYS A 45 11.38 -8.96 -3.76
CA LYS A 45 12.78 -9.37 -3.73
C LYS A 45 13.68 -8.28 -4.31
N ASP A 46 13.62 -8.07 -5.63
CA ASP A 46 14.41 -7.05 -6.35
C ASP A 46 13.70 -5.68 -6.31
N LYS A 47 12.98 -5.37 -5.22
CA LYS A 47 12.17 -4.16 -4.98
C LYS A 47 11.25 -3.82 -6.17
N ARG A 48 10.75 -4.85 -6.86
CA ARG A 48 10.02 -4.72 -8.13
C ARG A 48 8.53 -4.43 -7.96
N TYR A 49 7.97 -4.85 -6.83
CA TYR A 49 6.58 -4.66 -6.46
C TYR A 49 6.57 -4.28 -4.99
N ALA A 50 5.45 -3.74 -4.54
CA ALA A 50 5.23 -3.30 -3.19
C ALA A 50 3.84 -3.77 -2.84
N ASP A 51 3.71 -4.43 -1.71
CA ASP A 51 2.57 -5.23 -1.37
C ASP A 51 2.10 -4.71 -0.02
N VAL A 52 1.15 -3.78 -0.07
CA VAL A 52 0.67 -2.99 1.06
C VAL A 52 -0.54 -3.72 1.65
N TYR A 53 -0.53 -3.92 2.96
CA TYR A 53 -1.61 -4.59 3.67
C TYR A 53 -2.49 -3.51 4.29
N VAL A 54 -3.77 -3.56 3.96
CA VAL A 54 -4.75 -2.52 4.20
C VAL A 54 -5.85 -3.12 5.08
N SER A 55 -5.71 -2.96 6.40
CA SER A 55 -6.77 -3.36 7.30
C SER A 55 -7.88 -2.32 7.24
N PHE A 56 -9.12 -2.76 7.06
CA PHE A 56 -10.30 -1.92 7.00
C PHE A 56 -11.17 -2.22 8.22
N LEU A 57 -11.95 -1.26 8.71
CA LEU A 57 -12.73 -1.42 9.95
C LEU A 57 -14.18 -1.80 9.66
N GLY A 58 -14.40 -2.41 8.49
CA GLY A 58 -15.69 -2.89 8.02
C GLY A 58 -15.79 -4.39 8.30
N THR A 59 -16.56 -5.09 7.46
CA THR A 59 -16.46 -6.53 7.30
C THR A 59 -15.35 -6.87 6.29
N PRO A 60 -14.91 -8.14 6.21
CA PRO A 60 -14.08 -8.60 5.11
C PRO A 60 -14.81 -8.42 3.77
N GLU A 61 -16.13 -8.57 3.73
CA GLU A 61 -16.90 -8.53 2.50
C GLU A 61 -17.11 -7.09 2.02
N GLU A 62 -17.26 -6.10 2.92
CA GLU A 62 -17.28 -4.69 2.53
C GLU A 62 -15.95 -4.28 1.91
N ARG A 63 -14.81 -4.86 2.34
CA ARG A 63 -13.53 -4.46 1.78
C ARG A 63 -13.41 -4.85 0.29
N LYS A 64 -14.19 -5.82 -0.19
CA LYS A 64 -14.05 -6.36 -1.54
C LYS A 64 -14.41 -5.36 -2.64
N GLU A 65 -15.14 -4.30 -2.32
CA GLU A 65 -15.28 -3.13 -3.18
C GLU A 65 -14.00 -2.29 -3.14
N THR A 66 -13.63 -1.79 -1.96
CA THR A 66 -12.59 -0.77 -1.79
C THR A 66 -11.19 -1.24 -2.19
N VAL A 67 -10.93 -2.54 -2.17
CA VAL A 67 -9.72 -3.15 -2.70
C VAL A 67 -9.54 -2.78 -4.18
N GLU A 68 -10.61 -2.82 -4.99
CA GLU A 68 -10.55 -2.48 -6.40
C GLU A 68 -10.40 -0.97 -6.55
N ILE A 69 -11.13 -0.18 -5.76
CA ILE A 69 -11.05 1.29 -5.80
C ILE A 69 -9.58 1.70 -5.59
N LEU A 70 -8.92 1.16 -4.56
CA LEU A 70 -7.49 1.41 -4.30
C LEU A 70 -6.62 1.02 -5.48
N ASN A 71 -6.87 -0.15 -6.05
CA ASN A 71 -6.13 -0.68 -7.19
C ASN A 71 -6.38 0.10 -8.49
N ARG A 72 -7.47 0.85 -8.59
CA ARG A 72 -7.68 1.88 -9.61
C ARG A 72 -6.94 3.18 -9.25
N ALA A 73 -7.02 3.63 -8.00
CA ALA A 73 -6.32 4.82 -7.46
C ALA A 73 -4.79 4.67 -7.44
N LYS A 74 -4.29 3.47 -7.73
CA LYS A 74 -2.90 3.05 -7.68
C LYS A 74 -1.94 4.07 -8.31
N GLY A 75 -2.30 4.65 -9.45
CA GLY A 75 -1.47 5.61 -10.14
C GLY A 75 -1.29 6.88 -9.33
N PHE A 76 -2.37 7.47 -8.81
CA PHE A 76 -2.30 8.65 -7.95
C PHE A 76 -1.39 8.36 -6.76
N PHE A 77 -1.62 7.23 -6.06
CA PHE A 77 -0.77 6.77 -4.98
C PHE A 77 0.70 6.74 -5.42
N ARG A 78 1.04 5.91 -6.41
CA ARG A 78 2.41 5.61 -6.83
C ARG A 78 3.16 6.88 -7.22
N THR A 79 2.50 7.73 -7.98
CA THR A 79 3.05 8.99 -8.47
C THR A 79 3.59 9.84 -7.32
N PHE A 80 2.84 9.95 -6.23
CA PHE A 80 3.24 10.72 -5.05
C PHE A 80 4.54 10.18 -4.44
N ILE A 81 4.70 8.86 -4.44
CA ILE A 81 5.89 8.19 -3.92
C ILE A 81 7.05 8.42 -4.90
N ALA A 82 6.81 8.22 -6.20
CA ALA A 82 7.83 8.38 -7.25
C ALA A 82 8.33 9.82 -7.28
N LYS A 83 7.48 10.81 -7.00
CA LYS A 83 7.84 12.22 -6.82
C LYS A 83 8.88 12.34 -5.71
N ASN A 84 8.58 11.79 -4.53
CA ASN A 84 9.39 11.92 -3.32
C ASN A 84 10.76 11.26 -3.45
N LEU A 85 10.88 10.17 -4.21
CA LEU A 85 12.06 9.30 -4.23
C LEU A 85 12.87 9.58 -5.50
N ARG A 86 14.19 9.42 -5.42
CA ARG A 86 15.10 9.69 -6.55
C ARG A 86 15.13 8.51 -7.51
N LEU A 87 14.05 8.29 -8.26
CA LEU A 87 13.97 7.34 -9.37
C LEU A 87 13.13 7.96 -10.49
N TYR A 88 12.93 7.19 -11.55
CA TYR A 88 11.89 7.39 -12.56
C TYR A 88 10.79 6.37 -12.25
N VAL A 89 11.12 5.10 -12.45
CA VAL A 89 10.32 3.92 -12.16
C VAL A 89 10.04 3.75 -10.65
N ALA A 90 9.11 2.87 -10.31
CA ALA A 90 8.62 2.59 -8.96
C ALA A 90 8.27 1.10 -8.86
N PRO A 91 8.05 0.54 -7.66
CA PRO A 91 7.28 -0.68 -7.51
C PRO A 91 5.80 -0.44 -7.81
N GLU A 92 5.12 -1.44 -8.36
CA GLU A 92 3.67 -1.44 -8.52
C GLU A 92 3.03 -1.70 -7.14
N ILE A 93 2.31 -0.71 -6.60
CA ILE A 93 1.71 -0.68 -5.26
C ILE A 93 0.43 -1.53 -5.21
N ARG A 94 0.49 -2.81 -4.87
CA ARG A 94 -0.72 -3.61 -4.60
C ARG A 94 -1.29 -3.28 -3.21
N PHE A 95 -2.61 -3.43 -3.04
CA PHE A 95 -3.33 -3.12 -1.82
C PHE A 95 -4.20 -4.29 -1.33
N TYR A 96 -3.64 -5.14 -0.48
CA TYR A 96 -4.30 -6.37 -0.01
C TYR A 96 -5.10 -6.12 1.27
N GLU A 97 -5.93 -7.08 1.66
CA GLU A 97 -6.90 -6.96 2.74
C GLU A 97 -6.34 -7.41 4.09
N ASP A 98 -5.08 -7.10 4.39
CA ASP A 98 -4.44 -7.44 5.67
C ASP A 98 -4.42 -8.96 5.94
N LYS A 99 -4.48 -9.75 4.87
CA LYS A 99 -4.45 -11.22 4.89
C LYS A 99 -3.63 -11.74 3.71
N GLY A 100 -2.52 -11.08 3.39
CA GLY A 100 -1.56 -11.57 2.42
C GLY A 100 -1.02 -12.91 2.89
N ILE A 101 -1.43 -14.02 2.28
CA ILE A 101 -0.85 -15.31 2.60
C ILE A 101 0.64 -15.29 2.21
N GLU A 102 1.44 -16.08 2.90
CA GLU A 102 2.88 -16.14 2.70
C GLU A 102 3.25 -16.74 1.33
N ALA A 103 2.43 -17.68 0.87
CA ALA A 103 2.70 -18.52 -0.29
C ALA A 103 2.47 -17.74 -1.58
N SER A 104 3.19 -18.11 -2.63
CA SER A 104 2.99 -17.54 -3.96
C SER A 104 2.40 -18.61 -4.88
N VAL A 105 3.12 -19.70 -5.14
CA VAL A 105 2.82 -20.82 -6.05
C VAL A 105 2.43 -20.43 -7.49
N LYS A 106 2.36 -19.14 -7.83
CA LYS A 106 2.51 -18.66 -9.20
C LYS A 106 3.90 -19.05 -9.69
N GLY A 1 13.72 -8.99 17.11
CA GLY A 1 12.28 -9.07 16.88
C GLY A 1 11.72 -7.72 16.49
N MET A 2 11.63 -6.76 17.42
CA MET A 2 11.49 -5.35 17.02
C MET A 2 12.80 -4.89 16.35
N ASN A 3 12.79 -3.66 15.83
CA ASN A 3 13.96 -2.86 15.47
C ASN A 3 15.03 -3.67 14.74
N PRO A 4 14.82 -4.01 13.46
CA PRO A 4 15.88 -4.56 12.66
C PRO A 4 16.99 -3.53 12.51
N ALA A 5 16.63 -2.28 12.18
CA ALA A 5 17.56 -1.26 11.74
C ALA A 5 18.40 -1.80 10.59
N TYR A 6 17.74 -2.28 9.52
CA TYR A 6 18.34 -2.74 8.28
C TYR A 6 17.66 -2.04 7.11
N ARG A 7 18.41 -1.81 6.03
CA ARG A 7 17.94 -1.03 4.89
C ARG A 7 16.72 -1.65 4.22
N LYS A 8 16.63 -2.99 4.03
CA LYS A 8 15.45 -3.60 3.39
C LYS A 8 14.24 -3.55 4.31
N ALA A 9 14.44 -3.39 5.62
CA ALA A 9 13.41 -3.18 6.62
C ALA A 9 13.30 -1.68 6.97
N MET A 10 13.50 -0.80 5.98
CA MET A 10 13.45 0.66 6.15
C MET A 10 12.60 1.27 5.03
N LEU A 11 12.84 0.87 3.77
CA LEU A 11 12.09 1.37 2.63
C LEU A 11 10.58 1.13 2.74
N GLU A 12 10.22 0.02 3.35
CA GLU A 12 8.84 -0.38 3.64
C GLU A 12 8.17 0.66 4.56
N SER A 13 8.80 1.03 5.68
CA SER A 13 8.26 2.04 6.63
C SER A 13 8.16 3.42 5.98
N GLU A 14 9.09 3.80 5.10
CA GLU A 14 8.99 5.03 4.35
C GLU A 14 7.70 5.02 3.53
N ILE A 15 7.55 4.01 2.67
CA ILE A 15 6.44 3.89 1.74
C ILE A 15 5.13 3.84 2.52
N GLN A 16 5.11 3.24 3.72
CA GLN A 16 3.95 3.20 4.57
C GLN A 16 3.45 4.62 4.86
N LYS A 17 4.33 5.53 5.27
CA LYS A 17 3.93 6.87 5.72
C LYS A 17 3.56 7.73 4.52
N LEU A 18 4.33 7.62 3.44
CA LEU A 18 4.07 8.34 2.19
C LEU A 18 2.67 8.02 1.66
N LEU A 19 2.27 6.74 1.71
CA LEU A 19 0.94 6.32 1.27
C LEU A 19 -0.16 6.87 2.18
N MET A 20 0.09 7.03 3.48
CA MET A 20 -0.94 7.55 4.39
C MET A 20 -1.17 9.04 4.12
N GLU A 21 -0.09 9.81 3.99
CA GLU A 21 -0.15 11.20 3.58
C GLU A 21 -0.91 11.36 2.27
N ALA A 22 -0.62 10.51 1.27
CA ALA A 22 -1.32 10.49 0.00
C ALA A 22 -2.81 10.21 0.19
N LEU A 23 -3.17 9.21 0.99
CA LEU A 23 -4.57 8.82 1.22
C LEU A 23 -5.34 10.01 1.76
N GLN A 24 -4.85 10.69 2.79
CA GLN A 24 -5.57 11.82 3.37
C GLN A 24 -5.85 12.93 2.35
N GLN A 25 -4.98 13.05 1.33
CA GLN A 25 -5.06 14.04 0.28
C GLN A 25 -5.79 13.53 -0.97
N LEU A 26 -6.09 12.24 -1.06
CA LEU A 26 -6.70 11.60 -2.22
C LEU A 26 -8.16 12.03 -2.34
N ARG A 27 -8.57 12.52 -3.51
CA ARG A 27 -9.97 12.77 -3.83
C ARG A 27 -10.62 11.40 -4.10
N ASP A 28 -11.01 10.67 -3.05
CA ASP A 28 -11.75 9.41 -3.14
C ASP A 28 -13.16 9.59 -2.56
N PRO A 29 -14.07 10.30 -3.25
CA PRO A 29 -15.39 10.59 -2.74
C PRO A 29 -16.22 9.32 -2.52
N ARG A 30 -15.88 8.20 -3.17
CA ARG A 30 -16.59 6.96 -2.93
C ARG A 30 -15.95 6.11 -1.84
N LEU A 31 -14.64 6.22 -1.63
CA LEU A 31 -13.96 5.38 -0.68
C LEU A 31 -13.99 6.04 0.69
N LYS A 32 -14.23 5.25 1.74
CA LYS A 32 -14.33 5.72 3.10
C LYS A 32 -12.95 5.62 3.74
N LYS A 33 -12.05 6.55 3.40
CA LYS A 33 -10.68 6.50 3.90
C LYS A 33 -10.59 6.63 5.41
N ASP A 34 -11.62 7.19 6.05
CA ASP A 34 -11.75 7.25 7.51
C ASP A 34 -11.68 5.86 8.18
N PHE A 35 -11.96 4.79 7.44
CA PHE A 35 -11.93 3.40 7.90
C PHE A 35 -10.76 2.62 7.30
N VAL A 36 -9.74 3.29 6.78
CA VAL A 36 -8.55 2.68 6.20
C VAL A 36 -7.38 2.95 7.12
N THR A 37 -6.58 1.92 7.36
CA THR A 37 -5.18 2.02 7.77
C THR A 37 -4.44 0.87 7.07
N PHE A 38 -3.21 1.14 6.66
CA PHE A 38 -2.30 0.21 6.01
C PHE A 38 -1.32 -0.26 7.09
N SER A 39 -1.22 -1.57 7.34
CA SER A 39 -0.42 -2.09 8.44
C SER A 39 0.91 -2.62 7.92
N ARG A 40 0.88 -3.61 7.02
CA ARG A 40 2.10 -4.25 6.52
C ARG A 40 2.41 -3.72 5.12
N VAL A 41 3.69 -3.75 4.76
CA VAL A 41 4.21 -3.51 3.42
C VAL A 41 5.28 -4.59 3.21
N GLU A 42 5.44 -5.12 2.00
CA GLU A 42 6.61 -5.86 1.57
C GLU A 42 6.96 -5.42 0.16
N LEU A 43 8.23 -5.13 -0.12
CA LEU A 43 8.69 -4.93 -1.47
C LEU A 43 9.34 -6.19 -2.01
N SER A 44 9.18 -6.35 -3.32
CA SER A 44 9.75 -7.40 -4.14
C SER A 44 11.27 -7.40 -4.02
N LYS A 45 11.90 -8.52 -4.40
CA LYS A 45 13.34 -8.74 -4.31
C LYS A 45 14.10 -7.61 -4.97
N ASP A 46 13.84 -7.36 -6.26
CA ASP A 46 14.43 -6.26 -7.02
C ASP A 46 13.59 -4.98 -6.94
N LYS A 47 12.72 -4.87 -5.92
CA LYS A 47 11.89 -3.70 -5.60
C LYS A 47 10.92 -3.31 -6.72
N ARG A 48 10.62 -4.21 -7.65
CA ARG A 48 9.72 -3.93 -8.77
C ARG A 48 8.27 -3.77 -8.34
N TYR A 49 7.87 -4.41 -7.26
CA TYR A 49 6.50 -4.50 -6.76
C TYR A 49 6.53 -4.12 -5.29
N ALA A 50 5.42 -3.56 -4.81
CA ALA A 50 5.23 -3.14 -3.42
C ALA A 50 3.84 -3.60 -2.98
N ASP A 51 3.77 -4.73 -2.28
CA ASP A 51 2.53 -5.24 -1.72
C ASP A 51 2.27 -4.41 -0.46
N VAL A 52 1.03 -3.93 -0.27
CA VAL A 52 0.60 -3.19 0.91
C VAL A 52 -0.66 -3.87 1.45
N TYR A 53 -0.79 -3.89 2.77
CA TYR A 53 -1.74 -4.71 3.49
C TYR A 53 -2.67 -3.78 4.25
N VAL A 54 -3.97 -3.89 3.99
CA VAL A 54 -4.97 -2.92 4.38
C VAL A 54 -6.16 -3.58 5.04
N SER A 55 -6.37 -3.26 6.32
CA SER A 55 -7.44 -3.82 7.10
C SER A 55 -8.59 -2.81 7.07
N PHE A 56 -9.50 -2.91 6.10
CA PHE A 56 -10.63 -1.99 6.00
C PHE A 56 -11.61 -2.22 7.14
N LEU A 57 -11.98 -1.16 7.87
CA LEU A 57 -12.86 -1.17 9.03
C LEU A 57 -14.34 -1.18 8.63
N GLY A 58 -14.68 -1.86 7.53
CA GLY A 58 -16.04 -2.14 7.09
C GLY A 58 -16.34 -3.61 7.25
N THR A 59 -17.38 -4.09 6.57
CA THR A 59 -17.74 -5.51 6.63
C THR A 59 -16.72 -6.29 5.79
N PRO A 60 -16.58 -7.61 5.95
CA PRO A 60 -15.68 -8.40 5.12
C PRO A 60 -16.16 -8.44 3.66
N GLU A 61 -17.47 -8.28 3.44
CA GLU A 61 -18.07 -8.18 2.12
C GLU A 61 -17.61 -6.86 1.49
N GLU A 62 -17.89 -5.71 2.12
CA GLU A 62 -17.51 -4.42 1.56
C GLU A 62 -16.00 -4.33 1.36
N ARG A 63 -15.19 -4.86 2.29
CA ARG A 63 -13.73 -4.85 2.22
C ARG A 63 -13.22 -5.40 0.88
N LYS A 64 -13.93 -6.33 0.24
CA LYS A 64 -13.56 -6.87 -1.05
C LYS A 64 -13.86 -5.96 -2.23
N GLU A 65 -14.70 -4.96 -2.06
CA GLU A 65 -14.97 -3.97 -3.08
C GLU A 65 -14.05 -2.75 -2.93
N THR A 66 -13.57 -2.43 -1.73
CA THR A 66 -12.79 -1.21 -1.58
C THR A 66 -11.38 -1.38 -2.16
N VAL A 67 -10.86 -2.62 -2.20
CA VAL A 67 -9.61 -3.01 -2.84
C VAL A 67 -9.60 -2.57 -4.31
N GLU A 68 -10.75 -2.67 -4.99
CA GLU A 68 -10.94 -2.30 -6.38
C GLU A 68 -10.81 -0.79 -6.56
N ILE A 69 -11.42 -0.03 -5.64
CA ILE A 69 -11.46 1.43 -5.68
C ILE A 69 -10.05 1.99 -5.43
N LEU A 70 -9.33 1.43 -4.46
CA LEU A 70 -7.94 1.74 -4.17
C LEU A 70 -7.06 1.55 -5.41
N ASN A 71 -7.28 0.46 -6.13
CA ASN A 71 -6.45 0.10 -7.27
C ASN A 71 -6.69 0.98 -8.50
N ARG A 72 -7.87 1.58 -8.63
CA ARG A 72 -8.03 2.75 -9.52
C ARG A 72 -7.24 3.95 -9.00
N ALA A 73 -7.39 4.31 -7.71
CA ALA A 73 -6.73 5.48 -7.11
C ALA A 73 -5.19 5.37 -7.10
N LYS A 74 -4.65 4.17 -7.33
CA LYS A 74 -3.25 3.82 -7.48
C LYS A 74 -2.49 4.80 -8.39
N GLY A 75 -3.12 5.37 -9.43
CA GLY A 75 -2.46 6.34 -10.28
C GLY A 75 -2.09 7.63 -9.53
N PHE A 76 -3.00 8.16 -8.69
CA PHE A 76 -2.74 9.32 -7.84
C PHE A 76 -1.66 8.95 -6.82
N PHE A 77 -1.87 7.85 -6.09
CA PHE A 77 -0.98 7.37 -5.03
C PHE A 77 0.48 7.44 -5.47
N ARG A 78 0.85 6.73 -6.54
CA ARG A 78 2.24 6.59 -6.98
C ARG A 78 2.88 7.96 -7.25
N THR A 79 2.08 8.87 -7.81
CA THR A 79 2.49 10.21 -8.19
C THR A 79 2.80 11.10 -6.98
N PHE A 80 2.35 10.74 -5.77
CA PHE A 80 2.88 11.30 -4.53
C PHE A 80 4.22 10.65 -4.21
N ILE A 81 4.25 9.32 -4.10
CA ILE A 81 5.40 8.59 -3.56
C ILE A 81 6.64 8.87 -4.39
N ALA A 82 6.54 8.94 -5.72
CA ALA A 82 7.70 9.12 -6.60
C ALA A 82 8.43 10.44 -6.35
N LYS A 83 7.78 11.45 -5.74
CA LYS A 83 8.43 12.67 -5.27
C LYS A 83 9.44 12.38 -4.15
N ASN A 84 9.25 11.28 -3.43
CA ASN A 84 10.01 10.89 -2.24
C ASN A 84 10.69 9.53 -2.40
N LEU A 85 10.60 8.92 -3.59
CA LEU A 85 11.23 7.67 -3.99
C LEU A 85 12.24 7.93 -5.13
N ARG A 86 12.93 6.90 -5.61
CA ARG A 86 13.93 7.02 -6.68
C ARG A 86 13.28 7.29 -8.05
N LEU A 87 13.16 8.56 -8.47
CA LEU A 87 12.65 8.97 -9.77
C LEU A 87 11.18 8.55 -9.98
N TYR A 88 10.62 8.89 -11.14
CA TYR A 88 9.26 8.53 -11.53
C TYR A 88 9.03 7.01 -11.55
N VAL A 89 9.98 6.23 -12.07
CA VAL A 89 9.80 4.79 -12.25
C VAL A 89 9.87 4.12 -10.88
N ALA A 90 8.70 3.65 -10.42
CA ALA A 90 8.39 3.28 -9.05
C ALA A 90 7.93 1.82 -8.99
N PRO A 91 7.87 1.19 -7.80
CA PRO A 91 7.24 -0.11 -7.66
C PRO A 91 5.75 -0.04 -7.99
N GLU A 92 5.17 -1.17 -8.39
CA GLU A 92 3.73 -1.29 -8.50
C GLU A 92 3.18 -1.49 -7.09
N ILE A 93 2.58 -0.42 -6.57
CA ILE A 93 1.81 -0.34 -5.35
C ILE A 93 0.59 -1.28 -5.50
N ARG A 94 0.49 -2.36 -4.73
CA ARG A 94 -0.58 -3.36 -4.84
C ARG A 94 -1.34 -3.39 -3.51
N PHE A 95 -2.51 -2.75 -3.48
CA PHE A 95 -3.35 -2.71 -2.28
C PHE A 95 -4.06 -4.05 -2.16
N TYR A 96 -3.47 -4.95 -1.38
CA TYR A 96 -4.07 -6.21 -0.97
C TYR A 96 -4.72 -5.99 0.39
N GLU A 97 -5.99 -6.34 0.54
CA GLU A 97 -6.72 -6.12 1.78
C GLU A 97 -6.35 -7.16 2.84
N ASP A 98 -5.20 -6.97 3.44
CA ASP A 98 -4.63 -7.63 4.61
C ASP A 98 -4.69 -9.16 4.53
N LYS A 99 -3.86 -9.70 3.62
CA LYS A 99 -3.80 -11.10 3.21
C LYS A 99 -3.61 -12.05 4.40
N GLY A 100 -2.59 -11.81 5.23
CA GLY A 100 -2.08 -12.76 6.20
C GLY A 100 -1.63 -14.05 5.52
N ILE A 101 -0.38 -14.06 5.06
CA ILE A 101 0.49 -15.09 4.49
C ILE A 101 0.07 -15.44 3.04
N GLU A 102 0.86 -16.27 2.35
CA GLU A 102 0.60 -16.74 0.98
C GLU A 102 0.98 -18.22 0.85
N ALA A 103 -0.01 -19.08 0.61
CA ALA A 103 0.16 -20.45 0.16
C ALA A 103 -0.58 -20.64 -1.15
N SER A 104 0.17 -20.75 -2.26
CA SER A 104 -0.37 -21.21 -3.53
C SER A 104 0.42 -22.45 -3.97
N VAL A 105 1.56 -22.27 -4.64
CA VAL A 105 2.24 -23.39 -5.31
C VAL A 105 3.70 -23.08 -5.67
N LYS A 106 4.01 -21.84 -6.06
CA LYS A 106 5.28 -21.47 -6.67
C LYS A 106 5.63 -20.08 -6.16
N GLY A 1 29.76 -1.66 2.99
CA GLY A 1 28.73 -2.15 3.91
C GLY A 1 29.29 -3.19 4.86
N MET A 2 30.13 -2.78 5.81
CA MET A 2 30.36 -3.54 7.04
C MET A 2 29.20 -3.22 8.00
N ASN A 3 29.01 -4.03 9.05
CA ASN A 3 27.96 -3.88 10.06
C ASN A 3 26.60 -3.56 9.39
N PRO A 4 26.02 -4.50 8.62
CA PRO A 4 24.85 -4.21 7.80
C PRO A 4 23.65 -3.88 8.68
N ALA A 5 22.81 -2.97 8.20
CA ALA A 5 21.74 -2.34 8.98
C ALA A 5 20.37 -2.74 8.43
N TYR A 6 19.33 -2.42 9.20
CA TYR A 6 17.94 -2.60 8.80
C TYR A 6 17.63 -1.53 7.74
N ARG A 7 17.24 -1.92 6.53
CA ARG A 7 16.99 -1.02 5.40
C ARG A 7 15.60 -1.16 4.77
N LYS A 8 14.73 -1.96 5.39
CA LYS A 8 13.36 -2.20 4.97
C LYS A 8 12.53 -0.93 5.15
N ALA A 9 12.64 -0.29 6.32
CA ALA A 9 11.74 0.78 6.74
C ALA A 9 11.92 2.06 5.92
N MET A 10 13.01 2.19 5.16
CA MET A 10 13.22 3.26 4.17
C MET A 10 12.13 3.27 3.09
N LEU A 11 11.35 2.20 2.97
CA LEU A 11 10.22 2.13 2.07
C LEU A 11 8.98 1.78 2.87
N GLU A 12 8.94 0.65 3.59
CA GLU A 12 7.75 0.16 4.31
C GLU A 12 7.12 1.27 5.17
N SER A 13 7.67 1.62 6.33
CA SER A 13 7.03 2.61 7.21
C SER A 13 7.07 4.04 6.65
N GLU A 14 7.92 4.31 5.66
CA GLU A 14 7.90 5.57 4.95
C GLU A 14 6.61 5.67 4.14
N ILE A 15 6.35 4.68 3.29
CA ILE A 15 5.20 4.61 2.42
C ILE A 15 3.93 4.39 3.26
N GLN A 16 4.00 3.74 4.42
CA GLN A 16 2.92 3.69 5.40
C GLN A 16 2.45 5.09 5.86
N LYS A 17 3.24 6.13 5.61
CA LYS A 17 2.90 7.53 5.83
C LYS A 17 2.61 8.20 4.50
N LEU A 18 3.51 8.09 3.52
CA LEU A 18 3.35 8.78 2.24
C LEU A 18 2.06 8.36 1.53
N LEU A 19 1.59 7.12 1.70
CA LEU A 19 0.31 6.71 1.15
C LEU A 19 -0.83 7.42 1.84
N MET A 20 -0.81 7.54 3.17
CA MET A 20 -1.88 8.16 3.92
C MET A 20 -2.07 9.60 3.42
N GLU A 21 -0.98 10.35 3.33
CA GLU A 21 -0.95 11.71 2.84
C GLU A 21 -1.27 11.89 1.36
N ALA A 22 -1.28 10.82 0.58
CA ALA A 22 -1.88 10.83 -0.76
C ALA A 22 -3.37 10.46 -0.70
N LEU A 23 -3.77 9.55 0.20
CA LEU A 23 -5.11 8.97 0.31
C LEU A 23 -6.13 10.04 0.54
N GLN A 24 -6.00 10.84 1.60
CA GLN A 24 -7.02 11.81 1.99
C GLN A 24 -7.28 12.86 0.86
N GLN A 25 -6.30 13.13 -0.01
CA GLN A 25 -6.35 13.96 -1.24
C GLN A 25 -6.82 13.19 -2.47
N LEU A 26 -6.86 11.86 -2.42
CA LEU A 26 -7.22 11.01 -3.55
C LEU A 26 -8.68 11.28 -3.96
N ARG A 27 -8.98 11.18 -5.26
CA ARG A 27 -10.33 11.35 -5.80
C ARG A 27 -10.98 9.97 -5.91
N ASP A 28 -11.35 9.39 -4.77
CA ASP A 28 -11.85 8.02 -4.59
C ASP A 28 -13.25 8.04 -3.96
N PRO A 29 -14.27 8.51 -4.69
CA PRO A 29 -15.62 8.67 -4.17
C PRO A 29 -16.34 7.33 -3.99
N ARG A 30 -15.70 6.21 -4.33
CA ARG A 30 -16.17 4.85 -4.07
C ARG A 30 -15.48 4.22 -2.86
N LEU A 31 -14.40 4.80 -2.35
CA LEU A 31 -13.71 4.24 -1.19
C LEU A 31 -14.22 4.92 0.08
N LYS A 32 -14.79 4.15 0.99
CA LYS A 32 -15.14 4.58 2.33
C LYS A 32 -13.85 4.79 3.15
N LYS A 33 -13.19 5.94 2.97
CA LYS A 33 -11.92 6.29 3.63
C LYS A 33 -12.00 6.16 5.16
N ASP A 34 -13.21 6.24 5.71
CA ASP A 34 -13.55 6.06 7.12
C ASP A 34 -13.04 4.75 7.69
N PHE A 35 -13.02 3.68 6.90
CA PHE A 35 -12.69 2.35 7.41
C PHE A 35 -11.37 1.85 6.83
N VAL A 36 -10.56 2.74 6.27
CA VAL A 36 -9.33 2.40 5.55
C VAL A 36 -8.15 2.93 6.35
N THR A 37 -7.19 2.05 6.61
CA THR A 37 -5.82 2.47 6.89
C THR A 37 -4.87 1.43 6.29
N PHE A 38 -3.58 1.74 6.30
CA PHE A 38 -2.50 0.86 5.87
C PHE A 38 -1.65 0.60 7.10
N SER A 39 -1.23 -0.64 7.29
CA SER A 39 -0.27 -0.96 8.34
C SER A 39 0.79 -1.92 7.84
N ARG A 40 0.44 -3.15 7.45
CA ARG A 40 1.47 -4.09 7.04
C ARG A 40 1.95 -3.70 5.65
N VAL A 41 3.24 -3.42 5.49
CA VAL A 41 3.93 -3.24 4.24
C VAL A 41 5.24 -4.02 4.31
N GLU A 42 5.42 -4.93 3.37
CA GLU A 42 6.67 -5.66 3.17
C GLU A 42 7.29 -5.19 1.86
N LEU A 43 8.59 -4.89 1.89
CA LEU A 43 9.37 -4.72 0.68
C LEU A 43 9.79 -6.06 0.10
N SER A 44 9.89 -6.07 -1.23
CA SER A 44 10.44 -7.14 -2.03
C SER A 44 11.93 -7.40 -1.74
N LYS A 45 12.45 -8.52 -2.26
CA LYS A 45 13.82 -9.00 -2.10
C LYS A 45 14.84 -7.88 -2.28
N ASP A 46 14.76 -7.17 -3.41
CA ASP A 46 15.69 -6.12 -3.82
C ASP A 46 15.01 -4.76 -3.81
N LYS A 47 14.05 -4.56 -2.90
CA LYS A 47 13.33 -3.29 -2.67
C LYS A 47 12.51 -2.85 -3.90
N ARG A 48 12.34 -3.70 -4.93
CA ARG A 48 11.72 -3.32 -6.22
C ARG A 48 10.20 -3.25 -6.21
N TYR A 49 9.53 -3.94 -5.29
CA TYR A 49 8.08 -3.99 -5.19
C TYR A 49 7.73 -3.83 -3.72
N ALA A 50 6.49 -3.45 -3.44
CA ALA A 50 6.06 -3.24 -2.06
C ALA A 50 4.66 -3.77 -1.88
N ASP A 51 4.52 -4.77 -1.01
CA ASP A 51 3.29 -5.46 -0.73
C ASP A 51 2.65 -4.76 0.48
N VAL A 52 1.83 -3.73 0.26
CA VAL A 52 1.07 -2.99 1.28
C VAL A 52 -0.25 -3.75 1.51
N TYR A 53 -0.73 -3.79 2.75
CA TYR A 53 -1.93 -4.45 3.19
C TYR A 53 -2.83 -3.36 3.75
N VAL A 54 -3.92 -3.15 3.05
CA VAL A 54 -4.99 -2.24 3.37
C VAL A 54 -5.90 -2.98 4.34
N SER A 55 -6.10 -2.47 5.55
CA SER A 55 -7.05 -3.06 6.49
C SER A 55 -8.39 -2.33 6.38
N PHE A 56 -9.37 -2.91 5.67
CA PHE A 56 -10.74 -2.41 5.62
C PHE A 56 -11.54 -2.92 6.82
N LEU A 57 -12.48 -2.09 7.28
CA LEU A 57 -13.42 -2.41 8.34
C LEU A 57 -14.83 -2.37 7.75
N GLY A 58 -15.19 -3.44 7.07
CA GLY A 58 -16.50 -3.64 6.45
C GLY A 58 -16.82 -5.12 6.38
N THR A 59 -17.73 -5.51 5.49
CA THR A 59 -18.04 -6.90 5.22
C THR A 59 -16.89 -7.56 4.44
N PRO A 60 -16.77 -8.89 4.47
CA PRO A 60 -15.79 -9.60 3.66
C PRO A 60 -15.99 -9.29 2.18
N GLU A 61 -17.24 -9.38 1.70
CA GLU A 61 -17.55 -9.24 0.29
C GLU A 61 -17.22 -7.84 -0.24
N GLU A 62 -17.67 -6.78 0.44
CA GLU A 62 -17.38 -5.40 0.06
C GLU A 62 -15.87 -5.12 0.12
N ARG A 63 -15.16 -5.63 1.14
CA ARG A 63 -13.74 -5.39 1.33
C ARG A 63 -12.98 -5.80 0.07
N LYS A 64 -13.30 -6.95 -0.52
CA LYS A 64 -12.61 -7.38 -1.72
C LYS A 64 -12.85 -6.44 -2.89
N GLU A 65 -14.02 -5.81 -2.98
CA GLU A 65 -14.28 -4.79 -4.01
C GLU A 65 -13.43 -3.53 -3.80
N THR A 66 -12.93 -3.25 -2.59
CA THR A 66 -12.18 -2.03 -2.31
C THR A 66 -10.75 -2.06 -2.85
N VAL A 67 -10.10 -3.22 -2.84
CA VAL A 67 -8.68 -3.34 -3.17
C VAL A 67 -8.42 -2.87 -4.61
N GLU A 68 -9.42 -3.05 -5.47
CA GLU A 68 -9.42 -2.64 -6.86
C GLU A 68 -9.37 -1.11 -7.02
N ILE A 69 -9.97 -0.37 -6.08
CA ILE A 69 -10.10 1.08 -6.08
C ILE A 69 -8.72 1.69 -5.76
N LEU A 70 -7.95 1.01 -4.89
CA LEU A 70 -6.59 1.37 -4.53
C LEU A 70 -5.66 1.21 -5.73
N ASN A 71 -5.69 0.04 -6.38
CA ASN A 71 -4.84 -0.25 -7.53
C ASN A 71 -5.14 0.65 -8.73
N ARG A 72 -6.37 1.12 -8.88
CA ARG A 72 -6.70 2.18 -9.86
C ARG A 72 -5.98 3.49 -9.56
N ALA A 73 -5.76 3.81 -8.28
CA ALA A 73 -5.08 5.02 -7.85
C ALA A 73 -3.56 4.87 -7.79
N LYS A 74 -3.01 3.69 -8.03
CA LYS A 74 -1.62 3.35 -7.81
C LYS A 74 -0.60 4.29 -8.45
N GLY A 75 -0.89 4.84 -9.63
CA GLY A 75 -0.08 5.90 -10.24
C GLY A 75 -0.02 7.11 -9.31
N PHE A 76 -1.17 7.73 -9.04
CA PHE A 76 -1.35 8.90 -8.17
C PHE A 76 -0.69 8.70 -6.80
N PHE A 77 -0.74 7.48 -6.27
CA PHE A 77 0.06 7.09 -5.11
C PHE A 77 1.54 7.19 -5.41
N ARG A 78 2.07 6.34 -6.30
CA ARG A 78 3.51 6.19 -6.49
C ARG A 78 4.17 7.50 -6.92
N THR A 79 3.49 8.36 -7.67
CA THR A 79 4.01 9.67 -8.06
C THR A 79 4.29 10.56 -6.83
N PHE A 80 3.47 10.47 -5.79
CA PHE A 80 3.71 11.14 -4.51
C PHE A 80 5.00 10.59 -3.88
N ILE A 81 5.21 9.28 -3.97
CA ILE A 81 6.38 8.61 -3.40
C ILE A 81 7.63 9.10 -4.14
N ALA A 82 7.63 9.09 -5.47
CA ALA A 82 8.77 9.54 -6.30
C ALA A 82 9.04 11.05 -6.22
N LYS A 83 8.15 11.82 -5.59
CA LYS A 83 8.33 13.24 -5.28
C LYS A 83 9.10 13.41 -3.97
N ASN A 84 8.81 12.56 -2.99
CA ASN A 84 9.32 12.67 -1.63
C ASN A 84 10.62 11.86 -1.46
N LEU A 85 10.77 10.75 -2.19
CA LEU A 85 12.01 9.98 -2.27
C LEU A 85 12.80 10.51 -3.46
N ARG A 86 14.11 10.69 -3.28
CA ARG A 86 15.03 11.17 -4.33
C ARG A 86 15.44 10.02 -5.27
N LEU A 87 14.48 9.25 -5.78
CA LEU A 87 14.72 7.98 -6.46
C LEU A 87 13.87 7.93 -7.72
N TYR A 88 14.53 7.84 -8.87
CA TYR A 88 13.96 7.87 -10.22
C TYR A 88 12.72 6.99 -10.34
N VAL A 89 12.82 5.72 -9.94
CA VAL A 89 11.71 4.79 -9.87
C VAL A 89 11.54 4.38 -8.41
N ALA A 90 10.29 4.08 -8.04
CA ALA A 90 9.86 3.67 -6.71
C ALA A 90 9.13 2.34 -6.87
N PRO A 91 8.95 1.55 -5.79
CA PRO A 91 8.38 0.23 -5.92
C PRO A 91 6.94 0.28 -6.41
N GLU A 92 6.52 -0.78 -7.12
CA GLU A 92 5.11 -0.97 -7.42
C GLU A 92 4.42 -1.35 -6.13
N ILE A 93 3.52 -0.48 -5.69
CA ILE A 93 2.65 -0.71 -4.55
C ILE A 93 1.63 -1.77 -4.95
N ARG A 94 1.79 -3.03 -4.54
CA ARG A 94 0.64 -3.92 -4.50
C ARG A 94 -0.18 -3.53 -3.30
N PHE A 95 -1.50 -3.57 -3.45
CA PHE A 95 -2.44 -3.41 -2.37
C PHE A 95 -3.12 -4.75 -2.14
N TYR A 96 -2.98 -5.31 -0.95
CA TYR A 96 -3.69 -6.49 -0.50
C TYR A 96 -4.84 -6.04 0.39
N GLU A 97 -5.87 -6.89 0.46
CA GLU A 97 -7.13 -6.71 1.18
C GLU A 97 -7.04 -7.10 2.65
N ASP A 98 -5.84 -6.99 3.22
CA ASP A 98 -5.42 -7.45 4.54
C ASP A 98 -5.54 -8.97 4.69
N LYS A 99 -4.66 -9.58 5.50
CA LYS A 99 -4.65 -11.02 5.78
C LYS A 99 -4.49 -11.90 4.54
N GLY A 100 -3.76 -11.43 3.52
CA GLY A 100 -3.44 -12.21 2.33
C GLY A 100 -4.62 -12.24 1.35
N ILE A 101 -4.67 -13.27 0.51
CA ILE A 101 -5.74 -13.48 -0.46
C ILE A 101 -6.28 -14.91 -0.30
N GLU A 102 -7.51 -15.00 0.20
CA GLU A 102 -8.32 -16.21 0.20
C GLU A 102 -8.46 -16.78 -1.21
N ALA A 103 -8.80 -15.94 -2.20
CA ALA A 103 -9.26 -16.29 -3.54
C ALA A 103 -10.47 -17.22 -3.48
N SER A 104 -11.63 -16.63 -3.24
CA SER A 104 -12.93 -17.28 -3.22
C SER A 104 -13.23 -17.95 -4.55
N VAL A 105 -13.62 -19.23 -4.55
CA VAL A 105 -14.08 -19.90 -5.77
C VAL A 105 -15.30 -20.79 -5.50
N LYS A 106 -15.33 -21.60 -4.43
CA LYS A 106 -16.43 -22.52 -4.09
C LYS A 106 -16.67 -22.39 -2.60
N GLY A 1 16.54 -12.07 13.14
CA GLY A 1 16.91 -11.58 11.81
C GLY A 1 16.52 -12.56 10.71
N MET A 2 16.87 -12.25 9.46
CA MET A 2 16.40 -12.96 8.27
C MET A 2 17.38 -12.80 7.10
N ASN A 3 18.00 -11.62 6.99
CA ASN A 3 18.85 -11.18 5.88
C ASN A 3 19.74 -10.03 6.38
N PRO A 4 20.87 -9.73 5.70
CA PRO A 4 21.69 -8.56 6.02
C PRO A 4 20.98 -7.27 5.61
N ALA A 5 21.71 -6.15 5.60
CA ALA A 5 21.24 -4.85 5.16
C ALA A 5 19.99 -4.41 5.94
N TYR A 6 20.20 -3.90 7.16
CA TYR A 6 19.14 -3.39 8.01
C TYR A 6 18.78 -1.96 7.57
N ARG A 7 18.34 -1.82 6.32
CA ARG A 7 18.04 -0.56 5.65
C ARG A 7 16.82 -0.69 4.72
N LYS A 8 16.16 -1.85 4.72
CA LYS A 8 14.97 -2.09 3.90
C LYS A 8 13.73 -1.67 4.66
N ALA A 9 13.51 -2.34 5.78
CA ALA A 9 12.34 -2.19 6.64
C ALA A 9 12.25 -0.77 7.19
N MET A 10 13.39 -0.09 7.37
CA MET A 10 13.41 1.31 7.74
C MET A 10 12.62 2.11 6.71
N LEU A 11 12.96 1.98 5.44
CA LEU A 11 12.39 2.76 4.37
C LEU A 11 10.90 2.42 4.20
N GLU A 12 10.53 1.14 4.37
CA GLU A 12 9.16 0.65 4.38
C GLU A 12 8.29 1.31 5.48
N SER A 13 8.89 1.96 6.49
CA SER A 13 8.20 2.70 7.54
C SER A 13 8.15 4.21 7.23
N GLU A 14 9.10 4.76 6.45
CA GLU A 14 9.00 6.15 6.00
C GLU A 14 7.88 6.25 4.96
N ILE A 15 7.91 5.34 3.98
CA ILE A 15 6.93 5.17 2.91
C ILE A 15 5.53 4.91 3.47
N GLN A 16 5.39 4.35 4.67
CA GLN A 16 4.10 4.08 5.30
C GLN A 16 3.22 5.33 5.33
N LYS A 17 3.74 6.41 5.91
CA LYS A 17 2.99 7.65 6.18
C LYS A 17 2.66 8.44 4.91
N LEU A 18 3.37 8.21 3.81
CA LEU A 18 3.09 8.82 2.52
C LEU A 18 1.69 8.39 2.04
N LEU A 19 1.34 7.09 2.04
CA LEU A 19 0.02 6.65 1.63
C LEU A 19 -1.11 7.27 2.49
N MET A 20 -0.85 7.64 3.76
CA MET A 20 -1.87 8.25 4.62
C MET A 20 -2.18 9.67 4.15
N GLU A 21 -1.15 10.51 3.99
CA GLU A 21 -1.29 11.84 3.40
C GLU A 21 -2.03 11.78 2.07
N ALA A 22 -1.61 10.85 1.20
CA ALA A 22 -2.21 10.64 -0.08
C ALA A 22 -3.70 10.25 0.07
N LEU A 23 -4.04 9.29 0.94
CA LEU A 23 -5.42 8.87 1.17
C LEU A 23 -6.32 10.06 1.45
N GLN A 24 -5.87 11.02 2.28
CA GLN A 24 -6.67 12.19 2.60
C GLN A 24 -7.02 12.97 1.32
N GLN A 25 -6.10 13.12 0.35
CA GLN A 25 -6.40 13.87 -0.86
C GLN A 25 -7.10 13.01 -1.92
N LEU A 26 -7.04 11.69 -1.80
CA LEU A 26 -7.61 10.74 -2.77
C LEU A 26 -9.13 10.86 -2.70
N ARG A 27 -9.73 11.65 -3.60
CA ARG A 27 -11.19 11.88 -3.63
C ARG A 27 -11.94 10.56 -3.58
N ASP A 28 -11.87 9.78 -4.65
CA ASP A 28 -12.38 8.41 -4.81
C ASP A 28 -13.76 8.22 -4.21
N PRO A 29 -14.83 8.65 -4.89
CA PRO A 29 -16.20 8.49 -4.41
C PRO A 29 -16.60 7.02 -4.30
N ARG A 30 -15.90 6.11 -5.01
CA ARG A 30 -16.17 4.68 -4.98
C ARG A 30 -15.62 3.98 -3.73
N LEU A 31 -14.99 4.72 -2.80
CA LEU A 31 -14.26 4.15 -1.67
C LEU A 31 -14.61 4.93 -0.41
N LYS A 32 -14.96 4.23 0.68
CA LYS A 32 -14.85 4.78 2.03
C LYS A 32 -13.38 4.85 2.42
N LYS A 33 -12.73 6.01 2.34
CA LYS A 33 -11.40 6.16 2.91
C LYS A 33 -11.44 6.09 4.44
N ASP A 34 -12.62 6.33 5.04
CA ASP A 34 -12.83 6.37 6.49
C ASP A 34 -12.34 5.11 7.20
N PHE A 35 -12.18 3.99 6.48
CA PHE A 35 -11.82 2.68 7.00
C PHE A 35 -10.43 2.21 6.53
N VAL A 36 -9.60 3.08 5.96
CA VAL A 36 -8.36 2.68 5.29
C VAL A 36 -7.17 3.07 6.17
N THR A 37 -6.56 2.09 6.84
CA THR A 37 -5.21 2.25 7.36
C THR A 37 -4.25 1.40 6.52
N PHE A 38 -3.03 1.88 6.37
CA PHE A 38 -1.88 1.19 5.80
C PHE A 38 -0.91 1.09 6.95
N SER A 39 -0.47 -0.12 7.28
CA SER A 39 0.52 -0.29 8.33
C SER A 39 1.72 -1.06 7.78
N ARG A 40 1.54 -2.32 7.39
CA ARG A 40 2.65 -3.11 6.85
C ARG A 40 2.93 -2.67 5.42
N VAL A 41 4.21 -2.68 5.06
CA VAL A 41 4.73 -2.48 3.71
C VAL A 41 5.91 -3.46 3.59
N GLU A 42 6.02 -4.20 2.49
CA GLU A 42 7.23 -4.94 2.11
C GLU A 42 7.60 -4.65 0.65
N LEU A 43 8.87 -4.41 0.34
CA LEU A 43 9.35 -4.21 -1.04
C LEU A 43 9.87 -5.52 -1.65
N SER A 44 10.18 -5.52 -2.95
CA SER A 44 10.85 -6.64 -3.62
C SER A 44 12.34 -6.67 -3.22
N LYS A 45 13.03 -7.78 -3.50
CA LYS A 45 14.46 -8.00 -3.24
C LYS A 45 15.28 -6.79 -3.66
N ASP A 46 15.04 -6.34 -4.88
CA ASP A 46 15.87 -5.35 -5.58
C ASP A 46 15.05 -4.07 -5.75
N LYS A 47 14.19 -3.78 -4.76
CA LYS A 47 13.20 -2.70 -4.67
C LYS A 47 12.27 -2.52 -5.89
N ARG A 48 12.21 -3.48 -6.81
CA ARG A 48 11.49 -3.36 -8.09
C ARG A 48 9.98 -3.16 -7.95
N TYR A 49 9.38 -3.74 -6.92
CA TYR A 49 7.95 -3.70 -6.66
C TYR A 49 7.78 -3.40 -5.17
N ALA A 50 6.57 -3.02 -4.79
CA ALA A 50 6.15 -2.85 -3.42
C ALA A 50 4.82 -3.58 -3.24
N ASP A 51 4.66 -4.17 -2.07
CA ASP A 51 3.40 -4.45 -1.44
C ASP A 51 2.99 -3.20 -0.63
N VAL A 52 1.68 -3.03 -0.38
CA VAL A 52 1.16 -2.24 0.72
C VAL A 52 -0.04 -2.99 1.34
N TYR A 53 0.01 -3.33 2.62
CA TYR A 53 -1.08 -4.00 3.33
C TYR A 53 -2.07 -2.92 3.76
N VAL A 54 -3.36 -3.22 3.60
CA VAL A 54 -4.44 -2.29 3.90
C VAL A 54 -5.47 -3.00 4.77
N SER A 55 -5.43 -2.79 6.07
CA SER A 55 -6.39 -3.39 6.99
C SER A 55 -7.69 -2.59 6.87
N PHE A 56 -8.56 -2.97 5.92
CA PHE A 56 -9.83 -2.29 5.73
C PHE A 56 -10.74 -2.57 6.91
N LEU A 57 -11.24 -1.51 7.53
CA LEU A 57 -12.15 -1.49 8.66
C LEU A 57 -13.60 -1.64 8.16
N GLY A 58 -13.83 -2.72 7.43
CA GLY A 58 -15.11 -3.06 6.82
C GLY A 58 -15.20 -4.57 6.63
N THR A 59 -16.27 -5.04 6.00
CA THR A 59 -16.49 -6.48 5.85
C THR A 59 -15.35 -7.08 5.03
N PRO A 60 -15.11 -8.39 5.11
CA PRO A 60 -14.05 -9.01 4.31
C PRO A 60 -14.38 -8.99 2.81
N GLU A 61 -15.66 -8.83 2.44
CA GLU A 61 -16.12 -8.80 1.07
C GLU A 61 -15.93 -7.37 0.51
N GLU A 62 -16.15 -6.33 1.33
CA GLU A 62 -15.73 -4.98 1.02
C GLU A 62 -14.21 -4.95 0.89
N ARG A 63 -13.48 -5.51 1.86
CA ARG A 63 -12.02 -5.51 1.85
C ARG A 63 -11.49 -5.99 0.52
N LYS A 64 -11.89 -7.18 0.07
CA LYS A 64 -11.38 -7.72 -1.18
C LYS A 64 -11.69 -6.80 -2.35
N GLU A 65 -12.86 -6.18 -2.41
CA GLU A 65 -13.19 -5.27 -3.50
C GLU A 65 -12.30 -4.02 -3.51
N THR A 66 -11.81 -3.56 -2.35
CA THR A 66 -11.02 -2.33 -2.32
C THR A 66 -9.73 -2.44 -3.13
N VAL A 67 -9.21 -3.66 -3.32
CA VAL A 67 -7.92 -3.87 -3.96
C VAL A 67 -7.96 -3.34 -5.38
N GLU A 68 -9.09 -3.50 -6.09
CA GLU A 68 -9.30 -2.98 -7.41
C GLU A 68 -9.16 -1.48 -7.36
N ILE A 69 -10.00 -0.81 -6.55
CA ILE A 69 -10.10 0.64 -6.46
C ILE A 69 -8.72 1.24 -6.19
N LEU A 70 -8.00 0.67 -5.22
CA LEU A 70 -6.67 1.12 -4.83
C LEU A 70 -5.67 0.97 -5.98
N ASN A 71 -5.63 -0.18 -6.64
CA ASN A 71 -4.74 -0.41 -7.78
C ASN A 71 -5.14 0.48 -8.97
N ARG A 72 -6.43 0.69 -9.18
CA ARG A 72 -7.01 1.66 -10.11
C ARG A 72 -6.69 3.11 -9.71
N ALA A 73 -6.13 3.35 -8.51
CA ALA A 73 -5.63 4.64 -8.05
C ALA A 73 -4.09 4.64 -7.94
N LYS A 74 -3.41 3.57 -8.39
CA LYS A 74 -1.97 3.42 -8.23
C LYS A 74 -1.20 4.59 -8.84
N GLY A 75 -1.72 5.24 -9.88
CA GLY A 75 -1.04 6.35 -10.53
C GLY A 75 -0.85 7.49 -9.55
N PHE A 76 -1.96 8.03 -9.04
CA PHE A 76 -1.99 9.06 -8.00
C PHE A 76 -1.01 8.72 -6.86
N PHE A 77 -1.15 7.54 -6.24
CA PHE A 77 -0.27 7.10 -5.16
C PHE A 77 1.19 7.12 -5.60
N ARG A 78 1.54 6.41 -6.67
CA ARG A 78 2.93 6.21 -7.09
C ARG A 78 3.60 7.53 -7.46
N THR A 79 2.85 8.49 -8.05
CA THR A 79 3.34 9.83 -8.28
C THR A 79 3.62 10.55 -6.95
N PHE A 80 2.74 10.40 -5.95
CA PHE A 80 2.96 10.95 -4.62
C PHE A 80 4.22 10.40 -3.97
N ILE A 81 4.53 9.11 -4.18
CA ILE A 81 5.78 8.53 -3.69
C ILE A 81 6.94 9.22 -4.42
N ALA A 82 6.92 9.29 -5.75
CA ALA A 82 8.00 9.89 -6.53
C ALA A 82 8.22 11.38 -6.24
N LYS A 83 7.19 12.10 -5.77
CA LYS A 83 7.28 13.48 -5.28
C LYS A 83 8.28 13.59 -4.13
N ASN A 84 8.31 12.57 -3.28
CA ASN A 84 9.00 12.54 -1.99
C ASN A 84 10.29 11.73 -2.10
N LEU A 85 10.20 10.45 -2.50
CA LEU A 85 11.31 9.54 -2.79
C LEU A 85 11.94 9.93 -4.13
N ARG A 86 12.55 11.11 -4.15
CA ARG A 86 13.07 11.76 -5.33
C ARG A 86 14.30 11.04 -5.82
N LEU A 87 14.14 10.28 -6.91
CA LEU A 87 15.23 9.66 -7.66
C LEU A 87 14.81 9.69 -9.11
N TYR A 88 14.05 8.67 -9.56
CA TYR A 88 13.70 8.49 -10.95
C TYR A 88 12.34 7.82 -11.05
N VAL A 89 12.26 6.50 -10.84
CA VAL A 89 11.05 5.73 -11.07
C VAL A 89 10.78 4.90 -9.81
N ALA A 90 9.60 5.09 -9.22
CA ALA A 90 9.17 4.34 -8.04
C ALA A 90 8.89 2.87 -8.40
N PRO A 91 8.83 1.95 -7.42
CA PRO A 91 8.29 0.61 -7.66
C PRO A 91 6.82 0.66 -8.07
N GLU A 92 6.31 -0.44 -8.63
CA GLU A 92 4.87 -0.66 -8.73
C GLU A 92 4.30 -0.78 -7.30
N ILE A 93 3.05 -0.37 -7.09
CA ILE A 93 2.36 -0.30 -5.80
C ILE A 93 1.19 -1.27 -5.91
N ARG A 94 1.37 -2.56 -5.54
CA ARG A 94 0.21 -3.44 -5.41
C ARG A 94 -0.24 -3.31 -3.97
N PHE A 95 -1.45 -2.82 -3.80
CA PHE A 95 -2.13 -2.88 -2.52
C PHE A 95 -2.65 -4.30 -2.32
N TYR A 96 -2.75 -4.75 -1.07
CA TYR A 96 -3.28 -6.05 -0.70
C TYR A 96 -4.14 -5.94 0.56
N GLU A 97 -4.97 -6.97 0.74
CA GLU A 97 -6.07 -7.10 1.69
C GLU A 97 -5.62 -7.32 3.14
N ASP A 98 -4.45 -6.81 3.53
CA ASP A 98 -3.76 -7.04 4.80
C ASP A 98 -3.73 -8.53 5.18
N LYS A 99 -2.84 -9.29 4.54
CA LYS A 99 -2.65 -10.74 4.69
C LYS A 99 -3.89 -11.61 4.44
N GLY A 100 -5.04 -11.04 4.11
CA GLY A 100 -6.27 -11.75 3.80
C GLY A 100 -6.21 -12.38 2.42
N ILE A 101 -5.46 -13.48 2.27
CA ILE A 101 -5.41 -14.35 1.11
C ILE A 101 -5.37 -15.79 1.65
N GLU A 102 -5.35 -16.79 0.75
CA GLU A 102 -5.31 -18.22 1.06
C GLU A 102 -6.59 -18.68 1.80
N ALA A 103 -7.62 -17.84 1.87
CA ALA A 103 -8.79 -17.96 2.75
C ALA A 103 -9.85 -18.90 2.17
N SER A 104 -9.57 -20.21 2.19
CA SER A 104 -10.54 -21.24 1.87
C SER A 104 -11.56 -21.38 3.01
N VAL A 105 -12.76 -21.86 2.72
CA VAL A 105 -13.78 -22.22 3.71
C VAL A 105 -14.74 -23.27 3.15
N LYS A 106 -15.23 -23.11 1.92
CA LYS A 106 -16.20 -24.03 1.33
C LYS A 106 -16.18 -23.82 -0.17
N GLY A 1 27.08 -7.75 13.63
CA GLY A 1 27.36 -6.78 14.70
C GLY A 1 26.08 -6.13 15.23
N MET A 2 26.14 -5.51 16.41
CA MET A 2 25.00 -4.92 17.10
C MET A 2 24.37 -3.68 16.43
N ASN A 3 25.02 -3.05 15.44
CA ASN A 3 24.48 -1.90 14.70
C ASN A 3 23.54 -2.37 13.57
N PRO A 4 22.72 -1.50 12.95
CA PRO A 4 21.69 -1.90 11.97
C PRO A 4 22.31 -2.25 10.61
N ALA A 5 22.80 -3.48 10.44
CA ALA A 5 23.58 -3.89 9.28
C ALA A 5 22.80 -3.98 7.96
N TYR A 6 21.47 -3.81 7.96
CA TYR A 6 20.66 -3.61 6.75
C TYR A 6 19.57 -2.59 7.06
N ARG A 7 18.91 -2.09 6.02
CA ARG A 7 17.89 -1.05 6.09
C ARG A 7 16.87 -1.24 4.96
N LYS A 8 16.50 -2.50 4.66
CA LYS A 8 15.38 -2.81 3.78
C LYS A 8 14.13 -2.21 4.37
N ALA A 9 13.69 -2.73 5.53
CA ALA A 9 12.39 -2.52 6.18
C ALA A 9 12.07 -1.05 6.53
N MET A 10 13.02 -0.16 6.31
CA MET A 10 12.84 1.27 6.46
C MET A 10 11.94 1.83 5.35
N LEU A 11 11.96 1.20 4.18
CA LEU A 11 11.31 1.73 2.98
C LEU A 11 9.81 1.49 3.05
N GLU A 12 9.41 0.32 3.53
CA GLU A 12 8.04 -0.17 3.66
C GLU A 12 7.23 0.81 4.52
N SER A 13 7.73 1.14 5.71
CA SER A 13 7.05 2.02 6.64
C SER A 13 7.00 3.46 6.13
N GLU A 14 8.01 3.90 5.38
CA GLU A 14 7.96 5.20 4.73
C GLU A 14 6.79 5.22 3.75
N ILE A 15 6.72 4.23 2.86
CA ILE A 15 5.63 4.14 1.89
C ILE A 15 4.29 4.06 2.61
N GLN A 16 4.19 3.29 3.69
CA GLN A 16 2.95 3.18 4.46
C GLN A 16 2.43 4.55 4.93
N LYS A 17 3.34 5.48 5.23
CA LYS A 17 3.00 6.83 5.69
C LYS A 17 2.72 7.74 4.51
N LEU A 18 3.53 7.68 3.46
CA LEU A 18 3.29 8.42 2.22
C LEU A 18 1.90 8.09 1.65
N LEU A 19 1.51 6.83 1.70
CA LEU A 19 0.21 6.37 1.21
C LEU A 19 -0.93 6.95 2.04
N MET A 20 -0.77 7.12 3.37
CA MET A 20 -1.80 7.74 4.19
C MET A 20 -1.93 9.22 3.83
N GLU A 21 -0.83 9.96 3.73
CA GLU A 21 -0.81 11.36 3.32
C GLU A 21 -1.58 11.54 2.02
N ALA A 22 -1.23 10.74 1.01
CA ALA A 22 -1.90 10.76 -0.28
C ALA A 22 -3.39 10.45 -0.14
N LEU A 23 -3.78 9.48 0.69
CA LEU A 23 -5.19 9.09 0.87
C LEU A 23 -6.03 10.30 1.30
N GLN A 24 -5.55 11.14 2.21
CA GLN A 24 -6.36 12.26 2.68
C GLN A 24 -6.49 13.40 1.65
N GLN A 25 -5.71 13.41 0.56
CA GLN A 25 -5.91 14.33 -0.57
C GLN A 25 -6.43 13.62 -1.82
N LEU A 26 -6.58 12.30 -1.77
CA LEU A 26 -7.07 11.48 -2.86
C LEU A 26 -8.50 11.90 -3.19
N ARG A 27 -8.73 12.30 -4.44
CA ARG A 27 -10.05 12.70 -4.93
C ARG A 27 -10.83 11.42 -5.23
N ASP A 28 -11.30 10.71 -4.21
CA ASP A 28 -12.15 9.50 -4.28
C ASP A 28 -13.17 9.57 -3.15
N PRO A 29 -14.33 10.20 -3.37
CA PRO A 29 -15.39 10.27 -2.38
C PRO A 29 -16.10 8.91 -2.22
N ARG A 30 -16.06 8.02 -3.22
CA ARG A 30 -16.80 6.76 -3.18
C ARG A 30 -16.13 5.73 -2.31
N LEU A 31 -14.95 6.06 -1.80
CA LEU A 31 -14.18 5.21 -0.95
C LEU A 31 -14.46 5.63 0.48
N LYS A 32 -14.93 4.69 1.32
CA LYS A 32 -15.05 4.86 2.75
C LYS A 32 -13.67 4.85 3.42
N LYS A 33 -12.80 5.81 3.11
CA LYS A 33 -11.45 5.87 3.65
C LYS A 33 -11.43 5.98 5.17
N ASP A 34 -12.54 6.37 5.80
CA ASP A 34 -12.62 6.48 7.25
C ASP A 34 -12.36 5.12 7.90
N PHE A 35 -12.68 4.02 7.21
CA PHE A 35 -12.49 2.67 7.72
C PHE A 35 -11.25 2.02 7.09
N VAL A 36 -10.40 2.81 6.42
CA VAL A 36 -9.26 2.34 5.66
C VAL A 36 -8.00 2.91 6.30
N THR A 37 -7.28 2.08 7.06
CA THR A 37 -5.90 2.39 7.38
C THR A 37 -5.01 1.32 6.76
N PHE A 38 -3.71 1.58 6.84
CA PHE A 38 -2.65 0.70 6.42
C PHE A 38 -1.75 0.51 7.64
N SER A 39 -1.14 -0.67 7.73
CA SER A 39 -0.22 -0.98 8.80
C SER A 39 0.97 -1.71 8.19
N ARG A 40 0.76 -2.91 7.65
CA ARG A 40 1.82 -3.68 7.03
C ARG A 40 1.86 -3.36 5.53
N VAL A 41 3.04 -3.29 4.93
CA VAL A 41 3.29 -3.48 3.51
C VAL A 41 4.59 -4.27 3.43
N GLU A 42 4.63 -5.35 2.65
CA GLU A 42 5.88 -5.96 2.18
C GLU A 42 6.38 -5.16 0.97
N LEU A 43 7.69 -5.18 0.75
CA LEU A 43 8.31 -4.81 -0.51
C LEU A 43 9.11 -6.00 -1.02
N SER A 44 9.13 -6.19 -2.33
CA SER A 44 10.02 -7.15 -2.96
C SER A 44 11.48 -6.74 -2.72
N LYS A 45 12.39 -7.71 -2.89
CA LYS A 45 13.78 -7.65 -2.45
C LYS A 45 14.49 -6.37 -2.86
N ASP A 46 14.37 -5.99 -4.14
CA ASP A 46 15.06 -4.87 -4.77
C ASP A 46 14.12 -3.66 -4.84
N LYS A 47 13.16 -3.56 -3.91
CA LYS A 47 12.06 -2.58 -3.84
C LYS A 47 11.20 -2.48 -5.10
N ARG A 48 11.20 -3.52 -5.95
CA ARG A 48 10.57 -3.44 -7.29
C ARG A 48 9.05 -3.48 -7.26
N TYR A 49 8.44 -4.07 -6.24
CA TYR A 49 6.99 -4.22 -6.11
C TYR A 49 6.62 -4.00 -4.66
N ALA A 50 5.35 -3.66 -4.43
CA ALA A 50 4.80 -3.47 -3.09
C ALA A 50 3.58 -4.37 -2.90
N ASP A 51 3.44 -4.91 -1.69
CA ASP A 51 2.33 -5.76 -1.29
C ASP A 51 1.85 -5.27 0.09
N VAL A 52 1.03 -4.23 0.09
CA VAL A 52 0.39 -3.64 1.28
C VAL A 52 -0.58 -4.66 1.91
N TYR A 53 -0.96 -4.42 3.16
CA TYR A 53 -1.99 -5.12 3.90
C TYR A 53 -2.90 -4.04 4.52
N VAL A 54 -3.87 -3.67 3.72
CA VAL A 54 -4.94 -2.71 3.95
C VAL A 54 -5.97 -3.31 4.92
N SER A 55 -5.97 -2.90 6.19
CA SER A 55 -6.83 -3.47 7.24
C SER A 55 -8.17 -2.72 7.25
N PHE A 56 -9.28 -3.32 6.81
CA PHE A 56 -10.56 -2.61 6.67
C PHE A 56 -11.45 -2.79 7.90
N LEU A 57 -11.95 -1.67 8.42
CA LEU A 57 -12.77 -1.56 9.62
C LEU A 57 -14.25 -1.84 9.31
N GLY A 58 -14.52 -2.83 8.46
CA GLY A 58 -15.84 -3.17 7.94
C GLY A 58 -15.98 -4.68 7.71
N THR A 59 -17.03 -5.08 7.00
CA THR A 59 -17.31 -6.49 6.67
C THR A 59 -16.47 -6.96 5.47
N PRO A 60 -16.25 -8.28 5.31
CA PRO A 60 -15.31 -8.82 4.32
C PRO A 60 -15.80 -8.75 2.88
N GLU A 61 -17.11 -8.59 2.64
CA GLU A 61 -17.64 -8.40 1.29
C GLU A 61 -17.42 -6.94 0.88
N GLU A 62 -17.76 -6.00 1.77
CA GLU A 62 -17.49 -4.57 1.57
C GLU A 62 -15.99 -4.32 1.36
N ARG A 63 -15.14 -5.03 2.11
CA ARG A 63 -13.70 -4.95 1.99
C ARG A 63 -13.23 -5.27 0.57
N LYS A 64 -13.85 -6.23 -0.11
CA LYS A 64 -13.45 -6.59 -1.47
C LYS A 64 -13.88 -5.58 -2.51
N GLU A 65 -14.84 -4.72 -2.18
CA GLU A 65 -15.23 -3.62 -3.04
C GLU A 65 -14.21 -2.47 -2.97
N THR A 66 -13.45 -2.32 -1.87
CA THR A 66 -12.55 -1.18 -1.71
C THR A 66 -11.24 -1.39 -2.48
N VAL A 67 -10.75 -2.63 -2.53
CA VAL A 67 -9.44 -2.96 -3.11
C VAL A 67 -9.37 -2.56 -4.59
N GLU A 68 -10.48 -2.70 -5.32
CA GLU A 68 -10.63 -2.19 -6.67
C GLU A 68 -10.46 -0.67 -6.71
N ILE A 69 -11.18 0.06 -5.87
CA ILE A 69 -11.13 1.53 -5.83
C ILE A 69 -9.69 1.98 -5.54
N LEU A 70 -9.00 1.33 -4.61
CA LEU A 70 -7.60 1.60 -4.31
C LEU A 70 -6.72 1.35 -5.54
N ASN A 71 -6.85 0.20 -6.16
CA ASN A 71 -5.99 -0.20 -7.28
C ASN A 71 -6.27 0.62 -8.53
N ARG A 72 -7.51 1.04 -8.77
CA ARG A 72 -7.85 2.10 -9.72
C ARG A 72 -7.04 3.35 -9.41
N ALA A 73 -7.10 3.86 -8.17
CA ALA A 73 -6.39 5.06 -7.75
C ALA A 73 -4.85 4.90 -7.71
N LYS A 74 -4.28 3.70 -7.86
CA LYS A 74 -2.89 3.42 -7.48
C LYS A 74 -1.83 4.22 -8.22
N GLY A 75 -2.13 4.85 -9.36
CA GLY A 75 -1.17 5.72 -10.01
C GLY A 75 -0.93 6.99 -9.21
N PHE A 76 -1.98 7.60 -8.66
CA PHE A 76 -1.88 8.81 -7.84
C PHE A 76 -0.96 8.53 -6.66
N PHE A 77 -1.18 7.40 -6.01
CA PHE A 77 -0.35 6.88 -4.94
C PHE A 77 1.08 6.64 -5.40
N ARG A 78 1.30 5.76 -6.37
CA ARG A 78 2.64 5.37 -6.83
C ARG A 78 3.44 6.61 -7.27
N THR A 79 2.81 7.57 -7.95
CA THR A 79 3.51 8.75 -8.44
C THR A 79 3.79 9.73 -7.28
N PHE A 80 3.06 9.69 -6.16
CA PHE A 80 3.38 10.43 -4.94
C PHE A 80 4.64 9.87 -4.28
N ILE A 81 4.88 8.56 -4.41
CA ILE A 81 6.12 7.95 -3.98
C ILE A 81 7.24 8.48 -4.87
N ALA A 82 7.03 8.46 -6.20
CA ALA A 82 7.96 8.95 -7.21
C ALA A 82 8.32 10.44 -7.09
N LYS A 83 7.53 11.22 -6.33
CA LYS A 83 7.84 12.58 -5.92
C LYS A 83 8.89 12.57 -4.81
N ASN A 84 8.64 11.80 -3.74
CA ASN A 84 9.44 11.82 -2.51
C ASN A 84 10.72 10.98 -2.61
N LEU A 85 10.78 10.04 -3.54
CA LEU A 85 11.83 9.04 -3.65
C LEU A 85 12.67 9.37 -4.87
N ARG A 86 13.96 9.63 -4.63
CA ARG A 86 15.05 9.73 -5.61
C ARG A 86 15.17 8.46 -6.46
N LEU A 87 14.26 8.30 -7.42
CA LEU A 87 14.09 7.16 -8.31
C LEU A 87 13.35 7.66 -9.56
N TYR A 88 13.42 6.87 -10.64
CA TYR A 88 12.63 7.03 -11.87
C TYR A 88 11.32 6.24 -11.83
N VAL A 89 11.33 5.05 -11.22
CA VAL A 89 10.20 4.15 -11.18
C VAL A 89 9.99 3.69 -9.74
N ALA A 90 8.92 4.19 -9.16
CA ALA A 90 8.37 3.70 -7.91
C ALA A 90 7.75 2.31 -8.15
N PRO A 91 7.66 1.45 -7.11
CA PRO A 91 7.13 0.10 -7.25
C PRO A 91 5.68 0.11 -7.74
N GLU A 92 5.29 -0.94 -8.42
CA GLU A 92 3.89 -1.26 -8.68
C GLU A 92 3.24 -1.45 -7.31
N ILE A 93 2.44 -0.47 -6.91
CA ILE A 93 1.59 -0.55 -5.75
C ILE A 93 0.44 -1.48 -6.14
N ARG A 94 0.43 -2.68 -5.56
CA ARG A 94 -0.69 -3.62 -5.64
C ARG A 94 -1.27 -3.59 -4.24
N PHE A 95 -2.42 -2.93 -4.07
CA PHE A 95 -2.98 -2.82 -2.73
C PHE A 95 -3.71 -4.15 -2.41
N TYR A 96 -3.66 -4.73 -1.19
CA TYR A 96 -4.34 -5.98 -0.82
C TYR A 96 -4.99 -5.88 0.57
N GLU A 97 -6.02 -6.68 0.82
CA GLU A 97 -7.05 -6.52 1.86
C GLU A 97 -6.61 -6.97 3.26
N ASP A 98 -5.31 -6.89 3.58
CA ASP A 98 -4.63 -7.54 4.69
C ASP A 98 -4.78 -9.06 4.59
N LYS A 99 -3.77 -9.72 3.98
CA LYS A 99 -3.73 -11.14 3.62
C LYS A 99 -4.93 -11.69 2.83
N GLY A 100 -5.87 -10.87 2.36
CA GLY A 100 -7.08 -11.31 1.66
C GLY A 100 -6.86 -11.76 0.22
N ILE A 101 -5.62 -12.06 -0.19
CA ILE A 101 -5.28 -12.47 -1.56
C ILE A 101 -6.02 -13.75 -1.99
N GLU A 102 -6.48 -14.53 -1.02
CA GLU A 102 -7.34 -15.71 -1.10
C GLU A 102 -6.57 -16.90 -1.68
N ALA A 103 -6.03 -16.78 -2.90
CA ALA A 103 -5.07 -17.72 -3.50
C ALA A 103 -5.51 -19.20 -3.40
N SER A 104 -4.54 -20.13 -3.42
CA SER A 104 -4.75 -21.57 -3.25
C SER A 104 -5.72 -22.12 -4.28
N VAL A 105 -5.35 -21.97 -5.55
CA VAL A 105 -6.14 -22.40 -6.68
C VAL A 105 -5.86 -23.87 -6.99
N LYS A 106 -4.58 -24.24 -7.14
CA LYS A 106 -4.11 -25.49 -7.69
C LYS A 106 -2.68 -25.71 -7.22
N GLY A 1 3.00 -8.98 9.02
CA GLY A 1 4.46 -9.00 9.14
C GLY A 1 4.97 -10.34 8.67
N MET A 2 5.40 -10.46 7.41
CA MET A 2 5.63 -11.77 6.81
C MET A 2 7.12 -12.11 6.66
N ASN A 3 8.00 -11.15 6.41
CA ASN A 3 9.45 -11.43 6.38
C ASN A 3 9.95 -11.90 7.76
N PRO A 4 11.05 -12.68 7.84
CA PRO A 4 11.63 -13.08 9.13
C PRO A 4 12.17 -11.84 9.84
N ALA A 5 13.02 -11.07 9.16
CA ALA A 5 13.53 -9.78 9.61
C ALA A 5 13.86 -8.87 8.42
N TYR A 6 14.38 -9.42 7.32
CA TYR A 6 14.83 -8.68 6.15
C TYR A 6 13.69 -7.84 5.56
N ARG A 7 13.86 -6.52 5.52
CA ARG A 7 12.85 -5.57 5.06
C ARG A 7 13.55 -4.56 4.12
N LYS A 8 12.84 -3.62 3.50
CA LYS A 8 13.48 -2.46 2.86
C LYS A 8 13.71 -1.36 3.89
N ALA A 9 12.79 -1.14 4.83
CA ALA A 9 12.73 0.01 5.74
C ALA A 9 12.64 1.34 4.98
N MET A 10 13.73 1.80 4.37
CA MET A 10 13.92 3.03 3.62
C MET A 10 13.11 3.08 2.31
N LEU A 11 12.15 2.18 2.15
CA LEU A 11 11.10 2.27 1.15
C LEU A 11 9.77 2.17 1.90
N GLU A 12 9.48 1.01 2.48
CA GLU A 12 8.31 0.66 3.29
C GLU A 12 7.98 1.78 4.31
N SER A 13 8.76 1.94 5.38
CA SER A 13 8.48 2.85 6.49
C SER A 13 8.48 4.32 6.04
N GLU A 14 9.17 4.65 4.95
CA GLU A 14 9.11 5.94 4.28
C GLU A 14 7.70 6.13 3.68
N ILE A 15 7.30 5.19 2.83
CA ILE A 15 6.08 5.23 2.04
C ILE A 15 4.84 5.09 2.91
N GLN A 16 4.94 4.41 4.05
CA GLN A 16 3.87 4.29 5.04
C GLN A 16 3.31 5.67 5.42
N LYS A 17 4.20 6.67 5.53
CA LYS A 17 3.84 8.07 5.78
C LYS A 17 3.30 8.72 4.52
N LEU A 18 3.98 8.56 3.38
CA LEU A 18 3.59 9.20 2.12
C LEU A 18 2.17 8.82 1.70
N LEU A 19 1.81 7.54 1.80
CA LEU A 19 0.49 7.06 1.39
C LEU A 19 -0.61 7.65 2.25
N MET A 20 -0.33 7.90 3.53
CA MET A 20 -1.30 8.46 4.45
C MET A 20 -1.57 9.91 4.08
N GLU A 21 -0.54 10.72 3.87
CA GLU A 21 -0.63 12.04 3.29
C GLU A 21 -1.55 12.06 2.06
N ALA A 22 -1.22 11.20 1.09
CA ALA A 22 -1.96 11.10 -0.17
C ALA A 22 -3.44 10.78 0.08
N LEU A 23 -3.74 9.83 0.98
CA LEU A 23 -5.10 9.40 1.27
C LEU A 23 -5.98 10.56 1.73
N GLN A 24 -5.47 11.43 2.61
CA GLN A 24 -6.26 12.57 3.07
C GLN A 24 -6.71 13.44 1.89
N GLN A 25 -5.80 13.66 0.95
CA GLN A 25 -5.97 14.55 -0.19
C GLN A 25 -6.53 13.85 -1.43
N LEU A 26 -6.86 12.55 -1.34
CA LEU A 26 -7.37 11.72 -2.41
C LEU A 26 -8.85 12.03 -2.66
N ARG A 27 -9.19 12.44 -3.89
CA ARG A 27 -10.54 12.79 -4.34
C ARG A 27 -11.43 11.55 -4.56
N ASP A 28 -11.56 10.67 -3.57
CA ASP A 28 -12.39 9.45 -3.66
C ASP A 28 -13.45 9.44 -2.56
N PRO A 29 -14.62 10.09 -2.77
CA PRO A 29 -15.76 10.01 -1.86
C PRO A 29 -16.29 8.57 -1.73
N ARG A 30 -16.08 7.75 -2.76
CA ARG A 30 -16.59 6.37 -2.82
C ARG A 30 -15.76 5.40 -1.96
N LEU A 31 -14.82 5.91 -1.16
CA LEU A 31 -13.97 5.16 -0.25
C LEU A 31 -14.13 5.76 1.15
N LYS A 32 -14.70 4.99 2.06
CA LYS A 32 -14.84 5.28 3.50
C LYS A 32 -13.45 5.37 4.17
N LYS A 33 -12.68 6.43 3.97
CA LYS A 33 -11.33 6.54 4.53
C LYS A 33 -11.29 6.68 6.06
N ASP A 34 -12.44 6.86 6.71
CA ASP A 34 -12.59 6.88 8.16
C ASP A 34 -12.34 5.50 8.78
N PHE A 35 -12.45 4.42 7.99
CA PHE A 35 -12.43 3.02 8.44
C PHE A 35 -11.24 2.27 7.88
N VAL A 36 -10.11 2.94 7.66
CA VAL A 36 -8.94 2.30 7.06
C VAL A 36 -7.71 3.03 7.56
N THR A 37 -6.57 2.34 7.53
CA THR A 37 -5.25 2.89 7.72
C THR A 37 -4.28 1.84 7.18
N PHE A 38 -3.34 2.27 6.35
CA PHE A 38 -2.15 1.54 5.97
C PHE A 38 -1.26 1.56 7.20
N SER A 39 -1.14 0.44 7.90
CA SER A 39 -0.22 0.40 9.04
C SER A 39 1.14 -0.13 8.60
N ARG A 40 1.19 -0.92 7.51
CA ARG A 40 2.39 -1.64 7.12
C ARG A 40 2.54 -1.60 5.60
N VAL A 41 3.74 -1.86 5.10
CA VAL A 41 4.15 -2.12 3.75
C VAL A 41 5.37 -3.04 3.78
N GLU A 42 5.49 -3.91 2.80
CA GLU A 42 6.62 -4.78 2.53
C GLU A 42 6.87 -4.72 1.03
N LEU A 43 8.02 -4.20 0.60
CA LEU A 43 8.38 -4.19 -0.81
C LEU A 43 8.98 -5.53 -1.21
N SER A 44 8.86 -5.81 -2.51
CA SER A 44 9.52 -6.93 -3.17
C SER A 44 11.03 -6.84 -2.92
N LYS A 45 11.71 -7.97 -2.94
CA LYS A 45 13.15 -8.08 -2.72
C LYS A 45 13.93 -7.01 -3.47
N ASP A 46 13.75 -6.92 -4.79
CA ASP A 46 14.47 -5.99 -5.65
C ASP A 46 13.72 -4.65 -5.85
N LYS A 47 12.78 -4.31 -4.95
CA LYS A 47 11.92 -3.11 -5.03
C LYS A 47 11.20 -2.99 -6.37
N ARG A 48 10.76 -4.14 -6.90
CA ARG A 48 10.05 -4.27 -8.16
C ARG A 48 8.56 -4.00 -8.00
N TYR A 49 8.01 -4.42 -6.87
CA TYR A 49 6.62 -4.30 -6.47
C TYR A 49 6.63 -3.78 -5.05
N ALA A 50 5.53 -3.18 -4.64
CA ALA A 50 5.34 -2.67 -3.27
C ALA A 50 4.01 -3.16 -2.72
N ASP A 51 4.03 -3.96 -1.66
CA ASP A 51 2.81 -4.56 -1.13
C ASP A 51 2.47 -3.79 0.14
N VAL A 52 1.50 -2.88 0.10
CA VAL A 52 1.01 -2.19 1.30
C VAL A 52 0.07 -3.14 2.04
N TYR A 53 -0.04 -3.00 3.37
CA TYR A 53 -0.79 -3.84 4.26
C TYR A 53 -1.78 -2.96 5.03
N VAL A 54 -3.04 -3.25 4.86
CA VAL A 54 -4.17 -2.43 5.28
C VAL A 54 -5.19 -3.23 6.08
N SER A 55 -5.80 -2.62 7.11
CA SER A 55 -6.62 -3.31 8.11
C SER A 55 -8.07 -2.75 8.12
N PHE A 56 -8.72 -2.67 6.96
CA PHE A 56 -10.04 -2.03 6.80
C PHE A 56 -11.00 -2.46 7.91
N LEU A 57 -11.57 -1.49 8.63
CA LEU A 57 -12.38 -1.57 9.84
C LEU A 57 -13.80 -2.06 9.53
N GLY A 58 -13.95 -2.95 8.56
CA GLY A 58 -15.20 -3.46 8.02
C GLY A 58 -15.14 -4.98 7.92
N THR A 59 -16.09 -5.58 7.20
CA THR A 59 -16.26 -7.03 7.15
C THR A 59 -15.19 -7.65 6.25
N PRO A 60 -14.96 -8.99 6.27
CA PRO A 60 -14.06 -9.64 5.31
C PRO A 60 -14.65 -9.69 3.89
N GLU A 61 -15.80 -9.07 3.67
CA GLU A 61 -16.51 -9.09 2.41
C GLU A 61 -16.38 -7.69 1.82
N GLU A 62 -16.76 -6.64 2.56
CA GLU A 62 -16.51 -5.26 2.12
C GLU A 62 -15.02 -4.99 1.97
N ARG A 63 -14.18 -5.49 2.90
CA ARG A 63 -12.73 -5.25 2.87
C ARG A 63 -12.11 -5.64 1.53
N LYS A 64 -12.68 -6.60 0.79
CA LYS A 64 -12.15 -7.04 -0.50
C LYS A 64 -12.60 -6.14 -1.64
N GLU A 65 -13.77 -5.55 -1.55
CA GLU A 65 -14.23 -4.53 -2.49
C GLU A 65 -13.30 -3.31 -2.44
N THR A 66 -12.92 -2.83 -1.25
CA THR A 66 -12.15 -1.58 -1.13
C THR A 66 -10.83 -1.64 -1.91
N VAL A 67 -10.29 -2.84 -2.05
CA VAL A 67 -9.02 -3.14 -2.70
C VAL A 67 -9.03 -2.68 -4.16
N GLU A 68 -10.17 -2.80 -4.86
CA GLU A 68 -10.32 -2.25 -6.20
C GLU A 68 -10.16 -0.74 -6.16
N ILE A 69 -10.87 -0.06 -5.26
CA ILE A 69 -10.92 1.39 -5.15
C ILE A 69 -9.51 1.91 -4.85
N LEU A 70 -8.80 1.27 -3.92
CA LEU A 70 -7.42 1.62 -3.57
C LEU A 70 -6.52 1.52 -4.81
N ASN A 71 -6.58 0.38 -5.52
CA ASN A 71 -5.72 0.10 -6.65
C ASN A 71 -6.03 0.99 -7.86
N ARG A 72 -7.31 1.28 -8.10
CA ARG A 72 -7.77 2.29 -9.03
C ARG A 72 -7.07 3.62 -8.77
N ALA A 73 -6.96 4.06 -7.52
CA ALA A 73 -6.26 5.28 -7.15
C ALA A 73 -4.73 5.15 -7.22
N LYS A 74 -4.15 3.99 -7.62
CA LYS A 74 -2.71 3.80 -7.53
C LYS A 74 -1.92 4.73 -8.44
N GLY A 75 -2.56 5.36 -9.43
CA GLY A 75 -1.95 6.39 -10.26
C GLY A 75 -1.51 7.52 -9.35
N PHE A 76 -2.50 8.26 -8.84
CA PHE A 76 -2.34 9.36 -7.89
C PHE A 76 -1.38 8.99 -6.76
N PHE A 77 -1.58 7.85 -6.08
CA PHE A 77 -0.70 7.42 -4.99
C PHE A 77 0.76 7.35 -5.45
N ARG A 78 1.06 6.60 -6.50
CA ARG A 78 2.44 6.39 -6.96
C ARG A 78 3.04 7.69 -7.49
N THR A 79 2.24 8.54 -8.12
CA THR A 79 2.68 9.83 -8.64
C THR A 79 3.17 10.74 -7.49
N PHE A 80 2.59 10.60 -6.30
CA PHE A 80 3.10 11.27 -5.10
C PHE A 80 4.44 10.68 -4.68
N ILE A 81 4.58 9.35 -4.63
CA ILE A 81 5.84 8.74 -4.22
C ILE A 81 6.95 9.18 -5.17
N ALA A 82 6.69 9.10 -6.48
CA ALA A 82 7.65 9.46 -7.50
C ALA A 82 7.86 10.99 -7.58
N LYS A 83 7.12 11.83 -6.85
CA LYS A 83 7.54 13.22 -6.62
C LYS A 83 8.64 13.23 -5.56
N ASN A 84 8.38 12.55 -4.45
CA ASN A 84 9.21 12.52 -3.26
C ASN A 84 10.53 11.80 -3.57
N LEU A 85 10.48 10.47 -3.68
CA LEU A 85 11.64 9.63 -3.94
C LEU A 85 12.07 9.76 -5.41
N ARG A 86 13.17 9.10 -5.76
CA ARG A 86 13.81 9.09 -7.08
C ARG A 86 12.79 8.92 -8.19
N LEU A 87 12.59 9.96 -9.01
CA LEU A 87 11.56 9.94 -10.02
C LEU A 87 11.81 8.99 -11.18
N TYR A 88 10.82 8.91 -12.09
CA TYR A 88 10.77 8.08 -13.28
C TYR A 88 10.73 6.59 -12.95
N VAL A 89 11.02 6.23 -11.70
CA VAL A 89 11.34 4.86 -11.31
C VAL A 89 10.78 4.55 -9.93
N ALA A 90 9.57 4.01 -9.91
CA ALA A 90 8.90 3.50 -8.71
C ALA A 90 8.36 2.08 -8.98
N PRO A 91 8.23 1.22 -7.96
CA PRO A 91 7.58 -0.09 -8.07
C PRO A 91 6.08 0.04 -8.35
N GLU A 92 5.51 -1.06 -8.80
CA GLU A 92 4.07 -1.28 -8.85
C GLU A 92 3.50 -1.22 -7.45
N ILE A 93 2.73 -0.16 -7.17
CA ILE A 93 1.83 -0.11 -6.03
C ILE A 93 0.86 -1.28 -6.12
N ARG A 94 0.63 -1.93 -4.99
CA ARG A 94 -0.42 -2.91 -4.73
C ARG A 94 -0.92 -2.66 -3.30
N PHE A 95 -2.16 -3.02 -3.00
CA PHE A 95 -2.74 -2.92 -1.67
C PHE A 95 -3.24 -4.29 -1.26
N TYR A 96 -2.63 -4.87 -0.23
CA TYR A 96 -3.02 -6.14 0.36
C TYR A 96 -3.62 -5.83 1.72
N GLU A 97 -4.74 -6.45 2.04
CA GLU A 97 -5.50 -6.16 3.25
C GLU A 97 -4.92 -7.10 4.32
N ASP A 98 -3.75 -6.71 4.83
CA ASP A 98 -3.01 -7.25 5.97
C ASP A 98 -2.97 -8.79 6.00
N LYS A 99 -2.29 -9.37 5.00
CA LYS A 99 -2.39 -10.80 4.65
C LYS A 99 -1.10 -11.40 4.12
N GLY A 100 -0.30 -10.63 3.39
CA GLY A 100 0.89 -11.11 2.71
C GLY A 100 0.53 -12.15 1.63
N ILE A 101 0.76 -13.42 1.92
CA ILE A 101 0.79 -14.51 0.96
C ILE A 101 0.13 -15.72 1.62
N GLU A 102 -0.80 -16.37 0.92
CA GLU A 102 -1.39 -17.64 1.35
C GLU A 102 -0.67 -18.85 0.75
N ALA A 103 0.07 -18.67 -0.35
CA ALA A 103 0.78 -19.75 -1.03
C ALA A 103 1.89 -20.31 -0.15
N SER A 104 1.91 -21.63 0.04
CA SER A 104 2.86 -22.34 0.88
C SER A 104 4.25 -22.24 0.25
N VAL A 105 5.07 -21.31 0.74
CA VAL A 105 6.35 -20.90 0.16
C VAL A 105 7.23 -22.09 -0.21
N LYS A 106 7.47 -22.99 0.75
CA LYS A 106 8.39 -24.11 0.70
C LYS A 106 9.78 -23.72 0.19
N GLY A 1 9.29 -8.69 6.58
CA GLY A 1 8.52 -9.90 6.87
C GLY A 1 9.50 -11.05 6.97
N MET A 2 9.38 -12.03 6.09
CA MET A 2 10.15 -13.28 6.07
C MET A 2 11.65 -13.00 5.81
N ASN A 3 12.43 -12.86 6.88
CA ASN A 3 13.89 -12.68 6.94
C ASN A 3 14.40 -11.67 5.91
N PRO A 4 14.11 -10.37 6.04
CA PRO A 4 14.40 -9.39 5.00
C PRO A 4 15.91 -9.07 4.94
N ALA A 5 16.46 -8.99 3.73
CA ALA A 5 17.85 -8.63 3.46
C ALA A 5 18.13 -7.12 3.63
N TYR A 6 17.48 -6.45 4.59
CA TYR A 6 17.62 -5.02 4.86
C TYR A 6 17.24 -4.14 3.64
N ARG A 7 17.48 -2.82 3.72
CA ARG A 7 17.12 -1.82 2.71
C ARG A 7 15.69 -2.01 2.19
N LYS A 8 14.74 -2.33 3.07
CA LYS A 8 13.32 -2.42 2.73
C LYS A 8 12.54 -1.31 3.41
N ALA A 9 12.85 -0.99 4.68
CA ALA A 9 12.16 0.04 5.45
C ALA A 9 12.18 1.42 4.77
N MET A 10 13.19 1.69 3.94
CA MET A 10 13.35 2.92 3.18
C MET A 10 12.25 3.10 2.13
N LEU A 11 11.42 2.08 1.85
CA LEU A 11 10.19 2.25 1.10
C LEU A 11 8.98 1.90 1.98
N GLU A 12 8.93 0.76 2.67
CA GLU A 12 7.82 0.37 3.59
C GLU A 12 7.44 1.57 4.48
N SER A 13 8.28 1.97 5.43
CA SER A 13 7.94 2.98 6.43
C SER A 13 7.76 4.38 5.81
N GLU A 14 8.25 4.58 4.59
CA GLU A 14 8.09 5.83 3.85
C GLU A 14 6.69 5.88 3.20
N ILE A 15 6.35 4.83 2.45
CA ILE A 15 5.07 4.60 1.78
C ILE A 15 3.95 4.69 2.81
N GLN A 16 4.16 4.10 4.00
CA GLN A 16 3.16 4.03 5.05
C GLN A 16 2.60 5.42 5.37
N LYS A 17 3.47 6.41 5.50
CA LYS A 17 3.15 7.82 5.71
C LYS A 17 2.64 8.45 4.42
N LEU A 18 3.41 8.36 3.33
CA LEU A 18 3.08 9.04 2.07
C LEU A 18 1.68 8.69 1.57
N LEU A 19 1.23 7.45 1.75
CA LEU A 19 -0.10 7.02 1.35
C LEU A 19 -1.18 7.65 2.21
N MET A 20 -0.92 7.94 3.48
CA MET A 20 -1.91 8.48 4.41
C MET A 20 -2.20 9.94 4.07
N GLU A 21 -1.16 10.77 3.89
CA GLU A 21 -1.27 12.11 3.32
C GLU A 21 -2.16 12.08 2.07
N ALA A 22 -1.78 11.23 1.11
CA ALA A 22 -2.48 11.12 -0.16
C ALA A 22 -3.91 10.59 0.00
N LEU A 23 -4.21 9.74 1.00
CA LEU A 23 -5.55 9.19 1.24
C LEU A 23 -6.49 10.33 1.60
N GLN A 24 -6.08 11.29 2.45
CA GLN A 24 -6.98 12.38 2.80
C GLN A 24 -7.42 13.13 1.53
N GLN A 25 -6.46 13.39 0.63
CA GLN A 25 -6.64 14.06 -0.65
C GLN A 25 -7.31 13.19 -1.72
N LEU A 26 -7.49 11.88 -1.50
CA LEU A 26 -7.76 10.92 -2.55
C LEU A 26 -9.10 11.22 -3.25
N ARG A 27 -9.06 11.28 -4.59
CA ARG A 27 -10.20 11.59 -5.45
C ARG A 27 -11.30 10.51 -5.48
N ASP A 28 -11.31 9.55 -4.56
CA ASP A 28 -12.22 8.39 -4.57
C ASP A 28 -13.30 8.58 -3.49
N PRO A 29 -14.40 9.30 -3.74
CA PRO A 29 -15.46 9.56 -2.77
C PRO A 29 -16.20 8.28 -2.35
N ARG A 30 -16.15 7.25 -3.20
CA ARG A 30 -16.76 5.95 -2.97
C ARG A 30 -16.20 5.36 -1.69
N LEU A 31 -14.88 5.40 -1.56
CA LEU A 31 -14.21 4.73 -0.47
C LEU A 31 -14.38 5.53 0.81
N LYS A 32 -14.97 4.92 1.83
CA LYS A 32 -15.11 5.41 3.20
C LYS A 32 -13.74 5.47 3.87
N LYS A 33 -12.97 6.56 3.66
CA LYS A 33 -11.58 6.64 4.10
C LYS A 33 -11.49 6.56 5.61
N ASP A 34 -12.50 7.06 6.30
CA ASP A 34 -12.55 7.15 7.77
C ASP A 34 -12.55 5.77 8.40
N PHE A 35 -12.89 4.74 7.62
CA PHE A 35 -12.87 3.35 8.06
C PHE A 35 -11.63 2.65 7.53
N VAL A 36 -10.54 3.34 7.20
CA VAL A 36 -9.36 2.64 6.74
C VAL A 36 -8.08 3.33 7.18
N THR A 37 -7.02 2.54 7.28
CA THR A 37 -5.68 3.02 7.57
C THR A 37 -4.66 1.98 7.13
N PHE A 38 -3.55 2.44 6.55
CA PHE A 38 -2.44 1.61 6.08
C PHE A 38 -1.52 1.44 7.27
N SER A 39 -1.51 0.25 7.84
CA SER A 39 -0.81 -0.01 9.08
C SER A 39 0.59 -0.49 8.74
N ARG A 40 0.69 -1.62 8.03
CA ARG A 40 1.95 -2.26 7.68
C ARG A 40 2.11 -2.21 6.17
N VAL A 41 3.34 -2.38 5.72
CA VAL A 41 3.77 -2.60 4.38
C VAL A 41 5.03 -3.46 4.42
N GLU A 42 5.14 -4.36 3.46
CA GLU A 42 6.34 -5.13 3.16
C GLU A 42 6.73 -4.77 1.73
N LEU A 43 7.97 -5.04 1.34
CA LEU A 43 8.33 -5.11 -0.06
C LEU A 43 8.50 -6.56 -0.49
N SER A 44 8.50 -6.75 -1.81
CA SER A 44 9.03 -7.88 -2.57
C SER A 44 10.45 -8.28 -2.11
N LYS A 45 11.00 -9.34 -2.72
CA LYS A 45 12.42 -9.71 -2.61
C LYS A 45 13.29 -8.56 -3.16
N ASP A 46 13.27 -8.39 -4.48
CA ASP A 46 14.17 -7.48 -5.20
C ASP A 46 13.58 -6.08 -5.36
N LYS A 47 12.52 -5.76 -4.59
CA LYS A 47 11.95 -4.42 -4.39
C LYS A 47 11.13 -3.95 -5.62
N ARG A 48 10.65 -4.88 -6.45
CA ARG A 48 9.76 -4.64 -7.59
C ARG A 48 8.28 -4.44 -7.24
N TYR A 49 7.84 -4.92 -6.08
CA TYR A 49 6.49 -4.70 -5.55
C TYR A 49 6.58 -4.19 -4.13
N ALA A 50 5.53 -3.47 -3.73
CA ALA A 50 5.32 -2.87 -2.43
C ALA A 50 3.97 -3.35 -1.92
N ASP A 51 3.97 -4.42 -1.14
CA ASP A 51 2.77 -5.06 -0.65
C ASP A 51 2.35 -4.31 0.62
N VAL A 52 1.44 -3.35 0.51
CA VAL A 52 0.87 -2.65 1.66
C VAL A 52 -0.17 -3.59 2.28
N TYR A 53 -0.32 -3.56 3.61
CA TYR A 53 -1.22 -4.35 4.42
C TYR A 53 -2.16 -3.38 5.13
N VAL A 54 -3.43 -3.49 4.80
CA VAL A 54 -4.47 -2.54 5.16
C VAL A 54 -5.54 -3.18 6.01
N SER A 55 -5.97 -2.46 7.03
CA SER A 55 -7.04 -2.82 7.92
C SER A 55 -8.15 -1.79 7.67
N PHE A 56 -9.29 -2.25 7.15
CA PHE A 56 -10.53 -1.49 7.04
C PHE A 56 -11.38 -1.75 8.28
N LEU A 57 -12.39 -0.90 8.51
CA LEU A 57 -13.22 -0.85 9.69
C LEU A 57 -14.61 -1.21 9.21
N GLY A 58 -14.75 -2.50 8.92
CA GLY A 58 -15.86 -3.14 8.26
C GLY A 58 -15.60 -4.64 8.17
N THR A 59 -16.47 -5.37 7.49
CA THR A 59 -16.32 -6.82 7.31
C THR A 59 -15.27 -7.11 6.23
N PRO A 60 -14.70 -8.33 6.19
CA PRO A 60 -13.67 -8.67 5.23
C PRO A 60 -14.16 -8.71 3.78
N GLU A 61 -15.46 -8.73 3.50
CA GLU A 61 -15.98 -8.74 2.12
C GLU A 61 -16.46 -7.38 1.67
N GLU A 62 -16.88 -6.51 2.60
CA GLU A 62 -17.12 -5.10 2.29
C GLU A 62 -15.87 -4.49 1.66
N ARG A 63 -14.71 -4.65 2.32
CA ARG A 63 -13.48 -4.09 1.79
C ARG A 63 -13.15 -4.62 0.40
N LYS A 64 -13.62 -5.81 -0.02
CA LYS A 64 -13.17 -6.40 -1.28
C LYS A 64 -13.54 -5.55 -2.49
N GLU A 65 -14.64 -4.82 -2.40
CA GLU A 65 -15.07 -3.83 -3.39
C GLU A 65 -14.19 -2.57 -3.35
N THR A 66 -13.64 -2.21 -2.18
CA THR A 66 -12.86 -0.98 -2.00
C THR A 66 -11.41 -1.15 -2.46
N VAL A 67 -10.87 -2.39 -2.48
CA VAL A 67 -9.54 -2.68 -3.00
C VAL A 67 -9.46 -2.38 -4.49
N GLU A 68 -10.53 -2.63 -5.27
CA GLU A 68 -10.64 -2.27 -6.66
C GLU A 68 -10.44 -0.77 -6.85
N ILE A 69 -11.24 0.04 -6.15
CA ILE A 69 -11.15 1.49 -6.17
C ILE A 69 -9.71 1.92 -5.87
N LEU A 70 -9.09 1.33 -4.84
CA LEU A 70 -7.72 1.65 -4.43
C LEU A 70 -6.71 1.29 -5.53
N ASN A 71 -6.87 0.13 -6.15
CA ASN A 71 -6.00 -0.37 -7.22
C ASN A 71 -6.09 0.48 -8.47
N ARG A 72 -7.23 1.10 -8.73
CA ARG A 72 -7.39 2.06 -9.81
C ARG A 72 -6.71 3.39 -9.41
N ALA A 73 -6.86 3.82 -8.15
CA ALA A 73 -6.23 5.02 -7.61
C ALA A 73 -4.72 4.93 -7.42
N LYS A 74 -4.10 3.77 -7.64
CA LYS A 74 -2.66 3.60 -7.65
C LYS A 74 -1.95 4.71 -8.43
N GLY A 75 -2.52 5.12 -9.57
CA GLY A 75 -1.93 6.12 -10.44
C GLY A 75 -1.91 7.52 -9.82
N PHE A 76 -2.91 7.87 -9.00
CA PHE A 76 -2.85 9.07 -8.18
C PHE A 76 -1.77 8.86 -7.11
N PHE A 77 -1.91 7.81 -6.29
CA PHE A 77 -1.00 7.51 -5.18
C PHE A 77 0.48 7.63 -5.55
N ARG A 78 0.97 6.86 -6.52
CA ARG A 78 2.41 6.69 -6.76
C ARG A 78 3.12 7.98 -7.13
N THR A 79 2.38 8.90 -7.73
CA THR A 79 2.88 10.20 -8.17
C THR A 79 3.31 11.06 -6.97
N PHE A 80 2.64 10.91 -5.82
CA PHE A 80 3.00 11.53 -4.55
C PHE A 80 4.23 10.84 -3.94
N ILE A 81 4.35 9.53 -4.14
CA ILE A 81 5.42 8.72 -3.57
C ILE A 81 6.73 9.10 -4.26
N ALA A 82 6.83 8.94 -5.58
CA ALA A 82 8.07 9.21 -6.32
C ALA A 82 8.45 10.71 -6.33
N LYS A 83 7.51 11.60 -6.00
CA LYS A 83 7.82 13.01 -5.71
C LYS A 83 8.79 13.06 -4.54
N ASN A 84 8.45 12.37 -3.45
CA ASN A 84 9.27 12.32 -2.25
C ASN A 84 10.47 11.42 -2.49
N LEU A 85 10.23 10.12 -2.61
CA LEU A 85 11.25 9.09 -2.70
C LEU A 85 12.02 9.28 -4.00
N ARG A 86 13.30 9.64 -3.88
CA ARG A 86 14.22 9.73 -5.01
C ARG A 86 14.36 8.36 -5.69
N LEU A 87 13.48 8.07 -6.65
CA LEU A 87 13.43 6.89 -7.49
C LEU A 87 12.66 7.26 -8.75
N TYR A 88 13.27 7.08 -9.93
CA TYR A 88 12.60 7.21 -11.22
C TYR A 88 11.33 6.34 -11.26
N VAL A 89 11.46 5.08 -10.88
CA VAL A 89 10.40 4.09 -10.90
C VAL A 89 10.32 3.47 -9.52
N ALA A 90 9.25 3.81 -8.81
CA ALA A 90 8.82 3.19 -7.57
C ALA A 90 8.16 1.84 -7.90
N PRO A 91 8.03 0.90 -6.95
CA PRO A 91 7.33 -0.36 -7.16
C PRO A 91 5.82 -0.17 -7.37
N GLU A 92 5.16 -1.25 -7.76
CA GLU A 92 3.71 -1.33 -7.76
C GLU A 92 3.24 -1.38 -6.30
N ILE A 93 2.51 -0.36 -5.86
CA ILE A 93 1.81 -0.35 -4.57
C ILE A 93 0.66 -1.35 -4.66
N ARG A 94 0.83 -2.53 -4.09
CA ARG A 94 -0.21 -3.53 -4.05
C ARG A 94 -1.01 -3.29 -2.78
N PHE A 95 -2.34 -3.36 -2.89
CA PHE A 95 -3.20 -3.17 -1.74
C PHE A 95 -3.78 -4.51 -1.32
N TYR A 96 -3.09 -5.19 -0.41
CA TYR A 96 -3.63 -6.35 0.27
C TYR A 96 -4.20 -5.91 1.60
N GLU A 97 -5.36 -6.43 1.95
CA GLU A 97 -6.07 -6.11 3.16
C GLU A 97 -5.47 -7.11 4.18
N ASP A 98 -4.36 -6.72 4.81
CA ASP A 98 -3.77 -7.32 6.02
C ASP A 98 -3.78 -8.85 6.01
N LYS A 99 -3.01 -9.46 5.09
CA LYS A 99 -3.09 -10.89 4.79
C LYS A 99 -3.15 -11.76 6.04
N GLY A 100 -2.07 -11.73 6.83
CA GLY A 100 -1.95 -12.52 8.04
C GLY A 100 -2.00 -14.02 7.77
N ILE A 101 -1.33 -14.48 6.72
CA ILE A 101 -1.28 -15.88 6.30
C ILE A 101 0.17 -16.36 6.20
N GLU A 102 1.14 -15.43 6.22
CA GLU A 102 2.57 -15.65 6.02
C GLU A 102 2.87 -16.48 4.76
N ALA A 103 2.02 -16.34 3.74
CA ALA A 103 2.08 -17.02 2.46
C ALA A 103 1.57 -16.08 1.37
N SER A 104 2.04 -16.28 0.13
CA SER A 104 1.49 -15.69 -1.09
C SER A 104 1.77 -16.69 -2.21
N VAL A 105 3.02 -16.75 -2.68
CA VAL A 105 3.52 -17.63 -3.70
C VAL A 105 5.03 -17.65 -3.50
N LYS A 106 5.59 -18.86 -3.35
CA LYS A 106 7.01 -19.17 -3.32
C LYS A 106 7.75 -18.22 -2.40
#